data_3BZZ
# 
_entry.id   3BZZ 
# 
_audit_conform.dict_name       mmcif_pdbx.dic 
_audit_conform.dict_version    5.387 
_audit_conform.dict_location   http://mmcif.pdb.org/dictionaries/ascii/mmcif_pdbx.dic 
# 
loop_
_database_2.database_id 
_database_2.database_code 
_database_2.pdbx_database_accession 
_database_2.pdbx_DOI 
PDB   3BZZ         pdb_00003bzz 10.2210/pdb3bzz/pdb 
RCSB  RCSB046168   ?            ?                   
WWPDB D_1000046168 ?            ?                   
# 
loop_
_pdbx_audit_revision_history.ordinal 
_pdbx_audit_revision_history.data_content_type 
_pdbx_audit_revision_history.major_revision 
_pdbx_audit_revision_history.minor_revision 
_pdbx_audit_revision_history.revision_date 
1 'Structure model' 1 0 2008-04-22 
2 'Structure model' 1 1 2011-07-13 
3 'Structure model' 1 2 2017-10-25 
4 'Structure model' 1 3 2021-10-20 
5 'Structure model' 1 4 2024-02-21 
# 
_pdbx_audit_revision_details.ordinal             1 
_pdbx_audit_revision_details.revision_ordinal    1 
_pdbx_audit_revision_details.data_content_type   'Structure model' 
_pdbx_audit_revision_details.provider            repository 
_pdbx_audit_revision_details.type                'Initial release' 
_pdbx_audit_revision_details.description         ? 
_pdbx_audit_revision_details.details             ? 
# 
loop_
_pdbx_audit_revision_group.ordinal 
_pdbx_audit_revision_group.revision_ordinal 
_pdbx_audit_revision_group.data_content_type 
_pdbx_audit_revision_group.group 
1 2 'Structure model' Advisory                    
2 2 'Structure model' 'Refinement description'    
3 2 'Structure model' 'Version format compliance' 
4 3 'Structure model' 'Refinement description'    
5 4 'Structure model' 'Database references'       
6 5 'Structure model' 'Data collection'           
# 
loop_
_pdbx_audit_revision_category.ordinal 
_pdbx_audit_revision_category.revision_ordinal 
_pdbx_audit_revision_category.data_content_type 
_pdbx_audit_revision_category.category 
1 3 'Structure model' software           
2 4 'Structure model' database_2         
3 4 'Structure model' struct_ref_seq_dif 
4 5 'Structure model' chem_comp_atom     
5 5 'Structure model' chem_comp_bond     
# 
loop_
_pdbx_audit_revision_item.ordinal 
_pdbx_audit_revision_item.revision_ordinal 
_pdbx_audit_revision_item.data_content_type 
_pdbx_audit_revision_item.item 
1 4 'Structure model' '_database_2.pdbx_DOI'                
2 4 'Structure model' '_database_2.pdbx_database_accession' 
3 4 'Structure model' '_struct_ref_seq_dif.details'         
# 
_pdbx_database_status.entry_id                        3BZZ 
_pdbx_database_status.deposit_site                    RCSB 
_pdbx_database_status.process_site                    RCSB 
_pdbx_database_status.recvd_initial_deposition_date   2008-01-18 
_pdbx_database_status.status_code                     REL 
_pdbx_database_status.status_code_sf                  REL 
_pdbx_database_status.status_code_mr                  ? 
_pdbx_database_status.SG_entry                        ? 
_pdbx_database_status.pdb_format_compatible           Y 
_pdbx_database_status.status_code_cs                  ? 
_pdbx_database_status.methods_development_category    ? 
_pdbx_database_status.status_code_nmr_data            ? 
# 
loop_
_pdbx_database_related.db_name 
_pdbx_database_related.db_id 
_pdbx_database_related.details 
_pdbx_database_related.content_type 
PDB 3BZO 'Crystal structural of native EscU C-terminal domain with space group I 2 2 2' unspecified 
PDB 3BZP 'Crystal structural of the mutated N262A EscU/SpaS C-terminal domain'          unspecified 
PDB 3BZR 'Crystal structural of the mutated N262D EscU/SpaS C-terminal domain'          unspecified 
PDB 3BZS 'Crystal structural of the mutated N262D EscU/SpaS C-terminal domain'          unspecified 
PDB 3BZT 'Crystal structural of the mutated P263A EscU/SpaS C-terminal domain'          unspecified 
PDB 3BZV 'Crystal structural of the mutated T264A EscU/SpaS C-terminal domain'          unspecified 
PDB 3BZX 'Crystal structural of the mutated H265A EscU/SpaS C-terminal domain'          unspecified 
PDB 3BZY 'Crystal structural of the mutated Y316D EscU/SpaS C-terminal domain'          unspecified 
PDB 3BZL 'Crystal structural of native EscU C-terminal domain'                          unspecified 
PDB 3C00 'Crystal structural of the mutated G247T EscU/SpaS C-terminal domain'          unspecified 
PDB 3C01 'Crystal structural of native SpaS C-terminal domain'                          unspecified 
PDB 3C03 'Crystal structural of the mutated P263A EscU/SpaS C-terminal domain'          unspecified 
# 
loop_
_audit_author.name 
_audit_author.pdbx_ordinal 
'Zarivach, R.'      1 
'Deng, W.'          2 
'Vuckovic, M.'      3 
'Felise, H.B.'      4 
'Nguyen, H.V.'      5 
'Miller, S.I.'      6 
'Finlay, B.B.'      7 
'Strynadka, N.C.J.' 8 
# 
_citation.id                        primary 
_citation.title                     'Structural analysis of the essential self-cleaving type III secretion proteins EscU and SpaS.' 
_citation.journal_abbrev            Nature 
_citation.journal_volume            453 
_citation.page_first                124 
_citation.page_last                 127 
_citation.year                      2008 
_citation.journal_id_ASTM           NATUAS 
_citation.country                   UK 
_citation.journal_id_ISSN           0028-0836 
_citation.journal_id_CSD            0006 
_citation.book_publisher            ? 
_citation.pdbx_database_id_PubMed   18451864 
_citation.pdbx_database_id_DOI      10.1038/nature06832 
# 
loop_
_citation_author.citation_id 
_citation_author.name 
_citation_author.ordinal 
_citation_author.identifier_ORCID 
primary 'Zarivach, R.'    1 ? 
primary 'Deng, W.'        2 ? 
primary 'Vuckovic, M.'    3 ? 
primary 'Felise, H.B.'    4 ? 
primary 'Nguyen, H.V.'    5 ? 
primary 'Miller, S.I.'    6 ? 
primary 'Finlay, B.B.'    7 ? 
primary 'Strynadka, N.C.' 8 ? 
# 
loop_
_entity.id 
_entity.type 
_entity.src_method 
_entity.pdbx_description 
_entity.formula_weight 
_entity.pdbx_number_of_molecules 
_entity.pdbx_ec 
_entity.pdbx_mutation 
_entity.pdbx_fragment 
_entity.details 
1 polymer man EscU  5991.751 1   ? ?     'UNP residues 215-262' ? 
2 polymer man EscU  9423.975 1   ? R313T 'UNP residues 263-345' ? 
3 water   nat water 18.015   108 ? ?     ?                      ? 
# 
loop_
_entity_poly.entity_id 
_entity_poly.type 
_entity_poly.nstd_linkage 
_entity_poly.nstd_monomer 
_entity_poly.pdbx_seq_one_letter_code 
_entity_poly.pdbx_seq_one_letter_code_can 
_entity_poly.pdbx_strand_id 
_entity_poly.pdbx_target_identifier 
1 'polypeptide(L)' no no GSHMASMSKDEVKREAKDTDGNPEIKGERRRLHSEIQSGSLANNIKKSTVIVKN                                 
GSHMASMSKDEVKREAKDTDGNPEIKGERRRLHSEIQSGSLANNIKKSTVIVKN                                 A ? 
2 'polypeptide(L)' no no 
;PTHIAICLYYKLGETPLPLVIETGKDAKALQIIKLAELYDIPVIEDIPLATSLYKNIHKGQYITEDFFEPVAQLIRIAID
LDY
;
;PTHIAICLYYKLGETPLPLVIETGKDAKALQIIKLAELYDIPVIEDIPLATSLYKNIHKGQYITEDFFEPVAQLIRIAID
LDY
;
B ? 
# 
_pdbx_entity_nonpoly.entity_id   3 
_pdbx_entity_nonpoly.name        water 
_pdbx_entity_nonpoly.comp_id     HOH 
# 
loop_
_entity_poly_seq.entity_id 
_entity_poly_seq.num 
_entity_poly_seq.mon_id 
_entity_poly_seq.hetero 
1 1  GLY n 
1 2  SER n 
1 3  HIS n 
1 4  MET n 
1 5  ALA n 
1 6  SER n 
1 7  MET n 
1 8  SER n 
1 9  LYS n 
1 10 ASP n 
1 11 GLU n 
1 12 VAL n 
1 13 LYS n 
1 14 ARG n 
1 15 GLU n 
1 16 ALA n 
1 17 LYS n 
1 18 ASP n 
1 19 THR n 
1 20 ASP n 
1 21 GLY n 
1 22 ASN n 
1 23 PRO n 
1 24 GLU n 
1 25 ILE n 
1 26 LYS n 
1 27 GLY n 
1 28 GLU n 
1 29 ARG n 
1 30 ARG n 
1 31 ARG n 
1 32 LEU n 
1 33 HIS n 
1 34 SER n 
1 35 GLU n 
1 36 ILE n 
1 37 GLN n 
1 38 SER n 
1 39 GLY n 
1 40 SER n 
1 41 LEU n 
1 42 ALA n 
1 43 ASN n 
1 44 ASN n 
1 45 ILE n 
1 46 LYS n 
1 47 LYS n 
1 48 SER n 
1 49 THR n 
1 50 VAL n 
1 51 ILE n 
1 52 VAL n 
1 53 LYS n 
1 54 ASN n 
2 1  PRO n 
2 2  THR n 
2 3  HIS n 
2 4  ILE n 
2 5  ALA n 
2 6  ILE n 
2 7  CYS n 
2 8  LEU n 
2 9  TYR n 
2 10 TYR n 
2 11 LYS n 
2 12 LEU n 
2 13 GLY n 
2 14 GLU n 
2 15 THR n 
2 16 PRO n 
2 17 LEU n 
2 18 PRO n 
2 19 LEU n 
2 20 VAL n 
2 21 ILE n 
2 22 GLU n 
2 23 THR n 
2 24 GLY n 
2 25 LYS n 
2 26 ASP n 
2 27 ALA n 
2 28 LYS n 
2 29 ALA n 
2 30 LEU n 
2 31 GLN n 
2 32 ILE n 
2 33 ILE n 
2 34 LYS n 
2 35 LEU n 
2 36 ALA n 
2 37 GLU n 
2 38 LEU n 
2 39 TYR n 
2 40 ASP n 
2 41 ILE n 
2 42 PRO n 
2 43 VAL n 
2 44 ILE n 
2 45 GLU n 
2 46 ASP n 
2 47 ILE n 
2 48 PRO n 
2 49 LEU n 
2 50 ALA n 
2 51 THR n 
2 52 SER n 
2 53 LEU n 
2 54 TYR n 
2 55 LYS n 
2 56 ASN n 
2 57 ILE n 
2 58 HIS n 
2 59 LYS n 
2 60 GLY n 
2 61 GLN n 
2 62 TYR n 
2 63 ILE n 
2 64 THR n 
2 65 GLU n 
2 66 ASP n 
2 67 PHE n 
2 68 PHE n 
2 69 GLU n 
2 70 PRO n 
2 71 VAL n 
2 72 ALA n 
2 73 GLN n 
2 74 LEU n 
2 75 ILE n 
2 76 ARG n 
2 77 ILE n 
2 78 ALA n 
2 79 ILE n 
2 80 ASP n 
2 81 LEU n 
2 82 ASP n 
2 83 TYR n 
# 
loop_
_entity_src_gen.entity_id 
_entity_src_gen.pdbx_src_id 
_entity_src_gen.pdbx_alt_source_flag 
_entity_src_gen.pdbx_seq_type 
_entity_src_gen.pdbx_beg_seq_num 
_entity_src_gen.pdbx_end_seq_num 
_entity_src_gen.gene_src_common_name 
_entity_src_gen.gene_src_genus 
_entity_src_gen.pdbx_gene_src_gene 
_entity_src_gen.gene_src_species 
_entity_src_gen.gene_src_strain 
_entity_src_gen.gene_src_tissue 
_entity_src_gen.gene_src_tissue_fraction 
_entity_src_gen.gene_src_details 
_entity_src_gen.pdbx_gene_src_fragment 
_entity_src_gen.pdbx_gene_src_scientific_name 
_entity_src_gen.pdbx_gene_src_ncbi_taxonomy_id 
_entity_src_gen.pdbx_gene_src_variant 
_entity_src_gen.pdbx_gene_src_cell_line 
_entity_src_gen.pdbx_gene_src_atcc 
_entity_src_gen.pdbx_gene_src_organ 
_entity_src_gen.pdbx_gene_src_organelle 
_entity_src_gen.pdbx_gene_src_cell 
_entity_src_gen.pdbx_gene_src_cellular_location 
_entity_src_gen.host_org_common_name 
_entity_src_gen.pdbx_host_org_scientific_name 
_entity_src_gen.pdbx_host_org_ncbi_taxonomy_id 
_entity_src_gen.host_org_genus 
_entity_src_gen.pdbx_host_org_gene 
_entity_src_gen.pdbx_host_org_organ 
_entity_src_gen.host_org_species 
_entity_src_gen.pdbx_host_org_tissue 
_entity_src_gen.pdbx_host_org_tissue_fraction 
_entity_src_gen.pdbx_host_org_strain 
_entity_src_gen.pdbx_host_org_variant 
_entity_src_gen.pdbx_host_org_cell_line 
_entity_src_gen.pdbx_host_org_atcc 
_entity_src_gen.pdbx_host_org_culture_collection 
_entity_src_gen.pdbx_host_org_cell 
_entity_src_gen.pdbx_host_org_organelle 
_entity_src_gen.pdbx_host_org_cellular_location 
_entity_src_gen.pdbx_host_org_vector_type 
_entity_src_gen.pdbx_host_org_vector 
_entity_src_gen.host_org_details 
_entity_src_gen.expression_system_id 
_entity_src_gen.plasmid_name 
_entity_src_gen.plasmid_details 
_entity_src_gen.pdbx_description 
1 1 sample ? ? ? ? Escherichia escU ? 'EPEC E2348/69' ? ? ? ? 'Escherichia coli' 562 ? ? ? ? ? ? ? ? 'Escherichia coli BL21(DE3)' 
469008 Escherichia ? ? 'Escherichia coli' ? ? 'BL21(DE3)' ? ? ? ? ? ? ? plasmid ? ? ? pET28a ? ? 
2 1 sample ? ? ? ? Escherichia escU ? 'EPEC E2348/69' ? ? ? ? 'Escherichia coli' 562 ? ? ? ? ? ? ? ? 'Escherichia coli BL21(DE3)' 
469008 Escherichia ? ? 'Escherichia coli' ? ? 'BL21(DE3)' ? ? ? ? ? ? ? plasmid ? ? ? pET28a ? ? 
# 
loop_
_chem_comp.id 
_chem_comp.type 
_chem_comp.mon_nstd_flag 
_chem_comp.name 
_chem_comp.pdbx_synonyms 
_chem_comp.formula 
_chem_comp.formula_weight 
ALA 'L-peptide linking' y ALANINE         ? 'C3 H7 N O2'     89.093  
ARG 'L-peptide linking' y ARGININE        ? 'C6 H15 N4 O2 1' 175.209 
ASN 'L-peptide linking' y ASPARAGINE      ? 'C4 H8 N2 O3'    132.118 
ASP 'L-peptide linking' y 'ASPARTIC ACID' ? 'C4 H7 N O4'     133.103 
CYS 'L-peptide linking' y CYSTEINE        ? 'C3 H7 N O2 S'   121.158 
GLN 'L-peptide linking' y GLUTAMINE       ? 'C5 H10 N2 O3'   146.144 
GLU 'L-peptide linking' y 'GLUTAMIC ACID' ? 'C5 H9 N O4'     147.129 
GLY 'peptide linking'   y GLYCINE         ? 'C2 H5 N O2'     75.067  
HIS 'L-peptide linking' y HISTIDINE       ? 'C6 H10 N3 O2 1' 156.162 
HOH non-polymer         . WATER           ? 'H2 O'           18.015  
ILE 'L-peptide linking' y ISOLEUCINE      ? 'C6 H13 N O2'    131.173 
LEU 'L-peptide linking' y LEUCINE         ? 'C6 H13 N O2'    131.173 
LYS 'L-peptide linking' y LYSINE          ? 'C6 H15 N2 O2 1' 147.195 
MET 'L-peptide linking' y METHIONINE      ? 'C5 H11 N O2 S'  149.211 
PHE 'L-peptide linking' y PHENYLALANINE   ? 'C9 H11 N O2'    165.189 
PRO 'L-peptide linking' y PROLINE         ? 'C5 H9 N O2'     115.130 
SER 'L-peptide linking' y SERINE          ? 'C3 H7 N O3'     105.093 
THR 'L-peptide linking' y THREONINE       ? 'C4 H9 N O3'     119.119 
TYR 'L-peptide linking' y TYROSINE        ? 'C9 H11 N O3'    181.189 
VAL 'L-peptide linking' y VALINE          ? 'C5 H11 N O2'    117.146 
# 
loop_
_pdbx_poly_seq_scheme.asym_id 
_pdbx_poly_seq_scheme.entity_id 
_pdbx_poly_seq_scheme.seq_id 
_pdbx_poly_seq_scheme.mon_id 
_pdbx_poly_seq_scheme.ndb_seq_num 
_pdbx_poly_seq_scheme.pdb_seq_num 
_pdbx_poly_seq_scheme.auth_seq_num 
_pdbx_poly_seq_scheme.pdb_mon_id 
_pdbx_poly_seq_scheme.auth_mon_id 
_pdbx_poly_seq_scheme.pdb_strand_id 
_pdbx_poly_seq_scheme.pdb_ins_code 
_pdbx_poly_seq_scheme.hetero 
A 1 1  GLY 1  209 ?   ?   ?   A . n 
A 1 2  SER 2  210 ?   ?   ?   A . n 
A 1 3  HIS 3  211 ?   ?   ?   A . n 
A 1 4  MET 4  212 ?   ?   ?   A . n 
A 1 5  ALA 5  213 ?   ?   ?   A . n 
A 1 6  SER 6  214 ?   ?   ?   A . n 
A 1 7  MET 7  215 ?   ?   ?   A . n 
A 1 8  SER 8  216 ?   ?   ?   A . n 
A 1 9  LYS 9  217 ?   ?   ?   A . n 
A 1 10 ASP 10 218 ?   ?   ?   A . n 
A 1 11 GLU 11 219 ?   ?   ?   A . n 
A 1 12 VAL 12 220 ?   ?   ?   A . n 
A 1 13 LYS 13 221 ?   ?   ?   A . n 
A 1 14 ARG 14 222 ?   ?   ?   A . n 
A 1 15 GLU 15 223 ?   ?   ?   A . n 
A 1 16 ALA 16 224 ?   ?   ?   A . n 
A 1 17 LYS 17 225 ?   ?   ?   A . n 
A 1 18 ASP 18 226 ?   ?   ?   A . n 
A 1 19 THR 19 227 ?   ?   ?   A . n 
A 1 20 ASP 20 228 ?   ?   ?   A . n 
A 1 21 GLY 21 229 ?   ?   ?   A . n 
A 1 22 ASN 22 230 ?   ?   ?   A . n 
A 1 23 PRO 23 231 ?   ?   ?   A . n 
A 1 24 GLU 24 232 ?   ?   ?   A . n 
A 1 25 ILE 25 233 ?   ?   ?   A . n 
A 1 26 LYS 26 234 ?   ?   ?   A . n 
A 1 27 GLY 27 235 ?   ?   ?   A . n 
A 1 28 GLU 28 236 ?   ?   ?   A . n 
A 1 29 ARG 29 237 ?   ?   ?   A . n 
A 1 30 ARG 30 238 ?   ?   ?   A . n 
A 1 31 ARG 31 239 ?   ?   ?   A . n 
A 1 32 LEU 32 240 ?   ?   ?   A . n 
A 1 33 HIS 33 241 ?   ?   ?   A . n 
A 1 34 SER 34 242 ?   ?   ?   A . n 
A 1 35 GLU 35 243 ?   ?   ?   A . n 
A 1 36 ILE 36 244 244 ILE ILE A . n 
A 1 37 GLN 37 245 245 GLN GLN A . n 
A 1 38 SER 38 246 246 SER SER A . n 
A 1 39 GLY 39 247 247 GLY GLY A . n 
A 1 40 SER 40 248 248 SER SER A . n 
A 1 41 LEU 41 249 249 LEU LEU A . n 
A 1 42 ALA 42 250 250 ALA ALA A . n 
A 1 43 ASN 43 251 251 ASN ASN A . n 
A 1 44 ASN 44 252 252 ASN ASN A . n 
A 1 45 ILE 45 253 253 ILE ILE A . n 
A 1 46 LYS 46 254 254 LYS LYS A . n 
A 1 47 LYS 47 255 255 LYS LYS A . n 
A 1 48 SER 48 256 256 SER SER A . n 
A 1 49 THR 49 257 257 THR THR A . n 
A 1 50 VAL 50 258 258 VAL VAL A . n 
A 1 51 ILE 51 259 259 ILE ILE A . n 
A 1 52 VAL 52 260 260 VAL VAL A . n 
A 1 53 LYS 53 261 261 LYS LYS A . n 
A 1 54 ASN 54 262 262 ASN ASN A . n 
B 2 1  PRO 1  263 263 PRO PRO B . n 
B 2 2  THR 2  264 264 THR THR B . n 
B 2 3  HIS 3  265 265 HIS HIS B . n 
B 2 4  ILE 4  266 266 ILE ILE B . n 
B 2 5  ALA 5  267 267 ALA ALA B . n 
B 2 6  ILE 6  268 268 ILE ILE B . n 
B 2 7  CYS 7  269 269 CYS CYS B . n 
B 2 8  LEU 8  270 270 LEU LEU B . n 
B 2 9  TYR 9  271 271 TYR TYR B . n 
B 2 10 TYR 10 272 272 TYR TYR B . n 
B 2 11 LYS 11 273 273 LYS LYS B . n 
B 2 12 LEU 12 274 274 LEU LEU B . n 
B 2 13 GLY 13 275 275 GLY GLY B . n 
B 2 14 GLU 14 276 276 GLU GLU B . n 
B 2 15 THR 15 277 277 THR THR B . n 
B 2 16 PRO 16 278 278 PRO PRO B . n 
B 2 17 LEU 17 279 279 LEU LEU B . n 
B 2 18 PRO 18 280 280 PRO PRO B . n 
B 2 19 LEU 19 281 281 LEU LEU B . n 
B 2 20 VAL 20 282 282 VAL VAL B . n 
B 2 21 ILE 21 283 283 ILE ILE B . n 
B 2 22 GLU 22 284 284 GLU GLU B . n 
B 2 23 THR 23 285 285 THR THR B . n 
B 2 24 GLY 24 286 286 GLY GLY B . n 
B 2 25 LYS 25 287 287 LYS LYS B . n 
B 2 26 ASP 26 288 288 ASP ASP B . n 
B 2 27 ALA 27 289 289 ALA ALA B . n 
B 2 28 LYS 28 290 290 LYS LYS B . n 
B 2 29 ALA 29 291 291 ALA ALA B . n 
B 2 30 LEU 30 292 292 LEU LEU B . n 
B 2 31 GLN 31 293 293 GLN GLN B . n 
B 2 32 ILE 32 294 294 ILE ILE B . n 
B 2 33 ILE 33 295 295 ILE ILE B . n 
B 2 34 LYS 34 296 296 LYS LYS B . n 
B 2 35 LEU 35 297 297 LEU LEU B . n 
B 2 36 ALA 36 298 298 ALA ALA B . n 
B 2 37 GLU 37 299 299 GLU GLU B . n 
B 2 38 LEU 38 300 300 LEU LEU B . n 
B 2 39 TYR 39 301 301 TYR TYR B . n 
B 2 40 ASP 40 302 302 ASP ASP B . n 
B 2 41 ILE 41 303 303 ILE ILE B . n 
B 2 42 PRO 42 304 304 PRO PRO B . n 
B 2 43 VAL 43 305 305 VAL VAL B . n 
B 2 44 ILE 44 306 306 ILE ILE B . n 
B 2 45 GLU 45 307 307 GLU GLU B . n 
B 2 46 ASP 46 308 308 ASP ASP B . n 
B 2 47 ILE 47 309 309 ILE ILE B . n 
B 2 48 PRO 48 310 310 PRO PRO B . n 
B 2 49 LEU 49 311 311 LEU LEU B . n 
B 2 50 ALA 50 312 312 ALA ALA B . n 
B 2 51 THR 51 313 313 THR THR B . n 
B 2 52 SER 52 314 314 SER SER B . n 
B 2 53 LEU 53 315 315 LEU LEU B . n 
B 2 54 TYR 54 316 316 TYR TYR B . n 
B 2 55 LYS 55 317 317 LYS LYS B . n 
B 2 56 ASN 56 318 318 ASN ASN B . n 
B 2 57 ILE 57 319 319 ILE ILE B . n 
B 2 58 HIS 58 320 320 HIS HIS B . n 
B 2 59 LYS 59 321 321 LYS LYS B . n 
B 2 60 GLY 60 322 322 GLY GLY B . n 
B 2 61 GLN 61 323 323 GLN GLN B . n 
B 2 62 TYR 62 324 324 TYR TYR B . n 
B 2 63 ILE 63 325 325 ILE ILE B . n 
B 2 64 THR 64 326 326 THR THR B . n 
B 2 65 GLU 65 327 327 GLU GLU B . n 
B 2 66 ASP 66 328 328 ASP ASP B . n 
B 2 67 PHE 67 329 329 PHE PHE B . n 
B 2 68 PHE 68 330 330 PHE PHE B . n 
B 2 69 GLU 69 331 331 GLU GLU B . n 
B 2 70 PRO 70 332 332 PRO PRO B . n 
B 2 71 VAL 71 333 333 VAL VAL B . n 
B 2 72 ALA 72 334 334 ALA ALA B . n 
B 2 73 GLN 73 335 335 GLN GLN B . n 
B 2 74 LEU 74 336 336 LEU LEU B . n 
B 2 75 ILE 75 337 337 ILE ILE B . n 
B 2 76 ARG 76 338 338 ARG ARG B . n 
B 2 77 ILE 77 339 339 ILE ILE B . n 
B 2 78 ALA 78 340 340 ALA ALA B . n 
B 2 79 ILE 79 341 341 ILE ILE B . n 
B 2 80 ASP 80 342 342 ASP ASP B . n 
B 2 81 LEU 81 343 343 LEU LEU B . n 
B 2 82 ASP 82 344 ?   ?   ?   B . n 
B 2 83 TYR 83 345 ?   ?   ?   B . n 
# 
loop_
_pdbx_nonpoly_scheme.asym_id 
_pdbx_nonpoly_scheme.entity_id 
_pdbx_nonpoly_scheme.mon_id 
_pdbx_nonpoly_scheme.ndb_seq_num 
_pdbx_nonpoly_scheme.pdb_seq_num 
_pdbx_nonpoly_scheme.auth_seq_num 
_pdbx_nonpoly_scheme.pdb_mon_id 
_pdbx_nonpoly_scheme.auth_mon_id 
_pdbx_nonpoly_scheme.pdb_strand_id 
_pdbx_nonpoly_scheme.pdb_ins_code 
C 3 HOH 1  3   3   HOH HOH A . 
C 3 HOH 2  4   4   HOH HOH A . 
C 3 HOH 3  6   6   HOH HOH A . 
C 3 HOH 4  7   7   HOH HOH A . 
C 3 HOH 5  8   8   HOH HOH A . 
C 3 HOH 6  14  14  HOH HOH A . 
C 3 HOH 7  25  25  HOH HOH A . 
C 3 HOH 8  32  32  HOH HOH A . 
C 3 HOH 9  54  54  HOH HOH A . 
C 3 HOH 10 55  55  HOH HOH A . 
C 3 HOH 11 56  56  HOH HOH A . 
C 3 HOH 12 57  57  HOH HOH A . 
C 3 HOH 13 58  58  HOH HOH A . 
C 3 HOH 14 59  59  HOH HOH A . 
C 3 HOH 15 60  60  HOH HOH A . 
C 3 HOH 16 61  61  HOH HOH A . 
C 3 HOH 17 62  62  HOH HOH A . 
C 3 HOH 18 74  74  HOH HOH A . 
C 3 HOH 19 85  85  HOH HOH A . 
C 3 HOH 20 89  89  HOH HOH A . 
C 3 HOH 21 92  92  HOH HOH A . 
C 3 HOH 22 100 100 HOH HOH A . 
D 3 HOH 1  5   5   HOH HOH B . 
D 3 HOH 2  9   9   HOH HOH B . 
D 3 HOH 3  10  10  HOH HOH B . 
D 3 HOH 4  11  11  HOH HOH B . 
D 3 HOH 5  12  12  HOH HOH B . 
D 3 HOH 6  13  13  HOH HOH B . 
D 3 HOH 7  15  15  HOH HOH B . 
D 3 HOH 8  16  16  HOH HOH B . 
D 3 HOH 9  17  17  HOH HOH B . 
D 3 HOH 10 18  18  HOH HOH B . 
D 3 HOH 11 20  20  HOH HOH B . 
D 3 HOH 12 21  21  HOH HOH B . 
D 3 HOH 13 22  22  HOH HOH B . 
D 3 HOH 14 23  23  HOH HOH B . 
D 3 HOH 15 24  24  HOH HOH B . 
D 3 HOH 16 26  26  HOH HOH B . 
D 3 HOH 17 27  27  HOH HOH B . 
D 3 HOH 18 28  28  HOH HOH B . 
D 3 HOH 19 29  29  HOH HOH B . 
D 3 HOH 20 30  30  HOH HOH B . 
D 3 HOH 21 31  31  HOH HOH B . 
D 3 HOH 22 33  33  HOH HOH B . 
D 3 HOH 23 34  34  HOH HOH B . 
D 3 HOH 24 35  35  HOH HOH B . 
D 3 HOH 25 36  36  HOH HOH B . 
D 3 HOH 26 37  37  HOH HOH B . 
D 3 HOH 27 38  38  HOH HOH B . 
D 3 HOH 28 39  39  HOH HOH B . 
D 3 HOH 29 40  40  HOH HOH B . 
D 3 HOH 30 41  41  HOH HOH B . 
D 3 HOH 31 42  42  HOH HOH B . 
D 3 HOH 32 43  43  HOH HOH B . 
D 3 HOH 33 44  44  HOH HOH B . 
D 3 HOH 34 45  45  HOH HOH B . 
D 3 HOH 35 46  46  HOH HOH B . 
D 3 HOH 36 47  47  HOH HOH B . 
D 3 HOH 37 48  48  HOH HOH B . 
D 3 HOH 38 49  49  HOH HOH B . 
D 3 HOH 39 50  50  HOH HOH B . 
D 3 HOH 40 51  51  HOH HOH B . 
D 3 HOH 41 52  52  HOH HOH B . 
D 3 HOH 42 53  53  HOH HOH B . 
D 3 HOH 43 63  63  HOH HOH B . 
D 3 HOH 44 64  64  HOH HOH B . 
D 3 HOH 45 65  65  HOH HOH B . 
D 3 HOH 46 66  66  HOH HOH B . 
D 3 HOH 47 67  67  HOH HOH B . 
D 3 HOH 48 68  68  HOH HOH B . 
D 3 HOH 49 69  69  HOH HOH B . 
D 3 HOH 50 70  70  HOH HOH B . 
D 3 HOH 51 71  71  HOH HOH B . 
D 3 HOH 52 72  72  HOH HOH B . 
D 3 HOH 53 73  73  HOH HOH B . 
D 3 HOH 54 75  75  HOH HOH B . 
D 3 HOH 55 76  76  HOH HOH B . 
D 3 HOH 56 77  77  HOH HOH B . 
D 3 HOH 57 78  78  HOH HOH B . 
D 3 HOH 58 79  79  HOH HOH B . 
D 3 HOH 59 80  80  HOH HOH B . 
D 3 HOH 60 81  81  HOH HOH B . 
D 3 HOH 61 82  82  HOH HOH B . 
D 3 HOH 62 83  83  HOH HOH B . 
D 3 HOH 63 84  84  HOH HOH B . 
D 3 HOH 64 86  86  HOH HOH B . 
D 3 HOH 65 87  87  HOH HOH B . 
D 3 HOH 66 88  88  HOH HOH B . 
D 3 HOH 67 90  90  HOH HOH B . 
D 3 HOH 68 91  91  HOH HOH B . 
D 3 HOH 69 93  93  HOH HOH B . 
D 3 HOH 70 94  94  HOH HOH B . 
D 3 HOH 71 95  95  HOH HOH B . 
D 3 HOH 72 96  96  HOH HOH B . 
D 3 HOH 73 97  97  HOH HOH B . 
D 3 HOH 74 98  98  HOH HOH B . 
D 3 HOH 75 99  99  HOH HOH B . 
D 3 HOH 76 101 101 HOH HOH B . 
D 3 HOH 77 102 102 HOH HOH B . 
D 3 HOH 78 103 103 HOH HOH B . 
D 3 HOH 79 104 104 HOH HOH B . 
D 3 HOH 80 105 105 HOH HOH B . 
D 3 HOH 81 106 106 HOH HOH B . 
D 3 HOH 82 107 107 HOH HOH B . 
D 3 HOH 83 108 108 HOH HOH B . 
D 3 HOH 84 109 109 HOH HOH B . 
D 3 HOH 85 110 110 HOH HOH B . 
D 3 HOH 86 111 111 HOH HOH B . 
# 
loop_
_software.name 
_software.version 
_software.date 
_software.type 
_software.contact_author 
_software.contact_author_email 
_software.classification 
_software.location 
_software.language 
_software.citation_id 
_software.pdbx_ordinal 
DENZO       .     ?                    package 'Zbyszek Otwinowski' zbyszek@mix.swmed.edu    'data reduction'  
http://www.lnls.br/infra/linhasluz/denzo-hkl.htm ?          ? 1 
SCALEPACK   .     ?                    package 'Zbyszek Otwinowski' zbyszek@mix.swmed.edu    'data scaling'    
http://www.lnls.br/infra/linhasluz/denzo-hkl.htm ?          ? 2 
REFMAC      .     ?                    program 'Murshudov, G.N.'    ccp4@dl.ac.uk            refinement        
http://www.ccp4.ac.uk/main.html                  Fortran_77 ? 3 
PDB_EXTRACT 3.004 'September 10, 2007' package PDB                  sw-help@rcsb.rutgers.edu 'data extraction' 
http://pdb.rutgers.edu/software/                 C++        ? 4 
HKL-2000    .     ?                    ?       ?                    ?                        'data collection' ? ?          ? 5 
HKL-2000    .     ?                    ?       ?                    ?                        'data reduction'  ? ?          ? 6 
HKL-2000    .     ?                    ?       ?                    ?                        'data scaling'    ? ?          ? 7 
PHASER      .     ?                    ?       ?                    ?                        phasing           ? ?          ? 8 
# 
_cell.length_a           31.297 
_cell.length_b           48.606 
_cell.length_c           62.464 
_cell.angle_alpha        90.000 
_cell.angle_beta         90.000 
_cell.angle_gamma        90.000 
_cell.entry_id           3BZZ 
_cell.pdbx_unique_axis   ? 
_cell.Z_PDB              4 
_cell.length_a_esd       ? 
_cell.length_b_esd       ? 
_cell.length_c_esd       ? 
_cell.angle_alpha_esd    ? 
_cell.angle_beta_esd     ? 
_cell.angle_gamma_esd    ? 
# 
_symmetry.space_group_name_H-M             'P 21 21 21' 
_symmetry.entry_id                         3BZZ 
_symmetry.Int_Tables_number                19 
_symmetry.pdbx_full_space_group_name_H-M   ? 
_symmetry.cell_setting                     ? 
_symmetry.space_group_name_Hall            ? 
# 
_exptl.crystals_number   1 
_exptl.entry_id          3BZZ 
_exptl.method            'X-RAY DIFFRACTION' 
# 
_exptl_crystal.id                    1 
_exptl_crystal.density_Matthews      1.540970 
_exptl_crystal.density_meas          ? 
_exptl_crystal.density_percent_sol   20.180 
_exptl_crystal.description           ? 
_exptl_crystal.F_000                 ? 
_exptl_crystal.preparation           ? 
# 
_exptl_crystal_grow.crystal_id      1 
_exptl_crystal_grow.method          MICROBATCH 
_exptl_crystal_grow.pH              6.5 
_exptl_crystal_grow.temp            293 
_exptl_crystal_grow.pdbx_details    '(NH4)2SO4, Bis-Tris, Pentaerythriol Ethoxylate, NaCl, pH 6.5, Microbatch, temperature 293K' 
_exptl_crystal_grow.temp_details    ? 
_exptl_crystal_grow.pdbx_pH_range   . 
# 
_diffrn.id                     1 
_diffrn.ambient_temp           100 
_diffrn.ambient_temp_details   ? 
_diffrn.crystal_id             1 
# 
_diffrn_detector.diffrn_id              1 
_diffrn_detector.detector               CCD 
_diffrn_detector.type                   'ADSC QUANTUM 315' 
_diffrn_detector.pdbx_collection_date   2007-01-01 
_diffrn_detector.details                ? 
# 
_diffrn_radiation.diffrn_id                        1 
_diffrn_radiation.pdbx_diffrn_protocol             'SINGLE WAVELENGTH' 
_diffrn_radiation.monochromator                    ? 
_diffrn_radiation.wavelength_id                    1 
_diffrn_radiation.pdbx_monochromatic_or_laue_m_l   M 
_diffrn_radiation.pdbx_scattering_type             x-ray 
# 
_diffrn_radiation_wavelength.id           1 
_diffrn_radiation_wavelength.wavelength   1.00000 
_diffrn_radiation_wavelength.wt           1.0 
# 
_diffrn_source.diffrn_id                   1 
_diffrn_source.source                      SYNCHROTRON 
_diffrn_source.type                        'ALS BEAMLINE 8.2.2' 
_diffrn_source.pdbx_wavelength_list        1.00000 
_diffrn_source.pdbx_wavelength             ? 
_diffrn_source.pdbx_synchrotron_site       ALS 
_diffrn_source.pdbx_synchrotron_beamline   8.2.2 
# 
_reflns.entry_id                     3BZZ 
_reflns.d_resolution_high            1.407 
_reflns.d_resolution_low             50.000 
_reflns.number_obs                   18717 
_reflns.pdbx_Rmerge_I_obs            0.065 
_reflns.pdbx_netI_over_sigmaI        10.600 
_reflns.pdbx_chi_squared             1.264 
_reflns.pdbx_redundancy              6.900 
_reflns.percent_possible_obs         97.600 
_reflns.observed_criterion_sigma_F   2 
_reflns.observed_criterion_sigma_I   2 
_reflns.number_all                   19177 
_reflns.pdbx_Rsym_value              ? 
_reflns.B_iso_Wilson_estimate        ? 
_reflns.R_free_details               ? 
_reflns.limit_h_max                  ? 
_reflns.limit_h_min                  ? 
_reflns.limit_k_max                  ? 
_reflns.limit_k_min                  ? 
_reflns.limit_l_max                  ? 
_reflns.limit_l_min                  ? 
_reflns.observed_criterion_F_max     ? 
_reflns.observed_criterion_F_min     ? 
_reflns.pdbx_scaling_rejects         ? 
_reflns.pdbx_ordinal                 1 
_reflns.pdbx_diffrn_id               1 
# 
loop_
_reflns_shell.d_res_high 
_reflns_shell.d_res_low 
_reflns_shell.number_measured_obs 
_reflns_shell.number_measured_all 
_reflns_shell.number_unique_obs 
_reflns_shell.Rmerge_I_obs 
_reflns_shell.meanI_over_sigI_obs 
_reflns_shell.pdbx_Rsym_value 
_reflns_shell.pdbx_chi_squared 
_reflns_shell.pdbx_redundancy 
_reflns_shell.percent_possible_obs 
_reflns_shell.number_unique_all 
_reflns_shell.percent_possible_all 
_reflns_shell.pdbx_ordinal 
_reflns_shell.pdbx_diffrn_id 
1.407 1.46  ? ? ? 0.378 ? ? 0.439 4.30 ? 1555 83.30  1  1 
1.46  1.52  ? ? ? 0.331 ? ? 0.473 5.20 ? 1822 96.50  2  1 
1.52  1.59  ? ? ? 0.254 ? ? 0.504 6.20 ? 1872 99.60  3  1 
1.59  1.67  ? ? ? 0.218 ? ? 0.550 7.10 ? 1890 100.00 4  1 
1.67  1.78  ? ? ? 0.178 ? ? 0.611 7.80 ? 1889 100.00 5  1 
1.78  1.91  ? ? ? 0.129 ? ? 0.796 7.90 ? 1884 100.00 6  1 
1.91  2.11  ? ? ? 0.084 ? ? 1.203 7.90 ? 1931 100.00 7  1 
2.11  2.41  ? ? ? 0.079 ? ? 2.045 7.80 ? 1943 100.00 8  1 
2.41  3.04  ? ? ? 0.069 ? ? 2.807 7.50 ? 1931 100.00 9  1 
3.04  50.00 ? ? ? 0.040 ? ? 2.210 7.00 ? 2000 96.30  10 1 
# 
_refine.entry_id                                 3BZZ 
_refine.ls_d_res_high                            1.407 
_refine.ls_d_res_low                             38.350 
_refine.pdbx_ls_sigma_F                          0.00 
_refine.ls_percent_reflns_obs                    97.550 
_refine.ls_number_reflns_obs                     18669 
_refine.pdbx_ls_cross_valid_method               THROUGHOUT 
_refine.pdbx_R_Free_selection_details            RANDOM 
_refine.details                                  'HYDROGENS HAVE BEEN ADDED IN THE RIDING POSITIONS' 
_refine.ls_R_factor_obs                          0.182 
_refine.ls_R_factor_R_work                       0.180 
_refine.ls_R_factor_R_free                       0.219 
_refine.ls_percent_reflns_R_free                 5.100 
_refine.ls_number_reflns_R_free                  959 
_refine.B_iso_mean                               7.187 
_refine.aniso_B[1][1]                            0.880 
_refine.aniso_B[2][2]                            -0.280 
_refine.aniso_B[3][3]                            -0.610 
_refine.aniso_B[1][2]                            0.000 
_refine.aniso_B[1][3]                            0.000 
_refine.aniso_B[2][3]                            0.000 
_refine.correlation_coeff_Fo_to_Fc               0.965 
_refine.correlation_coeff_Fo_to_Fc_free          0.943 
_refine.pdbx_overall_ESU_R                       0.066 
_refine.pdbx_overall_ESU_R_Free                  0.072 
_refine.overall_SU_ML                            0.041 
_refine.overall_SU_B                             2.090 
_refine.solvent_model_details                    MASK 
_refine.pdbx_solvent_vdw_probe_radii             1.400 
_refine.pdbx_solvent_ion_probe_radii             0.800 
_refine.pdbx_solvent_shrinkage_radii             0.800 
_refine.pdbx_method_to_determine_struct          ? 
_refine.pdbx_stereochemistry_target_values       'MAXIMUM LIKELIHOOD' 
_refine.pdbx_ls_sigma_I                          ? 
_refine.ls_number_reflns_all                     19177 
_refine.ls_R_factor_all                          0.182 
_refine.ls_redundancy_reflns_obs                 ? 
_refine.pdbx_data_cutoff_high_absF               ? 
_refine.pdbx_data_cutoff_low_absF                ? 
_refine.ls_number_parameters                     ? 
_refine.ls_number_restraints                     ? 
_refine.ls_R_factor_R_free_error                 ? 
_refine.ls_R_factor_R_free_error_details         ? 
_refine.pdbx_starting_model                      ? 
_refine.pdbx_stereochem_target_val_spec_case     ? 
_refine.solvent_model_param_bsol                 ? 
_refine.solvent_model_param_ksol                 ? 
_refine.occupancy_max                            ? 
_refine.occupancy_min                            ? 
_refine.pdbx_isotropic_thermal_model             ? 
_refine.B_iso_min                                ? 
_refine.B_iso_max                                ? 
_refine.overall_SU_R_Cruickshank_DPI             ? 
_refine.overall_SU_R_free                        ? 
_refine.pdbx_data_cutoff_high_rms_absF           ? 
_refine.ls_wR_factor_R_free                      ? 
_refine.ls_wR_factor_R_work                      ? 
_refine.overall_FOM_free_R_set                   ? 
_refine.overall_FOM_work_R_set                   ? 
_refine.pdbx_overall_phase_error                 ? 
_refine.pdbx_refine_id                           'X-RAY DIFFRACTION' 
_refine.pdbx_TLS_residual_ADP_flag               'LIKELY RESIDUAL' 
_refine.pdbx_diffrn_id                           1 
_refine.pdbx_overall_SU_R_free_Cruickshank_DPI   ? 
_refine.pdbx_overall_SU_R_Blow_DPI               ? 
_refine.pdbx_overall_SU_R_free_Blow_DPI          ? 
# 
_refine_hist.pdbx_refine_id                   'X-RAY DIFFRACTION' 
_refine_hist.cycle_id                         LAST 
_refine_hist.pdbx_number_atoms_protein        786 
_refine_hist.pdbx_number_atoms_nucleic_acid   0 
_refine_hist.pdbx_number_atoms_ligand         0 
_refine_hist.number_atoms_solvent             108 
_refine_hist.number_atoms_total               894 
_refine_hist.d_res_high                       1.407 
_refine_hist.d_res_low                        38.350 
# 
loop_
_refine_ls_restr.type 
_refine_ls_restr.number 
_refine_ls_restr.dev_ideal 
_refine_ls_restr.dev_ideal_target 
_refine_ls_restr.weight 
_refine_ls_restr.pdbx_refine_id 
_refine_ls_restr.pdbx_restraint_function 
r_bond_refined_d         815  0.014  0.022  ? 'X-RAY DIFFRACTION' ? 
r_bond_other_d           542  0.001  0.020  ? 'X-RAY DIFFRACTION' ? 
r_angle_refined_deg      1112 1.414  2.002  ? 'X-RAY DIFFRACTION' ? 
r_angle_other_deg        1357 0.933  3.000  ? 'X-RAY DIFFRACTION' ? 
r_dihedral_angle_1_deg   104  5.313  5.000  ? 'X-RAY DIFFRACTION' ? 
r_dihedral_angle_2_deg   31   44.590 26.452 ? 'X-RAY DIFFRACTION' ? 
r_dihedral_angle_3_deg   152  10.920 15.000 ? 'X-RAY DIFFRACTION' ? 
r_dihedral_angle_4_deg   1    19.613 15.000 ? 'X-RAY DIFFRACTION' ? 
r_chiral_restr           138  0.090  0.200  ? 'X-RAY DIFFRACTION' ? 
r_gen_planes_refined     871  0.004  0.020  ? 'X-RAY DIFFRACTION' ? 
r_gen_planes_other       134  0.001  0.020  ? 'X-RAY DIFFRACTION' ? 
r_nbd_refined            159  0.226  0.200  ? 'X-RAY DIFFRACTION' ? 
r_nbd_other              543  0.169  0.200  ? 'X-RAY DIFFRACTION' ? 
r_nbtor_refined          409  0.179  0.200  ? 'X-RAY DIFFRACTION' ? 
r_nbtor_other            404  0.088  0.200  ? 'X-RAY DIFFRACTION' ? 
r_xyhbond_nbd_refined    68   0.155  0.200  ? 'X-RAY DIFFRACTION' ? 
r_symmetry_vdw_refined   8    0.319  0.200  ? 'X-RAY DIFFRACTION' ? 
r_symmetry_vdw_other     17   0.208  0.200  ? 'X-RAY DIFFRACTION' ? 
r_symmetry_hbond_refined 17   0.083  0.200  ? 'X-RAY DIFFRACTION' ? 
r_mcbond_it              698  1.002  1.500  ? 'X-RAY DIFFRACTION' ? 
r_mcbond_other           202  0.211  1.500  ? 'X-RAY DIFFRACTION' ? 
r_mcangle_it             838  1.101  2.000  ? 'X-RAY DIFFRACTION' ? 
r_scbond_it              372  1.992  3.000  ? 'X-RAY DIFFRACTION' ? 
r_scangle_it             271  2.410  4.500  ? 'X-RAY DIFFRACTION' ? 
# 
_refine_ls_shell.d_res_high                       1.407 
_refine_ls_shell.d_res_low                        1.444 
_refine_ls_shell.pdbx_total_number_of_bins_used   20 
_refine_ls_shell.percent_reflns_obs               80.140 
_refine_ls_shell.number_reflns_R_work             1082 
_refine_ls_shell.R_factor_all                     ? 
_refine_ls_shell.R_factor_R_work                  0.267 
_refine_ls_shell.R_factor_R_free                  0.309 
_refine_ls_shell.percent_reflns_R_free            ? 
_refine_ls_shell.number_reflns_R_free             48 
_refine_ls_shell.R_factor_R_free_error            ? 
_refine_ls_shell.number_reflns_all                1130 
_refine_ls_shell.number_reflns_obs                ? 
_refine_ls_shell.redundancy_reflns_obs            ? 
_refine_ls_shell.pdbx_refine_id                   'X-RAY DIFFRACTION' 
# 
_struct.entry_id                  3BZZ 
_struct.title                     'Crystal structural of the mutated R313T EscU/SpaS C-terminal domain' 
_struct.pdbx_model_details        ? 
_struct.pdbx_CASP_flag            ? 
_struct.pdbx_model_type_details   ? 
# 
_struct_keywords.entry_id        3BZZ 
_struct_keywords.text            'Auto cleavage protein, Intein, flagella, T3SS, MEMBRANE PROTEIN, PROTEIN TRANSPORT' 
_struct_keywords.pdbx_keywords   'MEMBRANE PROTEIN, PROTEIN TRANSPORT' 
# 
loop_
_struct_asym.id 
_struct_asym.pdbx_blank_PDB_chainid_flag 
_struct_asym.pdbx_modified 
_struct_asym.entity_id 
_struct_asym.details 
A N N 1 ? 
B N N 2 ? 
C N N 3 ? 
D N N 3 ? 
# 
loop_
_struct_ref.id 
_struct_ref.db_name 
_struct_ref.db_code 
_struct_ref.pdbx_db_accession 
_struct_ref.entity_id 
_struct_ref.pdbx_seq_one_letter_code 
_struct_ref.pdbx_align_begin 
_struct_ref.pdbx_db_isoform 
1 UNP Q9AJ26_ECOLX Q9AJ26 1 MSKDEVKREAKDTDGNPEIKGERRRLHSEIQSGSLANNIKKSTVIVKN                                       215 ? 
2 UNP Q9AJ26_ECOLX Q9AJ26 2 
;PTHIAICLYYKLGETPLPLVIETGKDAKALQIIKLAELYDIPVIEDIPLARSLYKNIHKGQYITEDFFEPVAQLIRIAID
LDY
;
263 ? 
# 
loop_
_struct_ref_seq.align_id 
_struct_ref_seq.ref_id 
_struct_ref_seq.pdbx_PDB_id_code 
_struct_ref_seq.pdbx_strand_id 
_struct_ref_seq.seq_align_beg 
_struct_ref_seq.pdbx_seq_align_beg_ins_code 
_struct_ref_seq.seq_align_end 
_struct_ref_seq.pdbx_seq_align_end_ins_code 
_struct_ref_seq.pdbx_db_accession 
_struct_ref_seq.db_align_beg 
_struct_ref_seq.pdbx_db_align_beg_ins_code 
_struct_ref_seq.db_align_end 
_struct_ref_seq.pdbx_db_align_end_ins_code 
_struct_ref_seq.pdbx_auth_seq_align_beg 
_struct_ref_seq.pdbx_auth_seq_align_end 
1 1 3BZZ A 7 ? 54 ? Q9AJ26 215 ? 262 ? 215 262 
2 2 3BZZ B 1 ? 83 ? Q9AJ26 263 ? 345 ? 263 345 
# 
loop_
_struct_ref_seq_dif.align_id 
_struct_ref_seq_dif.pdbx_pdb_id_code 
_struct_ref_seq_dif.mon_id 
_struct_ref_seq_dif.pdbx_pdb_strand_id 
_struct_ref_seq_dif.seq_num 
_struct_ref_seq_dif.pdbx_pdb_ins_code 
_struct_ref_seq_dif.pdbx_seq_db_name 
_struct_ref_seq_dif.pdbx_seq_db_accession_code 
_struct_ref_seq_dif.db_mon_id 
_struct_ref_seq_dif.pdbx_seq_db_seq_num 
_struct_ref_seq_dif.details 
_struct_ref_seq_dif.pdbx_auth_seq_num 
_struct_ref_seq_dif.pdbx_ordinal 
1 3BZZ GLY A 1  ? UNP Q9AJ26 ?   ?   'expression tag'      209 1 
1 3BZZ SER A 2  ? UNP Q9AJ26 ?   ?   'expression tag'      210 2 
1 3BZZ HIS A 3  ? UNP Q9AJ26 ?   ?   'expression tag'      211 3 
1 3BZZ MET A 4  ? UNP Q9AJ26 ?   ?   'expression tag'      212 4 
1 3BZZ ALA A 5  ? UNP Q9AJ26 ?   ?   'expression tag'      213 5 
1 3BZZ SER A 6  ? UNP Q9AJ26 ?   ?   'expression tag'      214 6 
2 3BZZ THR B 51 ? UNP Q9AJ26 ARG 313 'engineered mutation' 313 7 
# 
_pdbx_struct_assembly.id                   1 
_pdbx_struct_assembly.details              author_and_software_defined_assembly 
_pdbx_struct_assembly.method_details       PISA 
_pdbx_struct_assembly.oligomeric_details   dimeric 
_pdbx_struct_assembly.oligomeric_count     2 
# 
_pdbx_struct_assembly_prop.biol_id   1 
_pdbx_struct_assembly_prop.type      'ABSA (A^2)' 
_pdbx_struct_assembly_prop.value     2190 
_pdbx_struct_assembly_prop.details   ? 
# 
_pdbx_struct_assembly_gen.assembly_id       1 
_pdbx_struct_assembly_gen.oper_expression   1 
_pdbx_struct_assembly_gen.asym_id_list      A,B,C,D 
# 
_pdbx_struct_oper_list.id                   1 
_pdbx_struct_oper_list.type                 'identity operation' 
_pdbx_struct_oper_list.name                 1_555 
_pdbx_struct_oper_list.symmetry_operation   x,y,z 
_pdbx_struct_oper_list.matrix[1][1]         1.0000000000 
_pdbx_struct_oper_list.matrix[1][2]         0.0000000000 
_pdbx_struct_oper_list.matrix[1][3]         0.0000000000 
_pdbx_struct_oper_list.vector[1]            0.0000000000 
_pdbx_struct_oper_list.matrix[2][1]         0.0000000000 
_pdbx_struct_oper_list.matrix[2][2]         1.0000000000 
_pdbx_struct_oper_list.matrix[2][3]         0.0000000000 
_pdbx_struct_oper_list.vector[2]            0.0000000000 
_pdbx_struct_oper_list.matrix[3][1]         0.0000000000 
_pdbx_struct_oper_list.matrix[3][2]         0.0000000000 
_pdbx_struct_oper_list.matrix[3][3]         1.0000000000 
_pdbx_struct_oper_list.vector[3]            0.0000000000 
# 
_struct_biol.id        1 
_struct_biol.details   ? 
# 
loop_
_struct_conf.conf_type_id 
_struct_conf.id 
_struct_conf.pdbx_PDB_helix_id 
_struct_conf.beg_label_comp_id 
_struct_conf.beg_label_asym_id 
_struct_conf.beg_label_seq_id 
_struct_conf.pdbx_beg_PDB_ins_code 
_struct_conf.end_label_comp_id 
_struct_conf.end_label_asym_id 
_struct_conf.end_label_seq_id 
_struct_conf.pdbx_end_PDB_ins_code 
_struct_conf.beg_auth_comp_id 
_struct_conf.beg_auth_asym_id 
_struct_conf.beg_auth_seq_id 
_struct_conf.end_auth_comp_id 
_struct_conf.end_auth_asym_id 
_struct_conf.end_auth_seq_id 
_struct_conf.pdbx_PDB_helix_class 
_struct_conf.details 
_struct_conf.pdbx_PDB_helix_length 
HELX_P HELX_P1 1 SER A 40 ? SER A 48 ? SER A 248 SER A 256 1 ? 9  
HELX_P HELX_P2 2 ASP B 26 ? TYR B 39 ? ASP B 288 TYR B 301 1 ? 14 
HELX_P HELX_P3 3 ASP B 46 ? ILE B 57 ? ASP B 308 ILE B 319 1 ? 12 
HELX_P HELX_P4 4 THR B 64 ? ASP B 66 ? THR B 326 ASP B 328 5 ? 3  
HELX_P HELX_P5 5 PHE B 67 ? LEU B 81 ? PHE B 329 LEU B 343 1 ? 15 
# 
_struct_conf_type.id          HELX_P 
_struct_conf_type.criteria    ? 
_struct_conf_type.reference   ? 
# 
_struct_sheet.id               A 
_struct_sheet.type             ? 
_struct_sheet.number_strands   4 
_struct_sheet.details          ? 
# 
loop_
_struct_sheet_order.sheet_id 
_struct_sheet_order.range_id_1 
_struct_sheet_order.range_id_2 
_struct_sheet_order.offset 
_struct_sheet_order.sense 
A 1 2 ? anti-parallel 
A 2 3 ? anti-parallel 
A 3 4 ? parallel      
# 
loop_
_struct_sheet_range.sheet_id 
_struct_sheet_range.id 
_struct_sheet_range.beg_label_comp_id 
_struct_sheet_range.beg_label_asym_id 
_struct_sheet_range.beg_label_seq_id 
_struct_sheet_range.pdbx_beg_PDB_ins_code 
_struct_sheet_range.end_label_comp_id 
_struct_sheet_range.end_label_asym_id 
_struct_sheet_range.end_label_seq_id 
_struct_sheet_range.pdbx_end_PDB_ins_code 
_struct_sheet_range.beg_auth_comp_id 
_struct_sheet_range.beg_auth_asym_id 
_struct_sheet_range.beg_auth_seq_id 
_struct_sheet_range.end_auth_comp_id 
_struct_sheet_range.end_auth_asym_id 
_struct_sheet_range.end_auth_seq_id 
A 1 LEU B 19 ? LYS B 25 ? LEU B 281 LYS B 287 
A 2 ILE B 4  ? TYR B 9  ? ILE B 266 TYR B 271 
A 3 VAL A 50 ? LYS A 53 ? VAL A 258 LYS A 261 
A 4 VAL B 43 ? GLU B 45 ? VAL B 305 GLU B 307 
# 
loop_
_pdbx_struct_sheet_hbond.sheet_id 
_pdbx_struct_sheet_hbond.range_id_1 
_pdbx_struct_sheet_hbond.range_id_2 
_pdbx_struct_sheet_hbond.range_1_label_atom_id 
_pdbx_struct_sheet_hbond.range_1_label_comp_id 
_pdbx_struct_sheet_hbond.range_1_label_asym_id 
_pdbx_struct_sheet_hbond.range_1_label_seq_id 
_pdbx_struct_sheet_hbond.range_1_PDB_ins_code 
_pdbx_struct_sheet_hbond.range_1_auth_atom_id 
_pdbx_struct_sheet_hbond.range_1_auth_comp_id 
_pdbx_struct_sheet_hbond.range_1_auth_asym_id 
_pdbx_struct_sheet_hbond.range_1_auth_seq_id 
_pdbx_struct_sheet_hbond.range_2_label_atom_id 
_pdbx_struct_sheet_hbond.range_2_label_comp_id 
_pdbx_struct_sheet_hbond.range_2_label_asym_id 
_pdbx_struct_sheet_hbond.range_2_label_seq_id 
_pdbx_struct_sheet_hbond.range_2_PDB_ins_code 
_pdbx_struct_sheet_hbond.range_2_auth_atom_id 
_pdbx_struct_sheet_hbond.range_2_auth_comp_id 
_pdbx_struct_sheet_hbond.range_2_auth_asym_id 
_pdbx_struct_sheet_hbond.range_2_auth_seq_id 
A 1 2 O GLU B 22 ? O GLU B 284 N CYS B 7  ? N CYS B 269 
A 2 3 O LEU B 8  ? O LEU B 270 N VAL A 50 ? N VAL A 258 
A 3 4 N ILE A 51 ? N ILE A 259 O ILE B 44 ? O ILE B 306 
# 
_pdbx_validate_rmsd_bond.id                        1 
_pdbx_validate_rmsd_bond.PDB_model_num             1 
_pdbx_validate_rmsd_bond.auth_atom_id_1            CG 
_pdbx_validate_rmsd_bond.auth_asym_id_1            B 
_pdbx_validate_rmsd_bond.auth_comp_id_1            ASP 
_pdbx_validate_rmsd_bond.auth_seq_id_1             342 
_pdbx_validate_rmsd_bond.PDB_ins_code_1            ? 
_pdbx_validate_rmsd_bond.label_alt_id_1            ? 
_pdbx_validate_rmsd_bond.auth_atom_id_2            OD1 
_pdbx_validate_rmsd_bond.auth_asym_id_2            B 
_pdbx_validate_rmsd_bond.auth_comp_id_2            ASP 
_pdbx_validate_rmsd_bond.auth_seq_id_2             342 
_pdbx_validate_rmsd_bond.PDB_ins_code_2            ? 
_pdbx_validate_rmsd_bond.label_alt_id_2            ? 
_pdbx_validate_rmsd_bond.bond_value                1.422 
_pdbx_validate_rmsd_bond.bond_target_value         1.249 
_pdbx_validate_rmsd_bond.bond_deviation            0.173 
_pdbx_validate_rmsd_bond.bond_standard_deviation   0.023 
_pdbx_validate_rmsd_bond.linker_flag               N 
# 
loop_
_pdbx_validate_torsion.id 
_pdbx_validate_torsion.PDB_model_num 
_pdbx_validate_torsion.auth_comp_id 
_pdbx_validate_torsion.auth_asym_id 
_pdbx_validate_torsion.auth_seq_id 
_pdbx_validate_torsion.PDB_ins_code 
_pdbx_validate_torsion.label_alt_id 
_pdbx_validate_torsion.phi 
_pdbx_validate_torsion.psi 
1 1 ASP B 288 ? ? 42.41 -120.50 
2 1 ASP B 288 ? ? 39.46 -119.35 
# 
loop_
_pdbx_refine_tls.pdbx_refine_id 
_pdbx_refine_tls.id 
_pdbx_refine_tls.details 
_pdbx_refine_tls.method 
_pdbx_refine_tls.origin_x 
_pdbx_refine_tls.origin_y 
_pdbx_refine_tls.origin_z 
_pdbx_refine_tls.T[1][1] 
_pdbx_refine_tls.T[2][2] 
_pdbx_refine_tls.T[3][3] 
_pdbx_refine_tls.T[1][2] 
_pdbx_refine_tls.T[1][3] 
_pdbx_refine_tls.T[2][3] 
_pdbx_refine_tls.L[1][1] 
_pdbx_refine_tls.L[2][2] 
_pdbx_refine_tls.L[3][3] 
_pdbx_refine_tls.L[1][2] 
_pdbx_refine_tls.L[1][3] 
_pdbx_refine_tls.L[2][3] 
_pdbx_refine_tls.S[1][1] 
_pdbx_refine_tls.S[2][2] 
_pdbx_refine_tls.S[3][3] 
_pdbx_refine_tls.S[1][2] 
_pdbx_refine_tls.S[1][3] 
_pdbx_refine_tls.S[2][3] 
_pdbx_refine_tls.S[2][1] 
_pdbx_refine_tls.S[3][1] 
_pdbx_refine_tls.S[3][2] 
'X-RAY DIFFRACTION' 1 ? refined 3.4206   -2.8436 11.6144 0.2249 0.0843 0.0529 -0.0277 -0.0249 -0.0032 13.5265 10.0242 7.3262  -3.0518  2.7631   0.2095  0.0260  0.0480  -0.0740 -0.5182 -0.0201 -0.3938 0.9117  0.0587  0.3417  
'X-RAY DIFFRACTION' 2 ? refined 1.4925   -4.1436 -2.0412 0.0714 0.0253 0.0499 -0.0046 -0.0234 -0.0055 3.2567  5.0945  3.1773  -1.8090  -0.7226  1.3999  0.0334  -0.0839 0.0505  0.1494  -0.0733 0.1156  0.0158  0.1606  -0.0170 
'X-RAY DIFFRACTION' 3 ? refined -6.6205  10.8685 5.1710  0.0904 0.0243 0.0845 0.0276  0.0182  0.0111  9.9283  18.8622 2.6474  -12.3229 -1.6260  4.9326  -0.3593 0.2271  0.1322  -0.2105 -0.2318 0.4469  0.5327  -0.0670 -0.1015 
'X-RAY DIFFRACTION' 4 ? refined 2.2364   -3.6881 3.6079  0.0889 0.0626 0.0517 0.0015  -0.0262 -0.0135 2.0188  4.3562  1.5475  -1.4305  0.1739   -0.7304 -0.0477 0.0190  0.0287  -0.0711 -0.0630 0.0414  0.1154  0.1201  0.0073  
'X-RAY DIFFRACTION' 5 ? refined 1.1389   3.0650  -5.4624 0.0751 0.0451 0.0512 -0.0030 -0.0351 0.0032  1.3324  3.0967  1.6378  0.1877   0.4172   0.5178  -0.0671 0.0292  0.0380  0.1073  0.1449  0.0586  -0.2231 -0.1484 -0.0170 
'X-RAY DIFFRACTION' 6 ? refined -12.2428 1.4630  -3.6967 0.0202 0.2582 0.3176 -0.0240 -0.0606 0.0552  35.0959 30.3782 24.2413 10.1032  -17.9157 -4.3430 -0.2018 0.7260  -0.5243 1.6406  -0.5969 1.9934  0.0051  0.3575  -2.5083 
# 
loop_
_pdbx_refine_tls_group.pdbx_refine_id 
_pdbx_refine_tls_group.id 
_pdbx_refine_tls_group.refine_tls_id 
_pdbx_refine_tls_group.beg_auth_asym_id 
_pdbx_refine_tls_group.beg_auth_seq_id 
_pdbx_refine_tls_group.end_auth_asym_id 
_pdbx_refine_tls_group.end_auth_seq_id 
_pdbx_refine_tls_group.selection_details 
_pdbx_refine_tls_group.beg_label_asym_id 
_pdbx_refine_tls_group.beg_label_seq_id 
_pdbx_refine_tls_group.end_label_asym_id 
_pdbx_refine_tls_group.end_label_seq_id 
_pdbx_refine_tls_group.selection 
'X-RAY DIFFRACTION' 1 1 A 244 A 255 ? . . . . ? 
'X-RAY DIFFRACTION' 2 2 A 256 A 262 ? . . . . ? 
'X-RAY DIFFRACTION' 3 2 B 263 B 270 ? . . . . ? 
'X-RAY DIFFRACTION' 4 3 B 271 B 276 ? . . . . ? 
'X-RAY DIFFRACTION' 5 4 B 277 B 301 ? . . . . ? 
'X-RAY DIFFRACTION' 6 5 B 302 B 334 ? . . . . ? 
'X-RAY DIFFRACTION' 7 6 B 335 B 343 ? . . . . ? 
# 
loop_
_pdbx_unobs_or_zero_occ_residues.id 
_pdbx_unobs_or_zero_occ_residues.PDB_model_num 
_pdbx_unobs_or_zero_occ_residues.polymer_flag 
_pdbx_unobs_or_zero_occ_residues.occupancy_flag 
_pdbx_unobs_or_zero_occ_residues.auth_asym_id 
_pdbx_unobs_or_zero_occ_residues.auth_comp_id 
_pdbx_unobs_or_zero_occ_residues.auth_seq_id 
_pdbx_unobs_or_zero_occ_residues.PDB_ins_code 
_pdbx_unobs_or_zero_occ_residues.label_asym_id 
_pdbx_unobs_or_zero_occ_residues.label_comp_id 
_pdbx_unobs_or_zero_occ_residues.label_seq_id 
1  1 Y 1 A GLY 209 ? A GLY 1  
2  1 Y 1 A SER 210 ? A SER 2  
3  1 Y 1 A HIS 211 ? A HIS 3  
4  1 Y 1 A MET 212 ? A MET 4  
5  1 Y 1 A ALA 213 ? A ALA 5  
6  1 Y 1 A SER 214 ? A SER 6  
7  1 Y 1 A MET 215 ? A MET 7  
8  1 Y 1 A SER 216 ? A SER 8  
9  1 Y 1 A LYS 217 ? A LYS 9  
10 1 Y 1 A ASP 218 ? A ASP 10 
11 1 Y 1 A GLU 219 ? A GLU 11 
12 1 Y 1 A VAL 220 ? A VAL 12 
13 1 Y 1 A LYS 221 ? A LYS 13 
14 1 Y 1 A ARG 222 ? A ARG 14 
15 1 Y 1 A GLU 223 ? A GLU 15 
16 1 Y 1 A ALA 224 ? A ALA 16 
17 1 Y 1 A LYS 225 ? A LYS 17 
18 1 Y 1 A ASP 226 ? A ASP 18 
19 1 Y 1 A THR 227 ? A THR 19 
20 1 Y 1 A ASP 228 ? A ASP 20 
21 1 Y 1 A GLY 229 ? A GLY 21 
22 1 Y 1 A ASN 230 ? A ASN 22 
23 1 Y 1 A PRO 231 ? A PRO 23 
24 1 Y 1 A GLU 232 ? A GLU 24 
25 1 Y 1 A ILE 233 ? A ILE 25 
26 1 Y 1 A LYS 234 ? A LYS 26 
27 1 Y 1 A GLY 235 ? A GLY 27 
28 1 Y 1 A GLU 236 ? A GLU 28 
29 1 Y 1 A ARG 237 ? A ARG 29 
30 1 Y 1 A ARG 238 ? A ARG 30 
31 1 Y 1 A ARG 239 ? A ARG 31 
32 1 Y 1 A LEU 240 ? A LEU 32 
33 1 Y 1 A HIS 241 ? A HIS 33 
34 1 Y 1 A SER 242 ? A SER 34 
35 1 Y 1 A GLU 243 ? A GLU 35 
36 1 Y 1 B ASP 344 ? B ASP 82 
37 1 Y 1 B TYR 345 ? B TYR 83 
# 
loop_
_chem_comp_atom.comp_id 
_chem_comp_atom.atom_id 
_chem_comp_atom.type_symbol 
_chem_comp_atom.pdbx_aromatic_flag 
_chem_comp_atom.pdbx_stereo_config 
_chem_comp_atom.pdbx_ordinal 
ALA N    N N N 1   
ALA CA   C N S 2   
ALA C    C N N 3   
ALA O    O N N 4   
ALA CB   C N N 5   
ALA OXT  O N N 6   
ALA H    H N N 7   
ALA H2   H N N 8   
ALA HA   H N N 9   
ALA HB1  H N N 10  
ALA HB2  H N N 11  
ALA HB3  H N N 12  
ALA HXT  H N N 13  
ARG N    N N N 14  
ARG CA   C N S 15  
ARG C    C N N 16  
ARG O    O N N 17  
ARG CB   C N N 18  
ARG CG   C N N 19  
ARG CD   C N N 20  
ARG NE   N N N 21  
ARG CZ   C N N 22  
ARG NH1  N N N 23  
ARG NH2  N N N 24  
ARG OXT  O N N 25  
ARG H    H N N 26  
ARG H2   H N N 27  
ARG HA   H N N 28  
ARG HB2  H N N 29  
ARG HB3  H N N 30  
ARG HG2  H N N 31  
ARG HG3  H N N 32  
ARG HD2  H N N 33  
ARG HD3  H N N 34  
ARG HE   H N N 35  
ARG HH11 H N N 36  
ARG HH12 H N N 37  
ARG HH21 H N N 38  
ARG HH22 H N N 39  
ARG HXT  H N N 40  
ASN N    N N N 41  
ASN CA   C N S 42  
ASN C    C N N 43  
ASN O    O N N 44  
ASN CB   C N N 45  
ASN CG   C N N 46  
ASN OD1  O N N 47  
ASN ND2  N N N 48  
ASN OXT  O N N 49  
ASN H    H N N 50  
ASN H2   H N N 51  
ASN HA   H N N 52  
ASN HB2  H N N 53  
ASN HB3  H N N 54  
ASN HD21 H N N 55  
ASN HD22 H N N 56  
ASN HXT  H N N 57  
ASP N    N N N 58  
ASP CA   C N S 59  
ASP C    C N N 60  
ASP O    O N N 61  
ASP CB   C N N 62  
ASP CG   C N N 63  
ASP OD1  O N N 64  
ASP OD2  O N N 65  
ASP OXT  O N N 66  
ASP H    H N N 67  
ASP H2   H N N 68  
ASP HA   H N N 69  
ASP HB2  H N N 70  
ASP HB3  H N N 71  
ASP HD2  H N N 72  
ASP HXT  H N N 73  
CYS N    N N N 74  
CYS CA   C N R 75  
CYS C    C N N 76  
CYS O    O N N 77  
CYS CB   C N N 78  
CYS SG   S N N 79  
CYS OXT  O N N 80  
CYS H    H N N 81  
CYS H2   H N N 82  
CYS HA   H N N 83  
CYS HB2  H N N 84  
CYS HB3  H N N 85  
CYS HG   H N N 86  
CYS HXT  H N N 87  
GLN N    N N N 88  
GLN CA   C N S 89  
GLN C    C N N 90  
GLN O    O N N 91  
GLN CB   C N N 92  
GLN CG   C N N 93  
GLN CD   C N N 94  
GLN OE1  O N N 95  
GLN NE2  N N N 96  
GLN OXT  O N N 97  
GLN H    H N N 98  
GLN H2   H N N 99  
GLN HA   H N N 100 
GLN HB2  H N N 101 
GLN HB3  H N N 102 
GLN HG2  H N N 103 
GLN HG3  H N N 104 
GLN HE21 H N N 105 
GLN HE22 H N N 106 
GLN HXT  H N N 107 
GLU N    N N N 108 
GLU CA   C N S 109 
GLU C    C N N 110 
GLU O    O N N 111 
GLU CB   C N N 112 
GLU CG   C N N 113 
GLU CD   C N N 114 
GLU OE1  O N N 115 
GLU OE2  O N N 116 
GLU OXT  O N N 117 
GLU H    H N N 118 
GLU H2   H N N 119 
GLU HA   H N N 120 
GLU HB2  H N N 121 
GLU HB3  H N N 122 
GLU HG2  H N N 123 
GLU HG3  H N N 124 
GLU HE2  H N N 125 
GLU HXT  H N N 126 
GLY N    N N N 127 
GLY CA   C N N 128 
GLY C    C N N 129 
GLY O    O N N 130 
GLY OXT  O N N 131 
GLY H    H N N 132 
GLY H2   H N N 133 
GLY HA2  H N N 134 
GLY HA3  H N N 135 
GLY HXT  H N N 136 
HIS N    N N N 137 
HIS CA   C N S 138 
HIS C    C N N 139 
HIS O    O N N 140 
HIS CB   C N N 141 
HIS CG   C Y N 142 
HIS ND1  N Y N 143 
HIS CD2  C Y N 144 
HIS CE1  C Y N 145 
HIS NE2  N Y N 146 
HIS OXT  O N N 147 
HIS H    H N N 148 
HIS H2   H N N 149 
HIS HA   H N N 150 
HIS HB2  H N N 151 
HIS HB3  H N N 152 
HIS HD1  H N N 153 
HIS HD2  H N N 154 
HIS HE1  H N N 155 
HIS HE2  H N N 156 
HIS HXT  H N N 157 
HOH O    O N N 158 
HOH H1   H N N 159 
HOH H2   H N N 160 
ILE N    N N N 161 
ILE CA   C N S 162 
ILE C    C N N 163 
ILE O    O N N 164 
ILE CB   C N S 165 
ILE CG1  C N N 166 
ILE CG2  C N N 167 
ILE CD1  C N N 168 
ILE OXT  O N N 169 
ILE H    H N N 170 
ILE H2   H N N 171 
ILE HA   H N N 172 
ILE HB   H N N 173 
ILE HG12 H N N 174 
ILE HG13 H N N 175 
ILE HG21 H N N 176 
ILE HG22 H N N 177 
ILE HG23 H N N 178 
ILE HD11 H N N 179 
ILE HD12 H N N 180 
ILE HD13 H N N 181 
ILE HXT  H N N 182 
LEU N    N N N 183 
LEU CA   C N S 184 
LEU C    C N N 185 
LEU O    O N N 186 
LEU CB   C N N 187 
LEU CG   C N N 188 
LEU CD1  C N N 189 
LEU CD2  C N N 190 
LEU OXT  O N N 191 
LEU H    H N N 192 
LEU H2   H N N 193 
LEU HA   H N N 194 
LEU HB2  H N N 195 
LEU HB3  H N N 196 
LEU HG   H N N 197 
LEU HD11 H N N 198 
LEU HD12 H N N 199 
LEU HD13 H N N 200 
LEU HD21 H N N 201 
LEU HD22 H N N 202 
LEU HD23 H N N 203 
LEU HXT  H N N 204 
LYS N    N N N 205 
LYS CA   C N S 206 
LYS C    C N N 207 
LYS O    O N N 208 
LYS CB   C N N 209 
LYS CG   C N N 210 
LYS CD   C N N 211 
LYS CE   C N N 212 
LYS NZ   N N N 213 
LYS OXT  O N N 214 
LYS H    H N N 215 
LYS H2   H N N 216 
LYS HA   H N N 217 
LYS HB2  H N N 218 
LYS HB3  H N N 219 
LYS HG2  H N N 220 
LYS HG3  H N N 221 
LYS HD2  H N N 222 
LYS HD3  H N N 223 
LYS HE2  H N N 224 
LYS HE3  H N N 225 
LYS HZ1  H N N 226 
LYS HZ2  H N N 227 
LYS HZ3  H N N 228 
LYS HXT  H N N 229 
MET N    N N N 230 
MET CA   C N S 231 
MET C    C N N 232 
MET O    O N N 233 
MET CB   C N N 234 
MET CG   C N N 235 
MET SD   S N N 236 
MET CE   C N N 237 
MET OXT  O N N 238 
MET H    H N N 239 
MET H2   H N N 240 
MET HA   H N N 241 
MET HB2  H N N 242 
MET HB3  H N N 243 
MET HG2  H N N 244 
MET HG3  H N N 245 
MET HE1  H N N 246 
MET HE2  H N N 247 
MET HE3  H N N 248 
MET HXT  H N N 249 
PHE N    N N N 250 
PHE CA   C N S 251 
PHE C    C N N 252 
PHE O    O N N 253 
PHE CB   C N N 254 
PHE CG   C Y N 255 
PHE CD1  C Y N 256 
PHE CD2  C Y N 257 
PHE CE1  C Y N 258 
PHE CE2  C Y N 259 
PHE CZ   C Y N 260 
PHE OXT  O N N 261 
PHE H    H N N 262 
PHE H2   H N N 263 
PHE HA   H N N 264 
PHE HB2  H N N 265 
PHE HB3  H N N 266 
PHE HD1  H N N 267 
PHE HD2  H N N 268 
PHE HE1  H N N 269 
PHE HE2  H N N 270 
PHE HZ   H N N 271 
PHE HXT  H N N 272 
PRO N    N N N 273 
PRO CA   C N S 274 
PRO C    C N N 275 
PRO O    O N N 276 
PRO CB   C N N 277 
PRO CG   C N N 278 
PRO CD   C N N 279 
PRO OXT  O N N 280 
PRO H    H N N 281 
PRO HA   H N N 282 
PRO HB2  H N N 283 
PRO HB3  H N N 284 
PRO HG2  H N N 285 
PRO HG3  H N N 286 
PRO HD2  H N N 287 
PRO HD3  H N N 288 
PRO HXT  H N N 289 
SER N    N N N 290 
SER CA   C N S 291 
SER C    C N N 292 
SER O    O N N 293 
SER CB   C N N 294 
SER OG   O N N 295 
SER OXT  O N N 296 
SER H    H N N 297 
SER H2   H N N 298 
SER HA   H N N 299 
SER HB2  H N N 300 
SER HB3  H N N 301 
SER HG   H N N 302 
SER HXT  H N N 303 
THR N    N N N 304 
THR CA   C N S 305 
THR C    C N N 306 
THR O    O N N 307 
THR CB   C N R 308 
THR OG1  O N N 309 
THR CG2  C N N 310 
THR OXT  O N N 311 
THR H    H N N 312 
THR H2   H N N 313 
THR HA   H N N 314 
THR HB   H N N 315 
THR HG1  H N N 316 
THR HG21 H N N 317 
THR HG22 H N N 318 
THR HG23 H N N 319 
THR HXT  H N N 320 
TYR N    N N N 321 
TYR CA   C N S 322 
TYR C    C N N 323 
TYR O    O N N 324 
TYR CB   C N N 325 
TYR CG   C Y N 326 
TYR CD1  C Y N 327 
TYR CD2  C Y N 328 
TYR CE1  C Y N 329 
TYR CE2  C Y N 330 
TYR CZ   C Y N 331 
TYR OH   O N N 332 
TYR OXT  O N N 333 
TYR H    H N N 334 
TYR H2   H N N 335 
TYR HA   H N N 336 
TYR HB2  H N N 337 
TYR HB3  H N N 338 
TYR HD1  H N N 339 
TYR HD2  H N N 340 
TYR HE1  H N N 341 
TYR HE2  H N N 342 
TYR HH   H N N 343 
TYR HXT  H N N 344 
VAL N    N N N 345 
VAL CA   C N S 346 
VAL C    C N N 347 
VAL O    O N N 348 
VAL CB   C N N 349 
VAL CG1  C N N 350 
VAL CG2  C N N 351 
VAL OXT  O N N 352 
VAL H    H N N 353 
VAL H2   H N N 354 
VAL HA   H N N 355 
VAL HB   H N N 356 
VAL HG11 H N N 357 
VAL HG12 H N N 358 
VAL HG13 H N N 359 
VAL HG21 H N N 360 
VAL HG22 H N N 361 
VAL HG23 H N N 362 
VAL HXT  H N N 363 
# 
loop_
_chem_comp_bond.comp_id 
_chem_comp_bond.atom_id_1 
_chem_comp_bond.atom_id_2 
_chem_comp_bond.value_order 
_chem_comp_bond.pdbx_aromatic_flag 
_chem_comp_bond.pdbx_stereo_config 
_chem_comp_bond.pdbx_ordinal 
ALA N   CA   sing N N 1   
ALA N   H    sing N N 2   
ALA N   H2   sing N N 3   
ALA CA  C    sing N N 4   
ALA CA  CB   sing N N 5   
ALA CA  HA   sing N N 6   
ALA C   O    doub N N 7   
ALA C   OXT  sing N N 8   
ALA CB  HB1  sing N N 9   
ALA CB  HB2  sing N N 10  
ALA CB  HB3  sing N N 11  
ALA OXT HXT  sing N N 12  
ARG N   CA   sing N N 13  
ARG N   H    sing N N 14  
ARG N   H2   sing N N 15  
ARG CA  C    sing N N 16  
ARG CA  CB   sing N N 17  
ARG CA  HA   sing N N 18  
ARG C   O    doub N N 19  
ARG C   OXT  sing N N 20  
ARG CB  CG   sing N N 21  
ARG CB  HB2  sing N N 22  
ARG CB  HB3  sing N N 23  
ARG CG  CD   sing N N 24  
ARG CG  HG2  sing N N 25  
ARG CG  HG3  sing N N 26  
ARG CD  NE   sing N N 27  
ARG CD  HD2  sing N N 28  
ARG CD  HD3  sing N N 29  
ARG NE  CZ   sing N N 30  
ARG NE  HE   sing N N 31  
ARG CZ  NH1  sing N N 32  
ARG CZ  NH2  doub N N 33  
ARG NH1 HH11 sing N N 34  
ARG NH1 HH12 sing N N 35  
ARG NH2 HH21 sing N N 36  
ARG NH2 HH22 sing N N 37  
ARG OXT HXT  sing N N 38  
ASN N   CA   sing N N 39  
ASN N   H    sing N N 40  
ASN N   H2   sing N N 41  
ASN CA  C    sing N N 42  
ASN CA  CB   sing N N 43  
ASN CA  HA   sing N N 44  
ASN C   O    doub N N 45  
ASN C   OXT  sing N N 46  
ASN CB  CG   sing N N 47  
ASN CB  HB2  sing N N 48  
ASN CB  HB3  sing N N 49  
ASN CG  OD1  doub N N 50  
ASN CG  ND2  sing N N 51  
ASN ND2 HD21 sing N N 52  
ASN ND2 HD22 sing N N 53  
ASN OXT HXT  sing N N 54  
ASP N   CA   sing N N 55  
ASP N   H    sing N N 56  
ASP N   H2   sing N N 57  
ASP CA  C    sing N N 58  
ASP CA  CB   sing N N 59  
ASP CA  HA   sing N N 60  
ASP C   O    doub N N 61  
ASP C   OXT  sing N N 62  
ASP CB  CG   sing N N 63  
ASP CB  HB2  sing N N 64  
ASP CB  HB3  sing N N 65  
ASP CG  OD1  doub N N 66  
ASP CG  OD2  sing N N 67  
ASP OD2 HD2  sing N N 68  
ASP OXT HXT  sing N N 69  
CYS N   CA   sing N N 70  
CYS N   H    sing N N 71  
CYS N   H2   sing N N 72  
CYS CA  C    sing N N 73  
CYS CA  CB   sing N N 74  
CYS CA  HA   sing N N 75  
CYS C   O    doub N N 76  
CYS C   OXT  sing N N 77  
CYS CB  SG   sing N N 78  
CYS CB  HB2  sing N N 79  
CYS CB  HB3  sing N N 80  
CYS SG  HG   sing N N 81  
CYS OXT HXT  sing N N 82  
GLN N   CA   sing N N 83  
GLN N   H    sing N N 84  
GLN N   H2   sing N N 85  
GLN CA  C    sing N N 86  
GLN CA  CB   sing N N 87  
GLN CA  HA   sing N N 88  
GLN C   O    doub N N 89  
GLN C   OXT  sing N N 90  
GLN CB  CG   sing N N 91  
GLN CB  HB2  sing N N 92  
GLN CB  HB3  sing N N 93  
GLN CG  CD   sing N N 94  
GLN CG  HG2  sing N N 95  
GLN CG  HG3  sing N N 96  
GLN CD  OE1  doub N N 97  
GLN CD  NE2  sing N N 98  
GLN NE2 HE21 sing N N 99  
GLN NE2 HE22 sing N N 100 
GLN OXT HXT  sing N N 101 
GLU N   CA   sing N N 102 
GLU N   H    sing N N 103 
GLU N   H2   sing N N 104 
GLU CA  C    sing N N 105 
GLU CA  CB   sing N N 106 
GLU CA  HA   sing N N 107 
GLU C   O    doub N N 108 
GLU C   OXT  sing N N 109 
GLU CB  CG   sing N N 110 
GLU CB  HB2  sing N N 111 
GLU CB  HB3  sing N N 112 
GLU CG  CD   sing N N 113 
GLU CG  HG2  sing N N 114 
GLU CG  HG3  sing N N 115 
GLU CD  OE1  doub N N 116 
GLU CD  OE2  sing N N 117 
GLU OE2 HE2  sing N N 118 
GLU OXT HXT  sing N N 119 
GLY N   CA   sing N N 120 
GLY N   H    sing N N 121 
GLY N   H2   sing N N 122 
GLY CA  C    sing N N 123 
GLY CA  HA2  sing N N 124 
GLY CA  HA3  sing N N 125 
GLY C   O    doub N N 126 
GLY C   OXT  sing N N 127 
GLY OXT HXT  sing N N 128 
HIS N   CA   sing N N 129 
HIS N   H    sing N N 130 
HIS N   H2   sing N N 131 
HIS CA  C    sing N N 132 
HIS CA  CB   sing N N 133 
HIS CA  HA   sing N N 134 
HIS C   O    doub N N 135 
HIS C   OXT  sing N N 136 
HIS CB  CG   sing N N 137 
HIS CB  HB2  sing N N 138 
HIS CB  HB3  sing N N 139 
HIS CG  ND1  sing Y N 140 
HIS CG  CD2  doub Y N 141 
HIS ND1 CE1  doub Y N 142 
HIS ND1 HD1  sing N N 143 
HIS CD2 NE2  sing Y N 144 
HIS CD2 HD2  sing N N 145 
HIS CE1 NE2  sing Y N 146 
HIS CE1 HE1  sing N N 147 
HIS NE2 HE2  sing N N 148 
HIS OXT HXT  sing N N 149 
HOH O   H1   sing N N 150 
HOH O   H2   sing N N 151 
ILE N   CA   sing N N 152 
ILE N   H    sing N N 153 
ILE N   H2   sing N N 154 
ILE CA  C    sing N N 155 
ILE CA  CB   sing N N 156 
ILE CA  HA   sing N N 157 
ILE C   O    doub N N 158 
ILE C   OXT  sing N N 159 
ILE CB  CG1  sing N N 160 
ILE CB  CG2  sing N N 161 
ILE CB  HB   sing N N 162 
ILE CG1 CD1  sing N N 163 
ILE CG1 HG12 sing N N 164 
ILE CG1 HG13 sing N N 165 
ILE CG2 HG21 sing N N 166 
ILE CG2 HG22 sing N N 167 
ILE CG2 HG23 sing N N 168 
ILE CD1 HD11 sing N N 169 
ILE CD1 HD12 sing N N 170 
ILE CD1 HD13 sing N N 171 
ILE OXT HXT  sing N N 172 
LEU N   CA   sing N N 173 
LEU N   H    sing N N 174 
LEU N   H2   sing N N 175 
LEU CA  C    sing N N 176 
LEU CA  CB   sing N N 177 
LEU CA  HA   sing N N 178 
LEU C   O    doub N N 179 
LEU C   OXT  sing N N 180 
LEU CB  CG   sing N N 181 
LEU CB  HB2  sing N N 182 
LEU CB  HB3  sing N N 183 
LEU CG  CD1  sing N N 184 
LEU CG  CD2  sing N N 185 
LEU CG  HG   sing N N 186 
LEU CD1 HD11 sing N N 187 
LEU CD1 HD12 sing N N 188 
LEU CD1 HD13 sing N N 189 
LEU CD2 HD21 sing N N 190 
LEU CD2 HD22 sing N N 191 
LEU CD2 HD23 sing N N 192 
LEU OXT HXT  sing N N 193 
LYS N   CA   sing N N 194 
LYS N   H    sing N N 195 
LYS N   H2   sing N N 196 
LYS CA  C    sing N N 197 
LYS CA  CB   sing N N 198 
LYS CA  HA   sing N N 199 
LYS C   O    doub N N 200 
LYS C   OXT  sing N N 201 
LYS CB  CG   sing N N 202 
LYS CB  HB2  sing N N 203 
LYS CB  HB3  sing N N 204 
LYS CG  CD   sing N N 205 
LYS CG  HG2  sing N N 206 
LYS CG  HG3  sing N N 207 
LYS CD  CE   sing N N 208 
LYS CD  HD2  sing N N 209 
LYS CD  HD3  sing N N 210 
LYS CE  NZ   sing N N 211 
LYS CE  HE2  sing N N 212 
LYS CE  HE3  sing N N 213 
LYS NZ  HZ1  sing N N 214 
LYS NZ  HZ2  sing N N 215 
LYS NZ  HZ3  sing N N 216 
LYS OXT HXT  sing N N 217 
MET N   CA   sing N N 218 
MET N   H    sing N N 219 
MET N   H2   sing N N 220 
MET CA  C    sing N N 221 
MET CA  CB   sing N N 222 
MET CA  HA   sing N N 223 
MET C   O    doub N N 224 
MET C   OXT  sing N N 225 
MET CB  CG   sing N N 226 
MET CB  HB2  sing N N 227 
MET CB  HB3  sing N N 228 
MET CG  SD   sing N N 229 
MET CG  HG2  sing N N 230 
MET CG  HG3  sing N N 231 
MET SD  CE   sing N N 232 
MET CE  HE1  sing N N 233 
MET CE  HE2  sing N N 234 
MET CE  HE3  sing N N 235 
MET OXT HXT  sing N N 236 
PHE N   CA   sing N N 237 
PHE N   H    sing N N 238 
PHE N   H2   sing N N 239 
PHE CA  C    sing N N 240 
PHE CA  CB   sing N N 241 
PHE CA  HA   sing N N 242 
PHE C   O    doub N N 243 
PHE C   OXT  sing N N 244 
PHE CB  CG   sing N N 245 
PHE CB  HB2  sing N N 246 
PHE CB  HB3  sing N N 247 
PHE CG  CD1  doub Y N 248 
PHE CG  CD2  sing Y N 249 
PHE CD1 CE1  sing Y N 250 
PHE CD1 HD1  sing N N 251 
PHE CD2 CE2  doub Y N 252 
PHE CD2 HD2  sing N N 253 
PHE CE1 CZ   doub Y N 254 
PHE CE1 HE1  sing N N 255 
PHE CE2 CZ   sing Y N 256 
PHE CE2 HE2  sing N N 257 
PHE CZ  HZ   sing N N 258 
PHE OXT HXT  sing N N 259 
PRO N   CA   sing N N 260 
PRO N   CD   sing N N 261 
PRO N   H    sing N N 262 
PRO CA  C    sing N N 263 
PRO CA  CB   sing N N 264 
PRO CA  HA   sing N N 265 
PRO C   O    doub N N 266 
PRO C   OXT  sing N N 267 
PRO CB  CG   sing N N 268 
PRO CB  HB2  sing N N 269 
PRO CB  HB3  sing N N 270 
PRO CG  CD   sing N N 271 
PRO CG  HG2  sing N N 272 
PRO CG  HG3  sing N N 273 
PRO CD  HD2  sing N N 274 
PRO CD  HD3  sing N N 275 
PRO OXT HXT  sing N N 276 
SER N   CA   sing N N 277 
SER N   H    sing N N 278 
SER N   H2   sing N N 279 
SER CA  C    sing N N 280 
SER CA  CB   sing N N 281 
SER CA  HA   sing N N 282 
SER C   O    doub N N 283 
SER C   OXT  sing N N 284 
SER CB  OG   sing N N 285 
SER CB  HB2  sing N N 286 
SER CB  HB3  sing N N 287 
SER OG  HG   sing N N 288 
SER OXT HXT  sing N N 289 
THR N   CA   sing N N 290 
THR N   H    sing N N 291 
THR N   H2   sing N N 292 
THR CA  C    sing N N 293 
THR CA  CB   sing N N 294 
THR CA  HA   sing N N 295 
THR C   O    doub N N 296 
THR C   OXT  sing N N 297 
THR CB  OG1  sing N N 298 
THR CB  CG2  sing N N 299 
THR CB  HB   sing N N 300 
THR OG1 HG1  sing N N 301 
THR CG2 HG21 sing N N 302 
THR CG2 HG22 sing N N 303 
THR CG2 HG23 sing N N 304 
THR OXT HXT  sing N N 305 
TYR N   CA   sing N N 306 
TYR N   H    sing N N 307 
TYR N   H2   sing N N 308 
TYR CA  C    sing N N 309 
TYR CA  CB   sing N N 310 
TYR CA  HA   sing N N 311 
TYR C   O    doub N N 312 
TYR C   OXT  sing N N 313 
TYR CB  CG   sing N N 314 
TYR CB  HB2  sing N N 315 
TYR CB  HB3  sing N N 316 
TYR CG  CD1  doub Y N 317 
TYR CG  CD2  sing Y N 318 
TYR CD1 CE1  sing Y N 319 
TYR CD1 HD1  sing N N 320 
TYR CD2 CE2  doub Y N 321 
TYR CD2 HD2  sing N N 322 
TYR CE1 CZ   doub Y N 323 
TYR CE1 HE1  sing N N 324 
TYR CE2 CZ   sing Y N 325 
TYR CE2 HE2  sing N N 326 
TYR CZ  OH   sing N N 327 
TYR OH  HH   sing N N 328 
TYR OXT HXT  sing N N 329 
VAL N   CA   sing N N 330 
VAL N   H    sing N N 331 
VAL N   H2   sing N N 332 
VAL CA  C    sing N N 333 
VAL CA  CB   sing N N 334 
VAL CA  HA   sing N N 335 
VAL C   O    doub N N 336 
VAL C   OXT  sing N N 337 
VAL CB  CG1  sing N N 338 
VAL CB  CG2  sing N N 339 
VAL CB  HB   sing N N 340 
VAL CG1 HG11 sing N N 341 
VAL CG1 HG12 sing N N 342 
VAL CG1 HG13 sing N N 343 
VAL CG2 HG21 sing N N 344 
VAL CG2 HG22 sing N N 345 
VAL CG2 HG23 sing N N 346 
VAL OXT HXT  sing N N 347 
# 
_atom_sites.entry_id                    3BZZ 
_atom_sites.fract_transf_matrix[1][1]   0.02520990 
_atom_sites.fract_transf_matrix[1][2]   0.00343330 
_atom_sites.fract_transf_matrix[1][3]   -0.01932883 
_atom_sites.fract_transf_matrix[2][1]   0.00949312 
_atom_sites.fract_transf_matrix[2][2]   0.01124377 
_atom_sites.fract_transf_matrix[2][3]   0.01437873 
_atom_sites.fract_transf_matrix[3][1]   0.00649476 
_atom_sites.fract_transf_matrix[3][2]   -0.01329603 
_atom_sites.fract_transf_matrix[3][3]   0.00610916 
_atom_sites.fract_transf_vector[1]      -0.126852 
_atom_sites.fract_transf_vector[2]      -0.084697 
_atom_sites.fract_transf_vector[3]      0.284234 
# 
loop_
_atom_type.symbol 
C 
N 
O 
S 
# 
loop_
_atom_site.group_PDB 
_atom_site.id 
_atom_site.type_symbol 
_atom_site.label_atom_id 
_atom_site.label_alt_id 
_atom_site.label_comp_id 
_atom_site.label_asym_id 
_atom_site.label_entity_id 
_atom_site.label_seq_id 
_atom_site.pdbx_PDB_ins_code 
_atom_site.Cartn_x 
_atom_site.Cartn_y 
_atom_site.Cartn_z 
_atom_site.occupancy 
_atom_site.B_iso_or_equiv 
_atom_site.pdbx_formal_charge 
_atom_site.auth_seq_id 
_atom_site.auth_comp_id 
_atom_site.auth_asym_id 
_atom_site.auth_atom_id 
_atom_site.pdbx_PDB_model_num 
ATOM   1   N N   . ILE A 1 36 ? 13.738  -10.251 10.635  1.00 11.60 ? 244 ILE A N   1 
ATOM   2   C CA  . ILE A 1 36 ? 12.752  -10.037 11.736  1.00 11.67 ? 244 ILE A CA  1 
ATOM   3   C C   . ILE A 1 36 ? 12.024  -8.688  11.587  1.00 11.59 ? 244 ILE A C   1 
ATOM   4   O O   . ILE A 1 36 ? 12.667  -7.627  11.560  1.00 11.84 ? 244 ILE A O   1 
ATOM   5   C CB  . ILE A 1 36 ? 13.443  -10.145 13.117  1.00 11.88 ? 244 ILE A CB  1 
ATOM   6   C CG1 . ILE A 1 36 ? 12.480  -9.800  14.264  1.00 11.65 ? 244 ILE A CG1 1 
ATOM   7   C CG2 . ILE A 1 36 ? 14.672  -9.240  13.170  1.00 12.65 ? 244 ILE A CG2 1 
ATOM   8   C CD1 . ILE A 1 36 ? 11.124  -10.498 14.181  1.00 12.51 ? 244 ILE A CD1 1 
ATOM   9   N N   . GLN A 1 37 ? 10.690  -8.727  11.523  1.00 10.99 ? 245 GLN A N   1 
ATOM   10  C CA  . GLN A 1 37 ? 9.904   -7.517  11.240  1.00 10.97 ? 245 GLN A CA  1 
ATOM   11  C C   . GLN A 1 37 ? 10.143  -6.434  12.288  1.00 11.11 ? 245 GLN A C   1 
ATOM   12  O O   . GLN A 1 37 ? 10.489  -6.724  13.438  1.00 10.94 ? 245 GLN A O   1 
ATOM   13  C CB  . GLN A 1 37 ? 8.400   -7.815  11.127  1.00 10.68 ? 245 GLN A CB  1 
ATOM   14  C CG  . GLN A 1 37 ? 7.663   -8.059  12.451  1.00 10.99 ? 245 GLN A CG  1 
ATOM   15  C CD  . GLN A 1 37 ? 6.301   -8.757  12.264  1.00 9.99  ? 245 GLN A CD  1 
ATOM   16  O OE1 . GLN A 1 37 ? 6.227   -9.879  11.751  1.00 8.92  ? 245 GLN A OE1 1 
ATOM   17  N NE2 . GLN A 1 37 ? 5.233   -8.106  12.713  1.00 10.03 ? 245 GLN A NE2 1 
ATOM   18  N N   . SER A 1 38 ? 9.954   -5.185  11.876  1.00 11.41 ? 246 SER A N   1 
ATOM   19  C CA  . SER A 1 38 ? 10.098  -4.059  12.786  1.00 11.64 ? 246 SER A CA  1 
ATOM   20  C C   . SER A 1 38 ? 8.875   -4.002  13.693  1.00 11.49 ? 246 SER A C   1 
ATOM   21  O O   . SER A 1 38 ? 7.787   -4.440  13.310  1.00 11.54 ? 246 SER A O   1 
ATOM   22  C CB  . SER A 1 38 ? 10.188  -2.763  11.999  1.00 12.22 ? 246 SER A CB  1 
ATOM   23  O OG  . SER A 1 38 ? 8.930   -2.492  11.424  1.00 15.03 ? 246 SER A OG  1 
ATOM   24  N N   . GLY A 1 39 ? 9.052   -3.424  14.880  1.00 11.49 ? 247 GLY A N   1 
ATOM   25  C CA  . GLY A 1 39 ? 7.946   -3.232  15.816  1.00 11.50 ? 247 GLY A CA  1 
ATOM   26  C C   . GLY A 1 39 ? 6.775   -2.408  15.297  1.00 11.96 ? 247 GLY A C   1 
ATOM   27  O O   . GLY A 1 39 ? 5.681   -2.491  15.842  1.00 13.99 ? 247 GLY A O   1 
ATOM   28  N N   . SER A 1 40 ? 6.986   -1.617  14.246  1.00 10.99 ? 248 SER A N   1 
ATOM   29  C CA  . SER A 1 40 ? 5.937   -0.742  13.716  1.00 10.41 ? 248 SER A CA  1 
ATOM   30  C C   . SER A 1 40 ? 5.130   -1.372  12.573  1.00 9.54  ? 248 SER A C   1 
ATOM   31  O O   . SER A 1 40 ? 4.126   -0.815  12.116  1.00 10.01 ? 248 SER A O   1 
ATOM   32  C CB  . SER A 1 40 ? 6.574   0.545   13.207  1.00 10.68 ? 248 SER A CB  1 
ATOM   33  O OG  . SER A 1 40 ? 7.607   0.250   12.285  1.00 12.87 ? 248 SER A OG  1 
ATOM   34  N N   . LEU A 1 41 ? 5.560   -2.525  12.087  1.00 8.13  ? 249 LEU A N   1 
ATOM   35  C CA  . LEU A 1 41 ? 4.951   -3.086  10.892  1.00 7.74  ? 249 LEU A CA  1 
ATOM   36  C C   . LEU A 1 41 ? 3.465   -3.330  11.079  1.00 7.60  ? 249 LEU A C   1 
ATOM   37  O O   . LEU A 1 41 ? 2.646   -2.940  10.245  1.00 8.00  ? 249 LEU A O   1 
ATOM   38  C CB  . LEU A 1 41 ? 5.661   -4.388  10.470  1.00 6.97  ? 249 LEU A CB  1 
ATOM   39  C CG  . LEU A 1 41 ? 5.196   -5.029  9.163   1.00 5.73  ? 249 LEU A CG  1 
ATOM   40  C CD1 . LEU A 1 41 ? 5.404   -4.039  7.994   1.00 6.71  ? 249 LEU A CD1 1 
ATOM   41  C CD2 . LEU A 1 41 ? 5.920   -6.348  8.886   1.00 6.23  ? 249 LEU A CD2 1 
ATOM   42  N N   . ALA A 1 42 ? 3.108   -4.033  12.140  1.00 7.82  ? 250 ALA A N   1 
ATOM   43  C CA  . ALA A 1 42 ? 1.717   -4.413  12.356  1.00 8.13  ? 250 ALA A CA  1 
ATOM   44  C C   . ALA A 1 42 ? 0.829   -3.169  12.500  1.00 8.26  ? 250 ALA A C   1 
ATOM   45  O O   . ALA A 1 42 ? -0.267  -3.114  11.932  1.00 8.30  ? 250 ALA A O   1 
ATOM   46  C CB  . ALA A 1 42 ? 1.593   -5.327  13.580  1.00 8.06  ? 250 ALA A CB  1 
ATOM   47  N N   . ASN A 1 43 ? 1.312   -2.162  13.234  1.00 8.45  ? 251 ASN A N   1 
ATOM   48  C CA  . ASN A 1 43 ? 0.539   -0.935  13.417  1.00 8.49  ? 251 ASN A CA  1 
ATOM   49  C C   . ASN A 1 43 ? 0.319   -0.219  12.088  1.00 8.01  ? 251 ASN A C   1 
ATOM   50  O O   . ASN A 1 43 ? -0.760  0.315   11.841  1.00 9.07  ? 251 ASN A O   1 
ATOM   51  C CB  . ASN A 1 43 ? 1.233   0.017   14.413  1.00 8.36  ? 251 ASN A CB  1 
ATOM   52  C CG  . ASN A 1 43 ? 0.323   1.150   14.898  1.00 10.49 ? 251 ASN A CG  1 
ATOM   53  O OD1 . ASN A 1 43 ? -0.788  0.908   15.383  1.00 15.77 ? 251 ASN A OD1 1 
ATOM   54  N ND2 . ASN A 1 43 ? 0.812   2.390   14.815  1.00 11.94 ? 251 ASN A ND2 1 
ATOM   55  N N   . ASN A 1 44 ? 1.338   -0.204  11.234  1.00 7.38  ? 252 ASN A N   1 
ATOM   56  C CA  . ASN A 1 44 ? 1.200   0.418   9.920   1.00 7.23  ? 252 ASN A CA  1 
ATOM   57  C C   . ASN A 1 44 ? 0.198   -0.311  9.031   1.00 7.79  ? 252 ASN A C   1 
ATOM   58  O O   . ASN A 1 44 ? -0.597  0.317   8.336   1.00 8.01  ? 252 ASN A O   1 
ATOM   59  C CB  . ASN A 1 44 ? 2.551   0.495   9.215   1.00 6.71  ? 252 ASN A CB  1 
ATOM   60  C CG  . ASN A 1 44 ? 3.457   1.577   9.782   1.00 7.36  ? 252 ASN A CG  1 
ATOM   61  O OD1 . ASN A 1 44 ? 2.998   2.546   10.397  1.00 7.99  ? 252 ASN A OD1 1 
ATOM   62  N ND2 . ASN A 1 44 ? 4.759   1.428   9.550   1.00 7.46  ? 252 ASN A ND2 1 
ATOM   63  N N   . ILE A 1 45 ? 0.229   -1.643  9.056   1.00 6.98  ? 253 ILE A N   1 
ATOM   64  C CA  . ILE A 1 45 ? -0.760  -2.421  8.321   1.00 6.75  ? 253 ILE A CA  1 
ATOM   65  C C   . ILE A 1 45 ? -2.181  -2.116  8.829   1.00 6.50  ? 253 ILE A C   1 
ATOM   66  O O   . ILE A 1 45 ? -3.094  -1.866  8.039   1.00 7.14  ? 253 ILE A O   1 
ATOM   67  C CB  . ILE A 1 45 ? -0.409  -3.919  8.398   1.00 6.81  ? 253 ILE A CB  1 
ATOM   68  C CG1 . ILE A 1 45 ? 0.909   -4.161  7.650   1.00 7.45  ? 253 ILE A CG1 1 
ATOM   69  C CG2 . ILE A 1 45 ? -1.518  -4.764  7.816   1.00 6.60  ? 253 ILE A CG2 1 
ATOM   70  C CD1 . ILE A 1 45 ? 1.546   -5.501  7.896   1.00 7.86  ? 253 ILE A CD1 1 
ATOM   71  N N   . LYS A 1 46 ? -2.363  -2.114  10.144  1.00 6.99  ? 254 LYS A N   1 
ATOM   72  C CA  . LYS A 1 46 ? -3.691  -1.929  10.711  1.00 7.17  ? 254 LYS A CA  1 
ATOM   73  C C   . LYS A 1 46 ? -4.264  -0.567  10.386  1.00 7.14  ? 254 LYS A C   1 
ATOM   74  O O   . LYS A 1 46 ? -5.490  -0.421  10.333  1.00 7.72  ? 254 LYS A O   1 
ATOM   75  C CB  . LYS A 1 46 ? -3.652  -2.111  12.214  1.00 7.51  ? 254 LYS A CB  1 
ATOM   76  C CG  . LYS A 1 46 ? -3.436  -3.545  12.604  1.00 8.01  ? 254 LYS A CG  1 
ATOM   77  C CD  . LYS A 1 46 ? -3.219  -3.644  14.095  1.00 8.06  ? 254 LYS A CD  1 
ATOM   78  C CE  . LYS A 1 46 ? -3.061  -5.065  14.582  1.00 9.86  ? 254 LYS A CE  1 
ATOM   79  N NZ  . LYS A 1 46 ? -2.988  -5.111  16.068  1.00 10.52 ? 254 LYS A NZ  1 
ATOM   80  N N   . LYS A 1 47 ? -3.381  0.427   10.230  1.00 7.17  ? 255 LYS A N   1 
ATOM   81  C CA  . LYS A 1 47 ? -3.741  1.813   9.881   1.00 7.47  ? 255 LYS A CA  1 
ATOM   82  C C   . LYS A 1 47 ? -4.076  1.989   8.407   1.00 5.87  ? 255 LYS A C   1 
ATOM   83  O O   . LYS A 1 47 ? -4.702  2.985   8.014   1.00 5.40  ? 255 LYS A O   1 
ATOM   84  C CB  . LYS A 1 47 ? -2.556  2.738   10.255  1.00 7.94  ? 255 LYS A CB  1 
ATOM   85  C CG  . LYS A 1 47 ? -2.651  4.144   9.825   1.00 10.85 ? 255 LYS A CG  1 
ATOM   86  C CD  . LYS A 1 47 ? -1.633  4.956   10.574  1.00 10.01 ? 255 LYS A CD  1 
ATOM   87  C CE  . LYS A 1 47 ? -1.938  6.417   10.540  1.00 12.57 ? 255 LYS A CE  1 
ATOM   88  N NZ  . LYS A 1 47 ? -0.976  7.156   11.367  1.00 14.36 ? 255 LYS A NZ  1 
ATOM   89  N N   . SER A 1 48 ? -3.664  1.036   7.580   1.00 5.34  ? 256 SER A N   1 
ATOM   90  C CA  . SER A 1 48 ? -3.738  1.209   6.132   1.00 6.51  ? 256 SER A CA  1 
ATOM   91  C C   . SER A 1 48 ? -5.152  1.205   5.622   1.00 6.20  ? 256 SER A C   1 
ATOM   92  O O   . SER A 1 48 ? -6.028  0.527   6.152   1.00 6.31  ? 256 SER A O   1 
ATOM   93  C CB  . SER A 1 48 ? -2.948  0.123   5.417   1.00 7.06  ? 256 SER A CB  1 
ATOM   94  O OG  . SER A 1 48 ? -1.560  0.249   5.678   1.00 8.66  ? 256 SER A OG  1 
ATOM   95  N N   . THR A 1 49 ? -5.366  1.991   4.577   1.00 5.22  ? 257 THR A N   1 
ATOM   96  C CA  . THR A 1 49 ? -6.649  2.063   3.919   1.00 5.75  ? 257 THR A CA  1 
ATOM   97  C C   . THR A 1 49 ? -6.767  0.918   2.901   1.00 5.61  ? 257 THR A C   1 
ATOM   98  O O   . THR A 1 49 ? -7.811  0.284   2.780   1.00 5.43  ? 257 THR A O   1 
ATOM   99  C CB  . THR A 1 49 ? -6.768  3.416   3.195   1.00 5.85  ? 257 THR A CB  1 
ATOM   100 O OG1 . THR A 1 49 ? -6.506  4.480   4.133   1.00 7.11  ? 257 THR A OG1 1 
ATOM   101 C CG2 . THR A 1 49 ? -8.142  3.577   2.564   1.00 7.42  ? 257 THR A CG2 1 
ATOM   102 N N   . VAL A 1 50 ? -5.682  0.670   2.172   1.00 6.02  ? 258 VAL A N   1 
ATOM   103 C CA  . VAL A 1 50 ? -5.631  -0.423  1.208   1.00 6.30  ? 258 VAL A CA  1 
ATOM   104 C C   . VAL A 1 50 ? -4.185  -0.789  0.994   1.00 6.32  ? 258 VAL A C   1 
ATOM   105 O O   . VAL A 1 50 ? -3.293  0.052   1.108   1.00 6.65  ? 258 VAL A O   1 
ATOM   106 C CB  . VAL A 1 50 ? -6.289  -0.030  -0.128  1.00 6.92  ? 258 VAL A CB  1 
ATOM   107 C CG1 . VAL A 1 50 ? -5.529  1.106   -0.821  1.00 8.60  ? 258 VAL A CG1 1 
ATOM   108 C CG2 . VAL A 1 50 ? -6.422  -1.239  -1.067  1.00 7.79  ? 258 VAL A CG2 1 
ATOM   109 N N   . ILE A 1 51 ? -3.968  -2.058  0.710   1.00 6.25  ? 259 ILE A N   1 
ATOM   110 C CA  . ILE A 1 51 ? -2.666  -2.577  0.359   1.00 6.71  ? 259 ILE A CA  1 
ATOM   111 C C   . ILE A 1 51 ? -2.730  -3.092  -1.072  1.00 5.54  ? 259 ILE A C   1 
ATOM   112 O O   . ILE A 1 51 ? -3.659  -3.794  -1.440  1.00 5.96  ? 259 ILE A O   1 
ATOM   113 C CB  . ILE A 1 51 ? -2.241  -3.635  1.359   1.00 7.36  ? 259 ILE A CB  1 
ATOM   114 C CG1 . ILE A 1 51 ? -2.072  -2.942  2.727   1.00 7.58  ? 259 ILE A CG1 1 
ATOM   115 C CG2 . ILE A 1 51 ? -0.985  -4.367  0.894   1.00 8.53  ? 259 ILE A CG2 1 
ATOM   116 C CD1 . ILE A 1 51 ? -1.915  -3.826  3.880   1.00 9.72  ? 259 ILE A CD1 1 
ATOM   117 N N   . VAL A 1 52 ? -1.752  -2.700  -1.887  1.00 5.84  ? 260 VAL A N   1 
ATOM   118 C CA  . VAL A 1 52 ? -1.704  -3.167  -3.274  1.00 5.91  ? 260 VAL A CA  1 
ATOM   119 C C   . VAL A 1 52 ? -0.469  -4.041  -3.439  1.00 4.93  ? 260 VAL A C   1 
ATOM   120 O O   . VAL A 1 52 ? 0.617   -3.713  -2.930  1.00 5.87  ? 260 VAL A O   1 
ATOM   121 C CB  . VAL A 1 52 ? -1.757  -2.017  -4.285  1.00 6.90  ? 260 VAL A CB  1 
ATOM   122 C CG1 . VAL A 1 52 ? -0.591  -1.128  -4.205  1.00 8.84  ? 260 VAL A CG1 1 
ATOM   123 C CG2 . VAL A 1 52 ? -1.911  -2.543  -5.701  1.00 7.68  ? 260 VAL A CG2 1 
ATOM   124 N N   . LYS A 1 53 ? -0.648  -5.191  -4.075  1.00 4.65  ? 261 LYS A N   1 
ATOM   125 C CA  . LYS A 1 53 ? 0.429   -6.151  -4.275  1.00 5.33  ? 261 LYS A CA  1 
ATOM   126 C C   . LYS A 1 53 ? 0.618   -6.509  -5.745  1.00 4.43  ? 261 LYS A C   1 
ATOM   127 O O   . LYS A 1 53 ? -0.281  -6.352  -6.572  1.00 3.84  ? 261 LYS A O   1 
ATOM   128 C CB  . LYS A 1 53 ? 0.184   -7.437  -3.468  1.00 5.39  ? 261 LYS A CB  1 
ATOM   129 C CG  . LYS A 1 53 ? -1.017  -8.221  -3.917  1.00 5.10  ? 261 LYS A CG  1 
ATOM   130 C CD  . LYS A 1 53 ? -1.156  -9.590  -3.206  1.00 6.51  ? 261 LYS A CD  1 
ATOM   131 C CE  . LYS A 1 53 ? -2.243  -10.392 -3.825  1.00 8.26  ? 261 LYS A CE  1 
ATOM   132 N NZ  . LYS A 1 53 ? -2.380  -11.758 -3.166  1.00 10.73 ? 261 LYS A NZ  1 
ATOM   133 N N   . ASN A 1 54 ? 1.799   -7.018  -6.074  1.00 5.37  ? 262 ASN A N   1 
ATOM   134 C CA  . ASN A 1 54 ? 2.027   -7.636  -7.378  1.00 5.35  ? 262 ASN A CA  1 
ATOM   135 C C   . ASN A 1 54 ? 1.737   -9.129  -7.284  1.00 6.75  ? 262 ASN A C   1 
ATOM   136 O O   . ASN A 1 54 ? 2.218   -9.969  -8.066  1.00 5.80  ? 262 ASN A O   1 
ATOM   137 C CB  . ASN A 1 54 ? 3.448   -7.368  -7.918  1.00 4.70  ? 262 ASN A CB  1 
ATOM   138 C CG  . ASN A 1 54 ? 4.497   -8.126  -7.182  1.00 4.92  ? 262 ASN A CG  1 
ATOM   139 O OD1 . ASN A 1 54 ? 4.244   -8.643  -6.104  1.00 4.92  ? 262 ASN A OD1 1 
ATOM   140 N ND2 . ASN A 1 54 ? 5.684   -8.185  -7.745  1.00 5.64  ? 262 ASN A ND2 1 
ATOM   141 O OXT . ASN A 1 54 ? 0.954   -9.523  -6.400  1.00 8.76  ? 262 ASN A OXT 1 
ATOM   142 N N   . PRO B 2 1  ? 11.080  -6.610  -7.970  1.00 8.60  ? 263 PRO B N   1 
ATOM   143 C CA  . PRO B 2 1  ? 11.246  -7.829  -7.152  1.00 7.56  ? 263 PRO B CA  1 
ATOM   144 C C   . PRO B 2 1  ? 10.130  -8.820  -7.407  1.00 7.22  ? 263 PRO B C   1 
ATOM   145 O O   . PRO B 2 1  ? 9.063   -8.415  -7.891  1.00 7.78  ? 263 PRO B O   1 
ATOM   146 C CB  . PRO B 2 1  ? 11.147  -7.290  -5.712  1.00 8.04  ? 263 PRO B CB  1 
ATOM   147 C CG  . PRO B 2 1  ? 11.353  -5.801  -5.824  1.00 8.90  ? 263 PRO B CG  1 
ATOM   148 C CD  . PRO B 2 1  ? 10.773  -5.438  -7.136  1.00 9.93  ? 263 PRO B CD  1 
ATOM   149 N N   . THR B 2 2  ? 10.315  -10.071 -7.020  1.00 6.75  ? 264 THR B N   1 
ATOM   150 C CA  . THR B 2 2  ? 9.269   -11.074 -7.194  1.00 5.72  ? 264 THR B CA  1 
ATOM   151 C C   . THR B 2 2  ? 7.989   -10.743 -6.428  1.00 5.42  ? 264 THR B C   1 
ATOM   152 O O   . THR B 2 2  ? 6.898   -10.934 -6.944  1.00 5.67  ? 264 THR B O   1 
ATOM   153 C CB  . THR B 2 2  ? 9.756   -12.455 -6.778  1.00 6.46  ? 264 THR B CB  1 
ATOM   154 O OG1 . THR B 2 2  ? 10.901  -12.755 -7.563  1.00 9.03  ? 264 THR B OG1 1 
ATOM   155 C CG2 . THR B 2 2  ? 8.672   -13.526 -6.996  1.00 6.52  ? 264 THR B CG2 1 
ATOM   156 N N   . HIS B 2 3  ? 8.117   -10.260 -5.199  1.00 4.39  ? 265 HIS B N   1 
ATOM   157 C CA  . HIS B 2 3  ? 6.962   -9.819  -4.418  1.00 4.89  ? 265 HIS B CA  1 
ATOM   158 C C   . HIS B 2 3  ? 7.112   -8.379  -4.012  1.00 4.89  ? 265 HIS B C   1 
ATOM   159 O O   . HIS B 2 3  ? 8.180   -7.963  -3.601  1.00 4.87  ? 265 HIS B O   1 
ATOM   160 C CB  . HIS B 2 3  ? 6.763   -10.669 -3.168  1.00 5.80  ? 265 HIS B CB  1 
ATOM   161 C CG  . HIS B 2 3  ? 6.662   -12.125 -3.453  1.00 7.65  ? 265 HIS B CG  1 
ATOM   162 N ND1 . HIS B 2 3  ? 5.624   -12.663 -4.179  1.00 9.67  ? 265 HIS B ND1 1 
ATOM   163 C CD2 . HIS B 2 3  ? 7.492   -13.145 -3.145  1.00 9.16  ? 265 HIS B CD2 1 
ATOM   164 C CE1 . HIS B 2 3  ? 5.800   -13.972 -4.265  1.00 6.41  ? 265 HIS B CE1 1 
ATOM   165 N NE2 . HIS B 2 3  ? 6.936   -14.287 -3.665  1.00 8.77  ? 265 HIS B NE2 1 
ATOM   166 N N   . ILE B 2 4  ? 5.998   -7.668  -4.092  1.00 4.43  ? 266 ILE B N   1 
ATOM   167 C CA  . ILE B 2 4  ? 5.879   -6.263  -3.685  1.00 5.29  ? 266 ILE B CA  1 
ATOM   168 C C   . ILE B 2 4  ? 4.570   -6.072  -2.931  1.00 4.90  ? 266 ILE B C   1 
ATOM   169 O O   . ILE B 2 4  ? 3.525   -6.600  -3.339  1.00 5.99  ? 266 ILE B O   1 
ATOM   170 C CB  . ILE B 2 4  ? 5.813   -5.349  -4.931  1.00 5.38  ? 266 ILE B CB  1 
ATOM   171 C CG1 . ILE B 2 4  ? 7.116   -5.405  -5.737  1.00 6.38  ? 266 ILE B CG1 1 
ATOM   172 C CG2 . ILE B 2 4  ? 5.394   -3.909  -4.508  1.00 5.68  ? 266 ILE B CG2 1 
ATOM   173 C CD1 . ILE B 2 4  ? 7.051   -4.689  -7.092  1.00 6.02  ? 266 ILE B CD1 1 
ATOM   174 N N   . ALA B 2 5  ? 4.616   -5.277  -1.862  1.00 5.03  ? 267 ALA B N   1 
ATOM   175 C CA  . ALA B 2 5  ? 3.384   -4.851  -1.171  1.00 5.45  ? 267 ALA B CA  1 
ATOM   176 C C   . ALA B 2 5  ? 3.559   -3.387  -0.822  1.00 5.16  ? 267 ALA B C   1 
ATOM   177 O O   . ALA B 2 5  ? 4.585   -2.994  -0.267  1.00 5.78  ? 267 ALA B O   1 
ATOM   178 C CB  . ALA B 2 5  ? 3.117   -5.647  0.068   1.00 6.50  ? 267 ALA B CB  1 
ATOM   179 N N   . ILE B 2 6  ? 2.554   -2.580  -1.154  1.00 4.85  ? 268 ILE B N   1 
ATOM   180 C CA  . ILE B 2 6  ? 2.523   -1.142  -0.840  1.00 5.49  ? 268 ILE B CA  1 
ATOM   181 C C   . ILE B 2 6  ? 1.308   -0.860  0.029   1.00 6.11  ? 268 ILE B C   1 
ATOM   182 O O   . ILE B 2 6  ? 0.181   -1.152  -0.356  1.00 6.95  ? 268 ILE B O   1 
ATOM   183 C CB  . ILE B 2 6  ? 2.390   -0.299  -2.116  1.00 5.62  ? 268 ILE B CB  1 
ATOM   184 C CG1 . ILE B 2 6  ? 3.437   -0.670  -3.185  1.00 5.86  ? 268 ILE B CG1 1 
ATOM   185 C CG2 . ILE B 2 6  ? 2.420   1.212   -1.800  1.00 5.36  ? 268 ILE B CG2 1 
ATOM   186 C CD1 . ILE B 2 6  ? 4.838   -0.412  -2.831  1.00 7.89  ? 268 ILE B CD1 1 
ATOM   187 N N   . CYS B 2 7  ? 1.543   -0.221  1.174   1.00 5.29  ? 269 CYS B N   1 
ATOM   188 C CA  . CYS B 2 7  ? 0.481   0.157   2.102   1.00 5.79  ? 269 CYS B CA  1 
ATOM   189 C C   . CYS B 2 7  ? 0.172   1.620   1.953   1.00 5.08  ? 269 CYS B C   1 
ATOM   190 O O   . CYS B 2 7  ? 1.030   2.454   2.208   1.00 5.17  ? 269 CYS B O   1 
ATOM   191 C CB  . CYS B 2 7  ? 0.908   -0.113  3.546   1.00 5.46  ? 269 CYS B CB  1 
ATOM   192 S SG  . CYS B 2 7  ? 1.340   -1.857  3.882   1.00 7.83  ? 269 CYS B SG  1 
ATOM   193 N N   . LEU B 2 8  ? -1.065  1.891   1.555   1.00 4.70  ? 270 LEU B N   1 
ATOM   194 C CA  . LEU B 2 8  ? -1.559  3.241   1.311   1.00 5.39  ? 270 LEU B CA  1 
ATOM   195 C C   . LEU B 2 8  ? -2.499  3.672   2.408   1.00 4.82  ? 270 LEU B C   1 
ATOM   196 O O   . LEU B 2 8  ? -3.368  2.924   2.870   1.00 5.58  ? 270 LEU B O   1 
ATOM   197 C CB  . LEU B 2 8  ? -2.292  3.273   -0.045  1.00 5.49  ? 270 LEU B CB  1 
ATOM   198 C CG  . LEU B 2 8  ? -1.335  3.144   -1.241  1.00 7.42  ? 270 LEU B CG  1 
ATOM   199 C CD1 . LEU B 2 8  ? -2.099  2.565   -2.441  1.00 9.99  ? 270 LEU B CD1 1 
ATOM   200 C CD2 . LEU B 2 8  ? -0.673  4.485   -1.591  1.00 8.84  ? 270 LEU B CD2 1 
ATOM   201 N N   . TYR B 2 9  ? -2.331  4.933   2.798   1.00 6.44  ? 271 TYR B N   1 
ATOM   202 C CA  . TYR B 2 9  ? -3.129  5.552   3.834   1.00 6.70  ? 271 TYR B CA  1 
ATOM   203 C C   . TYR B 2 9  ? -3.730  6.849   3.333   1.00 6.60  ? 271 TYR B C   1 
ATOM   204 O O   . TYR B 2 9  ? -3.028  7.700   2.799   1.00 8.31  ? 271 TYR B O   1 
ATOM   205 C CB  . TYR B 2 9  ? -2.255  5.851   5.053   1.00 7.74  ? 271 TYR B CB  1 
ATOM   206 C CG  . TYR B 2 9  ? -2.945  6.581   6.168   1.00 6.88  ? 271 TYR B CG  1 
ATOM   207 C CD1 . TYR B 2 9  ? -2.596  7.886   6.502   1.00 8.75  ? 271 TYR B CD1 1 
ATOM   208 C CD2 . TYR B 2 9  ? -3.949  5.971   6.915   1.00 9.86  ? 271 TYR B CD2 1 
ATOM   209 C CE1 . TYR B 2 9  ? -3.212  8.537   7.529   1.00 9.03  ? 271 TYR B CE1 1 
ATOM   210 C CE2 . TYR B 2 9  ? -4.582  6.628   7.955   1.00 10.13 ? 271 TYR B CE2 1 
ATOM   211 C CZ  . TYR B 2 9  ? -4.215  7.927   8.249   1.00 8.49  ? 271 TYR B CZ  1 
ATOM   212 O OH  . TYR B 2 9  ? -4.829  8.606   9.282   1.00 10.38 ? 271 TYR B OH  1 
ATOM   213 N N   . TYR B 2 10 ? -5.040  6.977   3.512   1.00 7.87  ? 272 TYR B N   1 
ATOM   214 C CA  . TYR B 2 10 ? -5.746  8.201   3.127   1.00 8.09  ? 272 TYR B CA  1 
ATOM   215 C C   . TYR B 2 10 ? -6.781  8.491   4.199   1.00 8.30  ? 272 TYR B C   1 
ATOM   216 O O   . TYR B 2 10 ? -7.554  7.622   4.580   1.00 8.48  ? 272 TYR B O   1 
ATOM   217 C CB  . TYR B 2 10 ? -6.425  8.017   1.770   1.00 9.40  ? 272 TYR B CB  1 
ATOM   218 C CG  . TYR B 2 10 ? -7.241  9.197   1.346   1.00 9.09  ? 272 TYR B CG  1 
ATOM   219 C CD1 . TYR B 2 10 ? -6.662  10.247  0.652   1.00 10.93 ? 272 TYR B CD1 1 
ATOM   220 C CD2 . TYR B 2 10 ? -8.606  9.267   1.631   1.00 11.89 ? 272 TYR B CD2 1 
ATOM   221 C CE1 . TYR B 2 10 ? -7.422  11.350  0.247   1.00 11.87 ? 272 TYR B CE1 1 
ATOM   222 C CE2 . TYR B 2 10 ? -9.371  10.363  1.234   1.00 12.09 ? 272 TYR B CE2 1 
ATOM   223 C CZ  . TYR B 2 10 ? -8.773  11.401  0.555   1.00 11.81 ? 272 TYR B CZ  1 
ATOM   224 O OH  . TYR B 2 10 ? -9.556  12.475  0.160   1.00 13.18 ? 272 TYR B OH  1 
ATOM   225 N N   . LYS B 2 11 ? -6.775  9.722   4.702   1.00 7.66  ? 273 LYS B N   1 
ATOM   226 C CA  . LYS B 2 11 ? -7.758  10.153  5.680   1.00 7.76  ? 273 LYS B CA  1 
ATOM   227 C C   . LYS B 2 11 ? -8.148  11.575  5.316   1.00 7.38  ? 273 LYS B C   1 
ATOM   228 O O   . LYS B 2 11 ? -7.306  12.504  5.321   1.00 7.83  ? 273 LYS B O   1 
ATOM   229 C CB  . LYS B 2 11 ? -7.209  10.111  7.101   1.00 8.61  ? 273 LYS B CB  1 
ATOM   230 C CG  . LYS B 2 11 ? -8.250  10.487  8.166   1.00 10.04 ? 273 LYS B CG  1 
ATOM   231 C CD  . LYS B 2 11 ? -9.256  9.377   8.444   1.00 15.10 ? 273 LYS B CD  1 
ATOM   232 C CE  . LYS B 2 11 ? -8.714  8.358   9.437   0.01 13.99 ? 273 LYS B CE  1 
ATOM   233 N NZ  . LYS B 2 11 ? -8.594  8.917   10.813  0.01 14.34 ? 273 LYS B NZ  1 
ATOM   234 N N   . LEU B 2 12 ? -9.403  11.743  4.918   1.00 7.11  ? 274 LEU B N   1 
ATOM   235 C CA  . LEU B 2 12 ? -9.892  13.038  4.485   1.00 7.04  ? 274 LEU B CA  1 
ATOM   236 C C   . LEU B 2 12 ? -9.583  14.095  5.557   1.00 6.60  ? 274 LEU B C   1 
ATOM   237 O O   . LEU B 2 12 ? -9.880  13.893  6.744   1.00 7.42  ? 274 LEU B O   1 
ATOM   238 C CB  . LEU B 2 12 ? -11.400 12.966  4.225   1.00 7.10  ? 274 LEU B CB  1 
ATOM   239 C CG  . LEU B 2 12 ? -12.069 14.230  3.680   1.00 6.63  ? 274 LEU B CG  1 
ATOM   240 C CD1 . LEU B 2 12 ? -11.654 14.495  2.263   1.00 8.94  ? 274 LEU B CD1 1 
ATOM   241 C CD2 . LEU B 2 12 ? -13.577 14.148  3.787   1.00 7.09  ? 274 LEU B CD2 1 
ATOM   242 N N   . GLY B 2 13 ? -8.986  15.208  5.141   1.00 6.98  ? 275 GLY B N   1 
ATOM   243 C CA  . GLY B 2 13 ? -8.648  16.287  6.037   1.00 7.28  ? 275 GLY B CA  1 
ATOM   244 C C   . GLY B 2 13 ? -7.234  16.231  6.580   1.00 7.10  ? 275 GLY B C   1 
ATOM   245 O O   . GLY B 2 13 ? -6.701  17.256  6.996   1.00 8.00  ? 275 GLY B O   1 
ATOM   246 N N   . GLU B 2 14 ? -6.633  15.049  6.573   1.00 7.49  ? 276 GLU B N   1 
ATOM   247 C CA  . GLU B 2 14 ? -5.306  14.842  7.144   1.00 7.06  ? 276 GLU B CA  1 
ATOM   248 C C   . GLU B 2 14 ? -4.281  14.668  6.011   1.00 6.57  ? 276 GLU B C   1 
ATOM   249 O O   . GLU B 2 14 ? -3.289  15.378  5.939   1.00 9.04  ? 276 GLU B O   1 
ATOM   250 C CB  . GLU B 2 14 ? -5.342  13.602  8.047   1.00 7.62  ? 276 GLU B CB  1 
ATOM   251 C CG  . GLU B 2 14 ? -3.995  13.199  8.656   1.00 8.39  ? 276 GLU B CG  1 
ATOM   252 C CD  . GLU B 2 14 ? -3.949  11.763  9.241   1.00 11.05 ? 276 GLU B CD  1 
ATOM   253 O OE1 . GLU B 2 14 ? -5.013  11.113  9.407   1.00 16.94 ? 276 GLU B OE1 1 
ATOM   254 O OE2 . GLU B 2 14 ? -2.843  11.286  9.544   1.00 12.66 ? 276 GLU B OE2 1 
ATOM   255 N N   . THR B 2 15 ? -4.566  13.757  5.089   1.00 4.31  ? 277 THR B N   1 
ATOM   256 C CA  . THR B 2 15 ? -3.686  13.484  3.964   1.00 5.18  ? 277 THR B CA  1 
ATOM   257 C C   . THR B 2 15 ? -4.227  14.167  2.698   1.00 4.61  ? 277 THR B C   1 
ATOM   258 O O   . THR B 2 15 ? -5.240  13.747  2.149   1.00 5.34  ? 277 THR B O   1 
ATOM   259 C CB  . THR B 2 15 ? -3.616  11.976  3.679   1.00 4.29  ? 277 THR B CB  1 
ATOM   260 O OG1 . THR B 2 15 ? -4.932  11.464  3.415   1.00 3.99  ? 277 THR B OG1 1 
ATOM   261 C CG2 . THR B 2 15 ? -3.024  11.186  4.873   1.00 6.73  ? 277 THR B CG2 1 
ATOM   262 N N   . PRO B 2 16 ? -3.563  15.230  2.233   1.00 4.40  ? 278 PRO B N   1 
ATOM   263 C CA  . PRO B 2 16 ? -4.086  15.839  1.006   1.00 4.70  ? 278 PRO B CA  1 
ATOM   264 C C   . PRO B 2 16 ? -4.071  14.901  -0.204  1.00 4.33  ? 278 PRO B C   1 
ATOM   265 O O   . PRO B 2 16 ? -4.906  15.010  -1.091  1.00 4.22  ? 278 PRO B O   1 
ATOM   266 C CB  . PRO B 2 16 ? -3.153  17.045  0.779   1.00 4.95  ? 278 PRO B CB  1 
ATOM   267 C CG  . PRO B 2 16 ? -2.022  16.858  1.634   1.00 7.76  ? 278 PRO B CG  1 
ATOM   268 C CD  . PRO B 2 16 ? -2.386  15.934  2.753   1.00 4.40  ? 278 PRO B CD  1 
ATOM   269 N N   . LEU B 2 17 ? -3.111  13.987  -0.217  1.00 3.60  ? 279 LEU B N   1 
ATOM   270 C CA  . LEU B 2 17 ? -3.005  12.933  -1.219  1.00 3.86  ? 279 LEU B CA  1 
ATOM   271 C C   . LEU B 2 17 ? -2.765  11.632  -0.469  1.00 3.60  ? 279 LEU B C   1 
ATOM   272 O O   . LEU B 2 17 ? -2.296  11.643  0.652   1.00 3.30  ? 279 LEU B O   1 
ATOM   273 C CB  . LEU B 2 17 ? -1.796  13.192  -2.124  1.00 5.23  ? 279 LEU B CB  1 
ATOM   274 C CG  . LEU B 2 17 ? -1.725  14.533  -2.847  1.00 8.24  ? 279 LEU B CG  1 
ATOM   275 C CD1 . LEU B 2 17 ? -0.301  14.795  -3.329  1.00 8.20  ? 279 LEU B CD1 1 
ATOM   276 C CD2 . LEU B 2 17 ? -2.686  14.496  -3.994  1.00 12.92 ? 279 LEU B CD2 1 
ATOM   277 N N   . PRO B 2 18 ? -3.069  10.499  -1.090  1.00 3.35  ? 280 PRO B N   1 
ATOM   278 C CA  . PRO B 2 18 ? -2.722  9.213   -0.473  1.00 3.86  ? 280 PRO B CA  1 
ATOM   279 C C   . PRO B 2 18 ? -1.241  9.133   -0.124  1.00 4.15  ? 280 PRO B C   1 
ATOM   280 O O   . PRO B 2 18 ? -0.396  9.600   -0.883  1.00 4.01  ? 280 PRO B O   1 
ATOM   281 C CB  . PRO B 2 18 ? -3.125  8.183   -1.545  1.00 4.37  ? 280 PRO B CB  1 
ATOM   282 C CG  . PRO B 2 18 ? -4.206  8.898   -2.325  1.00 5.48  ? 280 PRO B CG  1 
ATOM   283 C CD  . PRO B 2 18 ? -3.779  10.339  -2.371  1.00 3.84  ? 280 PRO B CD  1 
ATOM   284 N N   . LEU B 2 19 ? -0.974  8.538   1.021   1.00 4.07  ? 281 LEU B N   1 
ATOM   285 C CA  . LEU B 2 19 ? 0.357   8.452   1.588   1.00 3.93  ? 281 LEU B CA  1 
ATOM   286 C C   . LEU B 2 19 ? 0.844   6.999   1.620   1.00 3.82  ? 281 LEU B C   1 
ATOM   287 O O   . LEU B 2 19 ? 0.092   6.130   2.054   1.00 5.34  ? 281 LEU B O   1 
ATOM   288 C CB  . LEU B 2 19 ? 0.301   8.997   3.013   1.00 4.95  ? 281 LEU B CB  1 
ATOM   289 C CG  . LEU B 2 19 ? 1.598   9.032   3.806   1.00 4.19  ? 281 LEU B CG  1 
ATOM   290 C CD1 . LEU B 2 19 ? 2.574   9.997   3.183   1.00 5.30  ? 281 LEU B CD1 1 
ATOM   291 C CD2 . LEU B 2 19 ? 1.283   9.445   5.262   1.00 5.27  ? 281 LEU B CD2 1 
ATOM   292 N N   . VAL B 2 20 ? 2.056   6.717   1.140   1.00 4.15  ? 282 VAL B N   1 
ATOM   293 C CA  . VAL B 2 20 ? 2.615   5.367   1.299   1.00 4.16  ? 282 VAL B CA  1 
ATOM   294 C C   . VAL B 2 20 ? 3.247   5.311   2.696   1.00 4.63  ? 282 VAL B C   1 
ATOM   295 O O   . VAL B 2 20 ? 4.183   6.035   2.992   1.00 5.78  ? 282 VAL B O   1 
ATOM   296 C CB  . VAL B 2 20 ? 3.638   5.067   0.216   1.00 3.52  ? 282 VAL B CB  1 
ATOM   297 C CG1 . VAL B 2 20 ? 4.363   3.729   0.504   1.00 4.77  ? 282 VAL B CG1 1 
ATOM   298 C CG2 . VAL B 2 20 ? 2.956   4.986   -1.147  1.00 4.63  ? 282 VAL B CG2 1 
ATOM   299 N N   . ILE B 2 21 ? 2.676   4.496   3.570   1.00 4.69  ? 283 ILE B N   1 
ATOM   300 C CA  . ILE B 2 21 ? 3.140   4.407   4.950   1.00 5.26  ? 283 ILE B CA  1 
ATOM   301 C C   . ILE B 2 21 ? 4.024   3.203   5.229   1.00 4.52  ? 283 ILE B C   1 
ATOM   302 O O   . ILE B 2 21 ? 4.674   3.139   6.262   1.00 5.15  ? 283 ILE B O   1 
ATOM   303 C CB  . ILE B 2 21 ? 1.981   4.508   5.973   1.00 5.26  ? 283 ILE B CB  1 
ATOM   304 C CG1 . ILE B 2 21 ? 0.999   3.347   5.876   1.00 6.80  ? 283 ILE B CG1 1 
ATOM   305 C CG2 . ILE B 2 21 ? 1.342   5.917   5.859   1.00 7.62  ? 283 ILE B CG2 1 
ATOM   306 C CD1 . ILE B 2 21 ? 0.018   3.311   7.071   1.00 8.54  ? 283 ILE B CD1 1 
ATOM   307 N N   . GLU B 2 22 ? 4.040   2.244   4.317   1.00 4.01  ? 284 GLU B N   1 
ATOM   308 C CA  . GLU B 2 22 ? 4.813   1.040   4.537   1.00 4.83  ? 284 GLU B CA  1 
ATOM   309 C C   . GLU B 2 22 ? 4.952   0.371   3.188   1.00 3.59  ? 284 GLU B C   1 
ATOM   310 O O   . GLU B 2 22 ? 4.052   0.425   2.347   1.00 3.77  ? 284 GLU B O   1 
ATOM   311 C CB  . GLU B 2 22 ? 4.105   0.098   5.512   1.00 5.37  ? 284 GLU B CB  1 
ATOM   312 C CG  . GLU B 2 22 ? 4.872   -1.163  5.936   1.00 6.40  ? 284 GLU B CG  1 
ATOM   313 C CD  . GLU B 2 22 ? 6.126   -0.823  6.675   1.00 8.39  ? 284 GLU B CD  1 
ATOM   314 O OE1 . GLU B 2 22 ? 6.065   -0.688  7.919   1.00 10.85 ? 284 GLU B OE1 1 
ATOM   315 O OE2 . GLU B 2 22 ? 7.183   -0.646  6.025   1.00 7.62  ? 284 GLU B OE2 1 
ATOM   316 N N   . THR B 2 23 ? 6.109   -0.239  2.966   1.00 4.92  ? 285 THR B N   1 
ATOM   317 C CA  . THR B 2 23 ? 6.350   -1.002  1.743   1.00 4.61  ? 285 THR B CA  1 
ATOM   318 C C   . THR B 2 23 ? 7.159   -2.238  2.086   1.00 4.31  ? 285 THR B C   1 
ATOM   319 O O   . THR B 2 23 ? 7.795   -2.341  3.147   1.00 5.41  ? 285 THR B O   1 
ATOM   320 C CB  . THR B 2 23 ? 7.177   -0.188  0.744   1.00 4.49  ? 285 THR B CB  1 
ATOM   321 O OG1 . THR B 2 23 ? 8.491   0.041   1.274   1.00 5.88  ? 285 THR B OG1 1 
ATOM   322 C CG2 . THR B 2 23 ? 6.508   1.160   0.416   1.00 5.47  ? 285 THR B CG2 1 
ATOM   323 N N   . GLY B 2 24 ? 7.164   -3.189  1.166   1.00 4.37  ? 286 GLY B N   1 
ATOM   324 C CA  . GLY B 2 24 ? 8.027   -4.340  1.318   1.00 4.01  ? 286 GLY B CA  1 
ATOM   325 C C   . GLY B 2 24 ? 8.243   -5.010  -0.027  1.00 3.40  ? 286 GLY B C   1 
ATOM   326 O O   . GLY B 2 24 ? 7.391   -4.948  -0.909  1.00 3.32  ? 286 GLY B O   1 
ATOM   327 N N   . LYS B 2 25 ? 9.396   -5.658  -0.156  1.00 2.76  ? 287 LYS B N   1 
ATOM   328 C CA  . LYS B 2 25 ? 9.646   -6.632  -1.216  1.00 4.38  ? 287 LYS B CA  1 
ATOM   329 C C   . LYS B 2 25 ? 9.932   -8.003  -0.622  1.00 3.95  ? 287 LYS B C   1 
ATOM   330 O O   . LYS B 2 25 ? 10.205  -8.138  0.569   1.00 3.42  ? 287 LYS B O   1 
ATOM   331 C CB  . LYS B 2 25 ? 10.804  -6.195  -2.115  1.00 5.49  ? 287 LYS B CB  1 
ATOM   332 C CG  . LYS B 2 25 ? 12.163  -6.101  -1.437  1.00 7.33  ? 287 LYS B CG  1 
ATOM   333 C CD  . LYS B 2 25 ? 13.229  -5.963  -2.519  1.00 7.94  ? 287 LYS B CD  1 
ATOM   334 C CE  . LYS B 2 25 ? 14.639  -5.882  -1.962  1.00 11.23 ? 287 LYS B CE  1 
ATOM   335 N NZ  . LYS B 2 25 ? 15.614  -6.235  -3.026  1.00 13.53 ? 287 LYS B NZ  1 
ATOM   336 N N   . ASP B 2 26 ? 9.789   -9.001  -1.494  1.00 3.66  ? 288 ASP B N   1 
ATOM   337 C CA  A ASP B 2 26 ? 10.065  -10.383 -1.189  0.50 4.14  ? 288 ASP B CA  1 
ATOM   338 C CA  B ASP B 2 26 ? 10.035  -10.423 -1.186  0.50 4.76  ? 288 ASP B CA  1 
ATOM   339 C C   . ASP B 2 26 ? 9.541   -10.799 0.198   1.00 3.76  ? 288 ASP B C   1 
ATOM   340 O O   . ASP B 2 26 ? 8.353   -10.706 0.401   1.00 3.69  ? 288 ASP B O   1 
ATOM   341 C CB  A ASP B 2 26 ? 11.527  -10.599 -1.491  0.50 4.14  ? 288 ASP B CB  1 
ATOM   342 C CB  B ASP B 2 26 ? 11.455  -10.884 -1.522  0.50 6.09  ? 288 ASP B CB  1 
ATOM   343 C CG  A ASP B 2 26 ? 11.825  -10.482 -3.013  0.50 3.42  ? 288 ASP B CG  1 
ATOM   344 C CG  B ASP B 2 26 ? 12.469  -9.790  -1.442  0.50 8.64  ? 288 ASP B CG  1 
ATOM   345 O OD1 A ASP B 2 26 ? 10.867  -10.440 -3.839  0.50 2.00  ? 288 ASP B OD1 1 
ATOM   346 O OD1 B ASP B 2 26 ? 12.762  -9.342  -0.320  0.50 13.07 ? 288 ASP B OD1 1 
ATOM   347 O OD2 A ASP B 2 26 ? 13.008  -10.456 -3.398  0.50 5.03  ? 288 ASP B OD2 1 
ATOM   348 O OD2 B ASP B 2 26 ? 12.959  -9.387  -2.529  0.50 6.78  ? 288 ASP B OD2 1 
ATOM   349 N N   . ALA B 2 27 ? 10.389  -11.265 1.136   1.00 4.02  ? 289 ALA B N   1 
ATOM   350 C CA  . ALA B 2 27 ? 9.836   -11.823 2.388   1.00 3.50  ? 289 ALA B CA  1 
ATOM   351 C C   . ALA B 2 27 ? 8.984   -10.808 3.134   1.00 3.12  ? 289 ALA B C   1 
ATOM   352 O O   . ALA B 2 27 ? 7.932   -11.143 3.660   1.00 3.91  ? 289 ALA B O   1 
ATOM   353 C CB  . ALA B 2 27 ? 10.943  -12.398 3.293   1.00 4.30  ? 289 ALA B CB  1 
ATOM   354 N N   . LYS B 2 28 ? 9.416   -9.565  3.198   1.00 3.30  ? 290 LYS B N   1 
ATOM   355 C CA  . LYS B 2 28 ? 8.639   -8.569  3.891   1.00 3.59  ? 290 LYS B CA  1 
ATOM   356 C C   . LYS B 2 28 ? 7.296   -8.303  3.192   1.00 3.02  ? 290 LYS B C   1 
ATOM   357 O O   . LYS B 2 28 ? 6.280   -8.075  3.843   1.00 3.47  ? 290 LYS B O   1 
ATOM   358 C CB  . LYS B 2 28 ? 9.445   -7.267  4.027   1.00 3.31  ? 290 LYS B CB  1 
ATOM   359 C CG  . LYS B 2 28 ? 8.706   -6.168  4.819   1.00 5.02  ? 290 LYS B CG  1 
ATOM   360 C CD  . LYS B 2 28 ? 9.465   -4.833  4.914   1.00 5.41  ? 290 LYS B CD  1 
ATOM   361 C CE  . LYS B 2 28 ? 8.671   -3.804  5.709   1.00 5.61  ? 290 LYS B CE  1 
ATOM   362 N NZ  . LYS B 2 28 ? 9.303   -2.462  5.598   1.00 7.41  ? 290 LYS B NZ  1 
ATOM   363 N N   . ALA B 2 29 ? 7.284   -8.312  1.869   1.00 3.16  ? 291 ALA B N   1 
ATOM   364 C CA  . ALA B 2 29 ? 6.031   -8.183  1.135   1.00 3.02  ? 291 ALA B CA  1 
ATOM   365 C C   . ALA B 2 29 ? 5.069   -9.300  1.500   1.00 3.55  ? 291 ALA B C   1 
ATOM   366 O O   . ALA B 2 29 ? 3.866   -9.071  1.717   1.00 4.20  ? 291 ALA B O   1 
ATOM   367 C CB  . ALA B 2 29 ? 6.298   -8.182  -0.339  1.00 3.75  ? 291 ALA B CB  1 
ATOM   368 N N   . LEU B 2 30 ? 5.581   -10.525 1.596   1.00 3.27  ? 292 LEU B N   1 
ATOM   369 C CA  . LEU B 2 30 ? 4.732   -11.638 1.897   1.00 3.30  ? 292 LEU B CA  1 
ATOM   370 C C   . LEU B 2 30 ? 4.198   -11.503 3.314   1.00 3.30  ? 292 LEU B C   1 
ATOM   371 O O   . LEU B 2 30 ? 3.038   -11.836 3.594   1.00 3.83  ? 292 LEU B O   1 
ATOM   372 C CB  . LEU B 2 30 ? 5.516   -12.957 1.747   1.00 3.26  ? 292 LEU B CB  1 
ATOM   373 C CG  . LEU B 2 30 ? 5.890   -13.393 0.331   1.00 4.30  ? 292 LEU B CG  1 
ATOM   374 C CD1 . LEU B 2 30 ? 6.772   -14.674 0.369   1.00 5.28  ? 292 LEU B CD1 1 
ATOM   375 C CD2 . LEU B 2 30 ? 4.615   -13.619 -0.479  1.00 5.71  ? 292 LEU B CD2 1 
ATOM   376 N N   . GLN B 2 31 ? 5.022   -10.994 4.219   1.00 3.46  ? 293 GLN B N   1 
ATOM   377 C CA  . GLN B 2 31 ? 4.558   -10.773 5.579   1.00 3.15  ? 293 GLN B CA  1 
ATOM   378 C C   . GLN B 2 31 ? 3.461   -9.722  5.632   1.00 3.54  ? 293 GLN B C   1 
ATOM   379 O O   . GLN B 2 31 ? 2.466   -9.895  6.343   1.00 3.98  ? 293 GLN B O   1 
ATOM   380 C CB  . GLN B 2 31 ? 5.718   -10.304 6.478   1.00 3.52  ? 293 GLN B CB  1 
ATOM   381 C CG  . GLN B 2 31 ? 5.424   -10.381 7.961   1.00 4.82  ? 293 GLN B CG  1 
ATOM   382 C CD  . GLN B 2 31 ? 5.479   -11.794 8.504   1.00 5.37  ? 293 GLN B CD  1 
ATOM   383 O OE1 . GLN B 2 31 ? 5.626   -12.765 7.767   1.00 6.58  ? 293 GLN B OE1 1 
ATOM   384 N NE2 . GLN B 2 31 ? 5.350   -11.920 9.822   1.00 7.52  ? 293 GLN B NE2 1 
ATOM   385 N N   . ILE B 2 32 ? 3.631   -8.627  4.891   1.00 3.85  ? 294 ILE B N   1 
ATOM   386 C CA  . ILE B 2 32 ? 2.588   -7.590  4.832   1.00 3.53  ? 294 ILE B CA  1 
ATOM   387 C C   . ILE B 2 32 ? 1.276   -8.170  4.340   1.00 3.98  ? 294 ILE B C   1 
ATOM   388 O O   . ILE B 2 32 ? 0.227   -7.909  4.924   1.00 3.82  ? 294 ILE B O   1 
ATOM   389 C CB  . ILE B 2 32 ? 3.022   -6.400  3.943   1.00 3.29  ? 294 ILE B CB  1 
ATOM   390 C CG1 . ILE B 2 32 ? 4.134   -5.612  4.619   1.00 4.99  ? 294 ILE B CG1 1 
ATOM   391 C CG2 . ILE B 2 32 ? 1.824   -5.490  3.640   1.00 4.76  ? 294 ILE B CG2 1 
ATOM   392 C CD1 . ILE B 2 32 ? 4.857   -4.685  3.658   1.00 5.72  ? 294 ILE B CD1 1 
ATOM   393 N N   . ILE B 2 33 ? 1.325   -8.971  3.285   1.00 3.60  ? 295 ILE B N   1 
ATOM   394 C CA  . ILE B 2 33 ? 0.107   -9.522  2.672   1.00 4.64  ? 295 ILE B CA  1 
ATOM   395 C C   . ILE B 2 33 ? -0.601  -10.459 3.655   1.00 3.92  ? 295 ILE B C   1 
ATOM   396 O O   . ILE B 2 33 ? -1.829  -10.449 3.786   1.00 4.52  ? 295 ILE B O   1 
ATOM   397 C CB  . ILE B 2 33 ? 0.431   -10.224 1.315   1.00 4.95  ? 295 ILE B CB  1 
ATOM   398 C CG1 . ILE B 2 33 ? 0.936   -9.153  0.329   1.00 5.69  ? 295 ILE B CG1 1 
ATOM   399 C CG2 . ILE B 2 33 ? -0.773  -11.034 0.784   1.00 5.50  ? 295 ILE B CG2 1 
ATOM   400 C CD1 . ILE B 2 33 ? 1.820   -9.735  -0.737  1.00 7.76  ? 295 ILE B CD1 1 
ATOM   401 N N   . LYS B 2 34 ? 0.173   -11.264 4.366   1.00 4.08  ? 296 LYS B N   1 
ATOM   402 C CA  . LYS B 2 34 ? -0.426  -12.221 5.306   1.00 3.98  ? 296 LYS B CA  1 
ATOM   403 C C   . LYS B 2 34 ? -1.012  -11.529 6.549   1.00 3.52  ? 296 LYS B C   1 
ATOM   404 O O   . LYS B 2 34 ? -2.121  -11.839 7.028   1.00 2.61  ? 296 LYS B O   1 
ATOM   405 C CB  . LYS B 2 34 ? 0.588   -13.293 5.702   1.00 4.37  ? 296 LYS B CB  1 
ATOM   406 C CG  . LYS B 2 34 ? 0.907   -14.282 4.588   1.00 6.79  ? 296 LYS B CG  1 
ATOM   407 C CD  . LYS B 2 34 ? 1.892   -15.345 5.074   1.00 7.75  ? 296 LYS B CD  1 
ATOM   408 C CE  . LYS B 2 34 ? 2.151   -16.451 4.084   1.00 10.88 ? 296 LYS B CE  1 
ATOM   409 N NZ  . LYS B 2 34 ? 2.754   -15.913 2.858   1.00 13.66 ? 296 LYS B NZ  1 
ATOM   410 N N   . LEU B 2 35 ? -0.277  -10.562 7.066   1.00 3.42  ? 297 LEU B N   1 
ATOM   411 C CA  . LEU B 2 35 ? -0.784  -9.781  8.186   1.00 4.20  ? 297 LEU B CA  1 
ATOM   412 C C   . LEU B 2 35 ? -2.000  -8.927  7.810   1.00 4.04  ? 297 LEU B C   1 
ATOM   413 O O   . LEU B 2 35 ? -2.931  -8.791  8.604   1.00 3.40  ? 297 LEU B O   1 
ATOM   414 C CB  . LEU B 2 35 ? 0.317   -8.896  8.792   1.00 4.19  ? 297 LEU B CB  1 
ATOM   415 C CG  . LEU B 2 35 ? 1.397   -9.654  9.554   1.00 5.22  ? 297 LEU B CG  1 
ATOM   416 C CD1 . LEU B 2 35 ? 2.510   -8.657  9.882   1.00 7.11  ? 297 LEU B CD1 1 
ATOM   417 C CD2 . LEU B 2 35 ? 0.827   -10.331 10.783  1.00 6.05  ? 297 LEU B CD2 1 
ATOM   418 N N   . ALA B 2 36 ? -2.025  -8.407  6.594   1.00 3.82  ? 298 ALA B N   1 
ATOM   419 C CA  . ALA B 2 36 ? -3.202  -7.668  6.119   1.00 4.64  ? 298 ALA B CA  1 
ATOM   420 C C   . ALA B 2 36 ? -4.475  -8.493  6.203   1.00 5.00  ? 298 ALA B C   1 
ATOM   421 O O   . ALA B 2 36 ? -5.527  -8.029  6.668   1.00 4.57  ? 298 ALA B O   1 
ATOM   422 C CB  . ALA B 2 36 ? -2.981  -7.168  4.690   1.00 4.97  ? 298 ALA B CB  1 
ATOM   423 N N   . GLU B 2 37 ? -4.400  -9.735  5.754   1.00 5.12  ? 299 GLU B N   1 
ATOM   424 C CA  . GLU B 2 37 ? -5.566  -10.601 5.853   1.00 5.38  ? 299 GLU B CA  1 
ATOM   425 C C   . GLU B 2 37 ? -5.959  -10.839 7.306   1.00 5.74  ? 299 GLU B C   1 
ATOM   426 O O   . GLU B 2 37 ? -7.140  -10.850 7.645   1.00 6.27  ? 299 GLU B O   1 
ATOM   427 C CB  . GLU B 2 37 ? -5.299  -11.933 5.167   1.00 5.67  ? 299 GLU B CB  1 
ATOM   428 C CG  . GLU B 2 37 ? -6.553  -12.745 5.017   1.00 6.29  ? 299 GLU B CG  1 
ATOM   429 C CD  . GLU B 2 37 ? -6.306  -14.118 4.502   1.00 6.75  ? 299 GLU B CD  1 
ATOM   430 O OE1 . GLU B 2 37 ? -5.113  -14.484 4.338   1.00 9.74  ? 299 GLU B OE1 1 
ATOM   431 O OE2 . GLU B 2 37 ? -7.306  -14.835 4.289   1.00 6.83  ? 299 GLU B OE2 1 
ATOM   432 N N   . LEU B 2 38 ? -4.962  -11.050 8.156   1.00 6.36  ? 300 LEU B N   1 
ATOM   433 C CA  . LEU B 2 38 ? -5.178  -11.297 9.568   1.00 7.21  ? 300 LEU B CA  1 
ATOM   434 C C   . LEU B 2 38 ? -5.915  -10.133 10.215  1.00 7.22  ? 300 LEU B C   1 
ATOM   435 O O   . LEU B 2 38 ? -6.791  -10.341 11.057  1.00 6.92  ? 300 LEU B O   1 
ATOM   436 C CB  . LEU B 2 38 ? -3.819  -11.532 10.244  1.00 7.72  ? 300 LEU B CB  1 
ATOM   437 C CG  . LEU B 2 38 ? -3.764  -12.351 11.519  1.00 8.57  ? 300 LEU B CG  1 
ATOM   438 C CD1 . LEU B 2 38 ? -4.576  -13.639 11.381  1.00 8.77  ? 300 LEU B CD1 1 
ATOM   439 C CD2 . LEU B 2 38 ? -2.304  -12.653 11.885  1.00 10.17 ? 300 LEU B CD2 1 
ATOM   440 N N   . TYR B 2 39 ? -5.594  -8.913  9.762   1.00 6.63  ? 301 TYR B N   1 
ATOM   441 C CA  . TYR B 2 39 ? -6.160  -7.686  10.329  1.00 7.50  ? 301 TYR B CA  1 
ATOM   442 C C   . TYR B 2 39 ? -7.315  -7.086  9.502   1.00 6.72  ? 301 TYR B C   1 
ATOM   443 O O   . TYR B 2 39 ? -7.775  -5.972  9.769   1.00 6.93  ? 301 TYR B O   1 
ATOM   444 C CB  . TYR B 2 39 ? -5.047  -6.652  10.542  1.00 8.11  ? 301 TYR B CB  1 
ATOM   445 C CG  . TYR B 2 39 ? -3.860  -7.147  11.369  1.00 9.10  ? 301 TYR B CG  1 
ATOM   446 C CD1 . TYR B 2 39 ? -2.564  -6.725  11.072  1.00 9.28  ? 301 TYR B CD1 1 
ATOM   447 C CD2 . TYR B 2 39 ? -4.033  -8.008  12.440  1.00 11.10 ? 301 TYR B CD2 1 
ATOM   448 C CE1 . TYR B 2 39 ? -1.484  -7.144  11.819  1.00 10.34 ? 301 TYR B CE1 1 
ATOM   449 C CE2 . TYR B 2 39 ? -2.945  -8.447  13.184  1.00 10.15 ? 301 TYR B CE2 1 
ATOM   450 C CZ  . TYR B 2 39 ? -1.672  -8.001  12.853  1.00 10.56 ? 301 TYR B CZ  1 
ATOM   451 O OH  . TYR B 2 39 ? -0.563  -8.402  13.572  1.00 12.47 ? 301 TYR B OH  1 
ATOM   452 N N   . ASP B 2 40 ? -7.807  -7.846  8.528   1.00 7.70  ? 302 ASP B N   1 
ATOM   453 C CA  . ASP B 2 40 ? -8.978  -7.458  7.718   1.00 7.95  ? 302 ASP B CA  1 
ATOM   454 C C   . ASP B 2 40 ? -8.759  -6.171  6.920   1.00 7.67  ? 302 ASP B C   1 
ATOM   455 O O   . ASP B 2 40 ? -9.683  -5.380  6.754   1.00 8.51  ? 302 ASP B O   1 
ATOM   456 C CB  . ASP B 2 40 ? -10.245 -7.330  8.593   1.00 8.08  ? 302 ASP B CB  1 
ATOM   457 C CG  . ASP B 2 40 ? -10.747 -8.666  9.132   1.00 9.80  ? 302 ASP B CG  1 
ATOM   458 O OD1 . ASP B 2 40 ? -10.702 -9.690  8.418   1.00 14.00 ? 302 ASP B OD1 1 
ATOM   459 O OD2 . ASP B 2 40 ? -11.232 -8.676  10.275  1.00 11.29 ? 302 ASP B OD2 1 
ATOM   460 N N   . ILE B 2 41 ? -7.537  -5.963  6.442   1.00 6.26  ? 303 ILE B N   1 
ATOM   461 C CA  . ILE B 2 41 ? -7.205  -4.803  5.617   1.00 6.69  ? 303 ILE B CA  1 
ATOM   462 C C   . ILE B 2 41 ? -7.317  -5.232  4.164   1.00 6.55  ? 303 ILE B C   1 
ATOM   463 O O   . ILE B 2 41 ? -6.724  -6.246  3.775   1.00 6.23  ? 303 ILE B O   1 
ATOM   464 C CB  . ILE B 2 41 ? -5.763  -4.320  5.869   1.00 6.66  ? 303 ILE B CB  1 
ATOM   465 C CG1 . ILE B 2 41 ? -5.548  -4.044  7.361   1.00 7.71  ? 303 ILE B CG1 1 
ATOM   466 C CG2 . ILE B 2 41 ? -5.415  -3.078  4.987   1.00 7.59  ? 303 ILE B CG2 1 
ATOM   467 C CD1 . ILE B 2 41 ? -6.485  -2.980  7.938   1.00 9.22  ? 303 ILE B CD1 1 
ATOM   468 N N   . PRO B 2 42 ? -8.038  -4.469  3.338   1.00 6.37  ? 304 PRO B N   1 
ATOM   469 C CA  . PRO B 2 42 ? -8.189  -4.873  1.930   1.00 6.57  ? 304 PRO B CA  1 
ATOM   470 C C   . PRO B 2 42 ? -6.850  -4.959  1.190   1.00 6.50  ? 304 PRO B C   1 
ATOM   471 O O   . PRO B 2 42 ? -6.016  -4.069  1.315   1.00 6.24  ? 304 PRO B O   1 
ATOM   472 C CB  . PRO B 2 42 ? -9.080  -3.769  1.337   1.00 7.78  ? 304 PRO B CB  1 
ATOM   473 C CG  . PRO B 2 42 ? -9.685  -3.098  2.466   1.00 8.40  ? 304 PRO B CG  1 
ATOM   474 C CD  . PRO B 2 42 ? -8.775  -3.230  3.631   1.00 6.22  ? 304 PRO B CD  1 
ATOM   475 N N   . VAL B 2 43 ? -6.658  -6.050  0.458   1.00 6.01  ? 305 VAL B N   1 
ATOM   476 C CA  . VAL B 2 43 ? -5.485  -6.266  -0.359  1.00 6.89  ? 305 VAL B CA  1 
ATOM   477 C C   . VAL B 2 43 ? -5.961  -6.438  -1.796  1.00 6.64  ? 305 VAL B C   1 
ATOM   478 O O   . VAL B 2 43 ? -6.783  -7.309  -2.071  1.00 8.67  ? 305 VAL B O   1 
ATOM   479 C CB  . VAL B 2 43 ? -4.705  -7.517  0.083   1.00 7.14  ? 305 VAL B CB  1 
ATOM   480 C CG1 . VAL B 2 43 ? -3.544  -7.754  -0.880  1.00 9.11  ? 305 VAL B CG1 1 
ATOM   481 C CG2 . VAL B 2 43 ? -4.213  -7.358  1.542   1.00 8.84  ? 305 VAL B CG2 1 
ATOM   482 N N   . ILE B 2 44 ? -5.430  -5.621  -2.696  1.00 6.34  ? 306 ILE B N   1 
ATOM   483 C CA  . ILE B 2 44 ? -5.775  -5.694  -4.121  1.00 6.86  ? 306 ILE B CA  1 
ATOM   484 C C   . ILE B 2 44 ? -4.539  -6.094  -4.917  1.00 5.36  ? 306 ILE B C   1 
ATOM   485 O O   . ILE B 2 44 ? -3.482  -5.506  -4.772  1.00 6.31  ? 306 ILE B O   1 
ATOM   486 C CB  . ILE B 2 44 ? -6.333  -4.331  -4.605  1.00 7.92  ? 306 ILE B CB  1 
ATOM   487 C CG1 . ILE B 2 44 ? -7.610  -4.001  -3.826  1.00 11.23 ? 306 ILE B CG1 1 
ATOM   488 C CG2 . ILE B 2 44 ? -6.626  -4.333  -6.112  1.00 8.08  ? 306 ILE B CG2 1 
ATOM   489 C CD1 . ILE B 2 44 ? -8.329  -2.767  -4.264  1.00 12.13 ? 306 ILE B CD1 1 
ATOM   490 N N   . GLU B 2 45 ? -4.706  -7.088  -5.795  1.00 5.73  ? 307 GLU B N   1 
ATOM   491 C CA  . GLU B 2 45 ? -3.671  -7.477  -6.728  1.00 5.88  ? 307 GLU B CA  1 
ATOM   492 C C   . GLU B 2 45 ? -3.753  -6.561  -7.938  1.00 5.56  ? 307 GLU B C   1 
ATOM   493 O O   . GLU B 2 45 ? -4.768  -6.566  -8.652  1.00 5.40  ? 307 GLU B O   1 
ATOM   494 C CB  . GLU B 2 45 ? -3.878  -8.919  -7.141  1.00 6.53  ? 307 GLU B CB  1 
ATOM   495 C CG  . GLU B 2 45 ? -2.799  -9.454  -8.061  1.00 7.27  ? 307 GLU B CG  1 
ATOM   496 C CD  . GLU B 2 45 ? -3.018  -10.901 -8.431  1.00 8.23  ? 307 GLU B CD  1 
ATOM   497 O OE1 . GLU B 2 45 ? -2.522  -11.774 -7.685  1.00 12.99 ? 307 GLU B OE1 1 
ATOM   498 O OE2 . GLU B 2 45 ? -3.669  -11.197 -9.427  1.00 7.04  ? 307 GLU B OE2 1 
ATOM   499 N N   . ASP B 2 46 ? -2.693  -5.783  -8.144  1.00 5.09  ? 308 ASP B N   1 
ATOM   500 C CA  . ASP B 2 46 ? -2.593  -4.890  -9.301  1.00 5.76  ? 308 ASP B CA  1 
ATOM   501 C C   . ASP B 2 46 ? -1.130  -4.796  -9.649  1.00 5.42  ? 308 ASP B C   1 
ATOM   502 O O   . ASP B 2 46 ? -0.397  -4.000  -9.076  1.00 5.71  ? 308 ASP B O   1 
ATOM   503 C CB  . ASP B 2 46 ? -3.218  -3.514  -9.060  1.00 5.58  ? 308 ASP B CB  1 
ATOM   504 C CG  . ASP B 2 46 ? -3.254  -2.636  -10.298 1.00 6.72  ? 308 ASP B CG  1 
ATOM   505 O OD1 . ASP B 2 46 ? -2.429  -2.809  -11.220 1.00 8.88  ? 308 ASP B OD1 1 
ATOM   506 O OD2 . ASP B 2 46 ? -4.136  -1.760  -10.332 1.00 9.48  ? 308 ASP B OD2 1 
ATOM   507 N N   . ILE B 2 47 ? -0.688  -5.687  -10.520 1.00 4.76  ? 309 ILE B N   1 
ATOM   508 C CA  . ILE B 2 47 ? 0.751   -5.845  -10.745 1.00 5.35  ? 309 ILE B CA  1 
ATOM   509 C C   . ILE B 2 47 ? 1.401   -4.564  -11.270 1.00 4.94  ? 309 ILE B C   1 
ATOM   510 O O   . ILE B 2 47 ? 2.395   -4.086  -10.722 1.00 5.06  ? 309 ILE B O   1 
ATOM   511 C CB  . ILE B 2 47 ? 1.053   -7.071  -11.646 1.00 4.31  ? 309 ILE B CB  1 
ATOM   512 C CG1 . ILE B 2 47 ? 1.053   -8.368  -10.830 1.00 5.30  ? 309 ILE B CG1 1 
ATOM   513 C CG2 . ILE B 2 47 ? 2.409   -6.913  -12.338 1.00 5.23  ? 309 ILE B CG2 1 
ATOM   514 C CD1 . ILE B 2 47 ? -0.220  -8.719  -10.139 1.00 6.13  ? 309 ILE B CD1 1 
ATOM   515 N N   . PRO B 2 48 ? 0.850   -3.960  -12.312 1.00 4.93  ? 310 PRO B N   1 
ATOM   516 C CA  . PRO B 2 48 ? 1.459   -2.722  -12.804 1.00 5.13  ? 310 PRO B CA  1 
ATOM   517 C C   . PRO B 2 48 ? 1.504   -1.575  -11.781 1.00 5.38  ? 310 PRO B C   1 
ATOM   518 O O   . PRO B 2 48 ? 2.502   -0.864  -11.682 1.00 6.04  ? 310 PRO B O   1 
ATOM   519 C CB  . PRO B 2 48 ? 0.598   -2.399  -14.039 1.00 5.29  ? 310 PRO B CB  1 
ATOM   520 C CG  . PRO B 2 48 ? 0.096   -3.720  -14.479 1.00 4.51  ? 310 PRO B CG  1 
ATOM   521 C CD  . PRO B 2 48 ? -0.236  -4.422  -13.190 1.00 4.34  ? 310 PRO B CD  1 
ATOM   522 N N   . LEU B 2 49 ? 0.413   -1.374  -11.062 1.00 5.65  ? 311 LEU B N   1 
ATOM   523 C CA  . LEU B 2 49 ? 0.368   -0.273  -10.106 1.00 6.63  ? 311 LEU B CA  1 
ATOM   524 C C   . LEU B 2 49 ? 1.300   -0.542  -8.940  1.00 6.81  ? 311 LEU B C   1 
ATOM   525 O O   . LEU B 2 49 ? 2.040   0.350   -8.526  1.00 6.64  ? 311 LEU B O   1 
ATOM   526 C CB  . LEU B 2 49 ? -1.063  -0.056  -9.620  1.00 6.98  ? 311 LEU B CB  1 
ATOM   527 C CG  . LEU B 2 49 ? -1.304  1.072   -8.609  1.00 7.75  ? 311 LEU B CG  1 
ATOM   528 C CD1 . LEU B 2 49 ? -0.807  2.403   -9.163  1.00 9.44  ? 311 LEU B CD1 1 
ATOM   529 C CD2 . LEU B 2 49 ? -2.740  1.190   -8.185  1.00 9.38  ? 311 LEU B CD2 1 
ATOM   530 N N   . ALA B 2 50 ? 1.275   -1.735  -8.357  1.00 5.68  ? 312 ALA B N   1 
ATOM   531 C CA  . ALA B 2 50 ? 2.229   -2.059  -7.274  1.00 5.74  ? 312 ALA B CA  1 
ATOM   532 C C   . ALA B 2 50 ? 3.672   -1.899  -7.718  1.00 6.22  ? 312 ALA B C   1 
ATOM   533 O O   . ALA B 2 50 ? 4.501   -1.373  -6.980  1.00 5.85  ? 312 ALA B O   1 
ATOM   534 C CB  . ALA B 2 50 ? 1.989   -3.512  -6.768  1.00 7.05  ? 312 ALA B CB  1 
ATOM   535 N N   . THR B 2 51 ? 3.999   -2.379  -8.894  1.00 6.30  ? 313 THR B N   1 
ATOM   536 C CA  . THR B 2 51 ? 5.349   -2.286  -9.398  1.00 6.02  ? 313 THR B CA  1 
ATOM   537 C C   . THR B 2 51 ? 5.821   -0.836  -9.577  1.00 6.11  ? 313 THR B C   1 
ATOM   538 O O   . THR B 2 51 ? 6.946   -0.479  -9.190  1.00 5.91  ? 313 THR B O   1 
ATOM   539 C CB  . THR B 2 51 ? 5.452   -3.073  -10.689 1.00 7.02  ? 313 THR B CB  1 
ATOM   540 O OG1 . THR B 2 51 ? 4.999   -4.418  -10.429 1.00 8.13  ? 313 THR B OG1 1 
ATOM   541 C CG2 . THR B 2 51 ? 6.888   -3.081  -11.222 1.00 7.47  ? 313 THR B CG2 1 
ATOM   542 N N   . SER B 2 52 ? 4.956   -0.002  -10.135 1.00 5.03  ? 314 SER B N   1 
ATOM   543 C CA  A SER B 2 52 ? 5.307   1.392   -10.387 0.50 5.38  ? 314 SER B CA  1 
ATOM   544 C CA  B SER B 2 52 ? 5.325   1.387   -10.390 0.50 5.94  ? 314 SER B CA  1 
ATOM   545 C C   . SER B 2 52 ? 5.369   2.187   -9.095  1.00 5.67  ? 314 SER B C   1 
ATOM   546 O O   . SER B 2 52 ? 6.268   3.001   -8.899  1.00 5.80  ? 314 SER B O   1 
ATOM   547 C CB  A SER B 2 52 ? 4.328   2.045   -11.362 0.50 5.26  ? 314 SER B CB  1 
ATOM   548 C CB  B SER B 2 52 ? 4.402   2.036   -11.429 0.50 5.99  ? 314 SER B CB  1 
ATOM   549 O OG  A SER B 2 52 ? 4.750   3.363   -11.662 0.50 5.20  ? 314 SER B OG  1 
ATOM   550 O OG  B SER B 2 52 ? 3.046   1.907   -11.064 0.50 10.69 ? 314 SER B OG  1 
ATOM   551 N N   . LEU B 2 53 ? 4.430   1.939   -8.189  1.00 5.03  ? 315 LEU B N   1 
ATOM   552 C CA  . LEU B 2 53 ? 4.513   2.565   -6.864  1.00 5.50  ? 315 LEU B CA  1 
ATOM   553 C C   . LEU B 2 53 ? 5.828   2.194   -6.168  1.00 5.27  ? 315 LEU B C   1 
ATOM   554 O O   . LEU B 2 53 ? 6.515   3.045   -5.598  1.00 4.99  ? 315 LEU B O   1 
ATOM   555 C CB  . LEU B 2 53 ? 3.320   2.208   -5.981  1.00 5.67  ? 315 LEU B CB  1 
ATOM   556 C CG  . LEU B 2 53 ? 1.994   2.896   -6.297  1.00 6.46  ? 315 LEU B CG  1 
ATOM   557 C CD1 . LEU B 2 53 ? 0.850   2.219   -5.559  1.00 7.57  ? 315 LEU B CD1 1 
ATOM   558 C CD2 . LEU B 2 53 ? 2.017   4.390   -5.959  1.00 7.43  ? 315 LEU B CD2 1 
ATOM   559 N N   . TYR B 2 54 ? 6.202   0.921   -6.216  1.00 5.79  ? 316 TYR B N   1 
ATOM   560 C CA  . TYR B 2 54 ? 7.400   0.470   -5.520  1.00 5.94  ? 316 TYR B CA  1 
ATOM   561 C C   . TYR B 2 54 ? 8.640   1.196   -6.052  1.00 5.67  ? 316 TYR B C   1 
ATOM   562 O O   . TYR B 2 54 ? 9.523   1.615   -5.275  1.00 5.79  ? 316 TYR B O   1 
ATOM   563 C CB  . TYR B 2 54 ? 7.588   -1.045  -5.639  1.00 6.41  ? 316 TYR B CB  1 
ATOM   564 C CG  . TYR B 2 54 ? 8.739   -1.535  -4.810  1.00 6.60  ? 316 TYR B CG  1 
ATOM   565 C CD1 . TYR B 2 54 ? 9.962   -1.836  -5.405  1.00 8.27  ? 316 TYR B CD1 1 
ATOM   566 C CD2 . TYR B 2 54 ? 8.640   -1.644  -3.430  1.00 8.11  ? 316 TYR B CD2 1 
ATOM   567 C CE1 . TYR B 2 54 ? 11.037  -2.248  -4.656  1.00 8.72  ? 316 TYR B CE1 1 
ATOM   568 C CE2 . TYR B 2 54 ? 9.737   -2.068  -2.670  1.00 7.55  ? 316 TYR B CE2 1 
ATOM   569 C CZ  . TYR B 2 54 ? 10.924  -2.351  -3.294  1.00 8.38  ? 316 TYR B CZ  1 
ATOM   570 O OH  . TYR B 2 54 ? 12.007  -2.757  -2.521  1.00 11.38 ? 316 TYR B OH  1 
ATOM   571 N N   . LYS B 2 55 ? 8.706   1.370   -7.371  1.00 5.64  ? 317 LYS B N   1 
ATOM   572 C CA  . LYS B 2 55 ? 9.862   1.986   -8.010  1.00 6.66  ? 317 LYS B CA  1 
ATOM   573 C C   . LYS B 2 55 ? 9.937   3.474   -7.712  1.00 6.36  ? 317 LYS B C   1 
ATOM   574 O O   . LYS B 2 55 ? 11.026  4.042   -7.608  1.00 8.14  ? 317 LYS B O   1 
ATOM   575 C CB  . LYS B 2 55 ? 9.814   1.773   -9.526  1.00 7.06  ? 317 LYS B CB  1 
ATOM   576 C CG  . LYS B 2 55 ? 11.035  2.279   -10.303 1.00 8.32  ? 317 LYS B CG  1 
ATOM   577 C CD  . LYS B 2 55 ? 10.980  1.945   -11.788 1.00 9.61  ? 317 LYS B CD  1 
ATOM   578 C CE  . LYS B 2 55 ? 12.202  2.468   -12.527 0.01 8.72  ? 317 LYS B CE  1 
ATOM   579 N NZ  . LYS B 2 55 ? 13.458  1.810   -12.073 0.01 8.99  ? 317 LYS B NZ  1 
ATOM   580 N N   . ASN B 2 56 ? 8.775   4.118   -7.545  1.00 6.57  ? 318 ASN B N   1 
ATOM   581 C CA  . ASN B 2 56 ? 8.727   5.576   -7.564  1.00 6.32  ? 318 ASN B CA  1 
ATOM   582 C C   . ASN B 2 56 ? 8.397   6.275   -6.253  1.00 5.49  ? 318 ASN B C   1 
ATOM   583 O O   . ASN B 2 56 ? 8.846   7.412   -6.025  1.00 7.17  ? 318 ASN B O   1 
ATOM   584 C CB  . ASN B 2 56 ? 7.763   6.042   -8.666  1.00 6.36  ? 318 ASN B CB  1 
ATOM   585 C CG  . ASN B 2 56 ? 8.295   5.736   -10.036 1.00 7.71  ? 318 ASN B CG  1 
ATOM   586 O OD1 . ASN B 2 56 ? 9.280   6.332   -10.459 1.00 11.79 ? 318 ASN B OD1 1 
ATOM   587 N ND2 . ASN B 2 56 ? 7.677   4.812   -10.737 1.00 7.35  ? 318 ASN B ND2 1 
ATOM   588 N N   . ILE B 2 57 ? 7.586   5.650   -5.412  1.00 5.55  ? 319 ILE B N   1 
ATOM   589 C CA  . ILE B 2 57 ? 7.125   6.302   -4.186  1.00 6.15  ? 319 ILE B CA  1 
ATOM   590 C C   . ILE B 2 57 ? 7.670   5.564   -2.985  1.00 7.83  ? 319 ILE B C   1 
ATOM   591 O O   . ILE B 2 57 ? 7.278   4.419   -2.734  1.00 9.08  ? 319 ILE B O   1 
ATOM   592 C CB  . ILE B 2 57 ? 5.592   6.373   -4.106  1.00 6.37  ? 319 ILE B CB  1 
ATOM   593 C CG1 . ILE B 2 57 ? 4.972   6.921   -5.393  1.00 6.51  ? 319 ILE B CG1 1 
ATOM   594 C CG2 . ILE B 2 57 ? 5.167   7.216   -2.892  1.00 6.77  ? 319 ILE B CG2 1 
ATOM   595 C CD1 . ILE B 2 57 ? 5.380   8.368   -5.739  1.00 6.36  ? 319 ILE B CD1 1 
ATOM   596 N N   . HIS B 2 58 ? 8.575   6.193   -2.250  1.00 7.94  ? 320 HIS B N   1 
ATOM   597 C CA  . HIS B 2 58 ? 9.189   5.537   -1.106  1.00 8.77  ? 320 HIS B CA  1 
ATOM   598 C C   . HIS B 2 58 ? 8.303   5.586   0.121   1.00 7.18  ? 320 HIS B C   1 
ATOM   599 O O   . HIS B 2 58 ? 7.391   6.410   0.242   1.00 6.37  ? 320 HIS B O   1 
ATOM   600 C CB  . HIS B 2 58 ? 10.535  6.161   -0.826  1.00 10.48 ? 320 HIS B CB  1 
ATOM   601 C CG  . HIS B 2 58 ? 11.530  5.935   -1.920  1.00 14.67 ? 320 HIS B CG  1 
ATOM   602 N ND1 . HIS B 2 58 ? 12.748  6.576   -1.958  1.00 15.26 ? 320 HIS B ND1 1 
ATOM   603 C CD2 . HIS B 2 58 ? 11.483  5.148   -3.022  1.00 17.55 ? 320 HIS B CD2 1 
ATOM   604 C CE1 . HIS B 2 58 ? 13.411  6.194   -3.038  1.00 16.02 ? 320 HIS B CE1 1 
ATOM   605 N NE2 . HIS B 2 58 ? 12.660  5.336   -3.708  1.00 17.18 ? 320 HIS B NE2 1 
ATOM   606 N N   . LYS B 2 59 ? 8.556   4.673   1.036   1.00 7.39  ? 321 LYS B N   1 
ATOM   607 C CA  . LYS B 2 59 ? 7.900   4.680   2.318   1.00 6.60  ? 321 LYS B CA  1 
ATOM   608 C C   . LYS B 2 59 ? 8.002   6.071   2.949   1.00 5.96  ? 321 LYS B C   1 
ATOM   609 O O   . LYS B 2 59 ? 9.084   6.652   3.024   1.00 7.32  ? 321 LYS B O   1 
ATOM   610 C CB  . LYS B 2 59 ? 8.520   3.621   3.226   1.00 7.18  ? 321 LYS B CB  1 
ATOM   611 C CG  . LYS B 2 59 ? 7.898   3.568   4.597   1.00 8.10  ? 321 LYS B CG  1 
ATOM   612 C CD  . LYS B 2 59 ? 8.517   2.442   5.409   1.00 8.03  ? 321 LYS B CD  1 
ATOM   613 C CE  . LYS B 2 59 ? 8.008   2.450   6.829   1.00 8.27  ? 321 LYS B CE  1 
ATOM   614 N NZ  . LYS B 2 59 ? 8.611   1.300   7.572   1.00 8.96  ? 321 LYS B NZ  1 
ATOM   615 N N   . GLY B 2 60 ? 6.847   6.591   3.386   1.00 5.30  ? 322 GLY B N   1 
ATOM   616 C CA  . GLY B 2 60 ? 6.746   7.927   3.983   1.00 5.38  ? 322 GLY B CA  1 
ATOM   617 C C   . GLY B 2 60 ? 6.389   9.064   3.049   1.00 4.89  ? 322 GLY B C   1 
ATOM   618 O O   . GLY B 2 60 ? 6.152   10.186  3.501   1.00 4.47  ? 322 GLY B O   1 
ATOM   619 N N   . GLN B 2 61 ? 6.339   8.782   1.744   1.00 4.80  ? 323 GLN B N   1 
ATOM   620 C CA  . GLN B 2 61 ? 6.065   9.816   0.716   1.00 4.93  ? 323 GLN B CA  1 
ATOM   621 C C   . GLN B 2 61 ? 4.627   9.794   0.240   1.00 4.42  ? 323 GLN B C   1 
ATOM   622 O O   . GLN B 2 61 ? 4.018   8.734   0.151   1.00 5.35  ? 323 GLN B O   1 
ATOM   623 C CB  . GLN B 2 61 ? 6.983   9.636   -0.506  1.00 4.95  ? 323 GLN B CB  1 
ATOM   624 C CG  . GLN B 2 61 ? 8.459   9.835   -0.235  1.00 7.42  ? 323 GLN B CG  1 
ATOM   625 C CD  . GLN B 2 61 ? 9.283   9.757   -1.504  1.00 7.58  ? 323 GLN B CD  1 
ATOM   626 O OE1 . GLN B 2 61 ? 8.954   9.002   -2.405  1.00 8.72  ? 323 GLN B OE1 1 
ATOM   627 N NE2 . GLN B 2 61 ? 10.352  10.535  -1.577  1.00 12.71 ? 323 GLN B NE2 1 
ATOM   628 N N   . TYR B 2 62 ? 4.109   10.967  -0.095  1.00 3.81  ? 324 TYR B N   1 
ATOM   629 C CA  . TYR B 2 62 ? 2.853   11.073  -0.819  1.00 4.10  ? 324 TYR B CA  1 
ATOM   630 C C   . TYR B 2 62 ? 3.019   10.559  -2.234  1.00 4.87  ? 324 TYR B C   1 
ATOM   631 O O   . TYR B 2 62 ? 4.077   10.713  -2.863  1.00 5.25  ? 324 TYR B O   1 
ATOM   632 C CB  . TYR B 2 62 ? 2.363   12.521  -0.898  1.00 3.80  ? 324 TYR B CB  1 
ATOM   633 C CG  . TYR B 2 62 ? 1.849   13.045  0.417   1.00 3.33  ? 324 TYR B CG  1 
ATOM   634 C CD1 . TYR B 2 62 ? 2.518   14.026  1.117   1.00 3.94  ? 324 TYR B CD1 1 
ATOM   635 C CD2 . TYR B 2 62 ? 0.682   12.539  0.966   1.00 4.45  ? 324 TYR B CD2 1 
ATOM   636 C CE1 . TYR B 2 62 ? 2.042   14.495  2.307   1.00 3.60  ? 324 TYR B CE1 1 
ATOM   637 C CE2 . TYR B 2 62 ? 0.197   13.001  2.171   1.00 3.75  ? 324 TYR B CE2 1 
ATOM   638 C CZ  . TYR B 2 62 ? 0.883   13.967  2.851   1.00 4.41  ? 324 TYR B CZ  1 
ATOM   639 O OH  . TYR B 2 62 ? 0.403   14.429  4.058   1.00 5.39  ? 324 TYR B OH  1 
ATOM   640 N N   . ILE B 2 63 ? 1.962   9.963   -2.761  1.00 5.23  ? 325 ILE B N   1 
ATOM   641 C CA  . ILE B 2 63 ? 1.966   9.650   -4.179  1.00 5.55  ? 325 ILE B CA  1 
ATOM   642 C C   . ILE B 2 63 ? 2.079   10.933  -5.006  1.00 5.65  ? 325 ILE B C   1 
ATOM   643 O O   . ILE B 2 63 ? 1.729   12.008  -4.544  1.00 5.71  ? 325 ILE B O   1 
ATOM   644 C CB  . ILE B 2 63 ? 0.736   8.797   -4.611  1.00 5.69  ? 325 ILE B CB  1 
ATOM   645 C CG1 . ILE B 2 63 ? -0.569  9.589   -4.493  1.00 5.09  ? 325 ILE B CG1 1 
ATOM   646 C CG2 . ILE B 2 63 ? 0.727   7.501   -3.815  1.00 5.94  ? 325 ILE B CG2 1 
ATOM   647 C CD1 . ILE B 2 63 ? -1.767  8.872   -5.145  1.00 6.73  ? 325 ILE B CD1 1 
ATOM   648 N N   . THR B 2 64 ? 2.579   10.788  -6.223  1.00 6.74  ? 326 THR B N   1 
ATOM   649 C CA  . THR B 2 64 ? 2.724   11.881  -7.175  1.00 8.14  ? 326 THR B CA  1 
ATOM   650 C C   . THR B 2 64 ? 1.670   11.808  -8.270  1.00 9.01  ? 326 THR B C   1 
ATOM   651 O O   . THR B 2 64 ? 0.946   10.825  -8.383  1.00 9.32  ? 326 THR B O   1 
ATOM   652 C CB  . THR B 2 64 ? 4.102   11.857  -7.835  1.00 7.55  ? 326 THR B CB  1 
ATOM   653 O OG1 . THR B 2 64 ? 4.313   10.586  -8.447  1.00 9.18  ? 326 THR B OG1 1 
ATOM   654 C CG2 . THR B 2 64 ? 5.217   12.156  -6.829  1.00 8.96  ? 326 THR B CG2 1 
ATOM   655 N N   . GLU B 2 65 ? 1.606   12.861  -9.092  1.00 10.51 ? 327 GLU B N   1 
ATOM   656 C CA  . GLU B 2 65 ? 0.483   13.109  -10.013 1.00 11.38 ? 327 GLU B CA  1 
ATOM   657 C C   . GLU B 2 65 ? 0.098   11.949  -10.907 1.00 11.20 ? 327 GLU B C   1 
ATOM   658 O O   . GLU B 2 65 ? -1.081  11.685  -11.121 1.00 12.62 ? 327 GLU B O   1 
ATOM   659 C CB  . GLU B 2 65 ? 0.783   14.334  -10.884 1.00 11.74 ? 327 GLU B CB  1 
ATOM   660 C CG  . GLU B 2 65 ? 2.031   14.198  -11.768 1.00 13.89 ? 327 GLU B CG  1 
ATOM   661 C CD  . GLU B 2 65 ? 2.408   15.496  -12.464 0.01 12.16 ? 327 GLU B CD  1 
ATOM   662 O OE1 . GLU B 2 65 ? 3.556   15.597  -12.946 0.01 12.61 ? 327 GLU B OE1 1 
ATOM   663 O OE2 . GLU B 2 65 ? 1.564   16.415  -12.531 0.01 12.62 ? 327 GLU B OE2 1 
ATOM   664 N N   . ASP B 2 66 ? 1.098   11.244  -11.421 1.00 12.23 ? 328 ASP B N   1 
ATOM   665 C CA  A ASP B 2 66 ? 0.896   10.097  -12.286 0.50 11.79 ? 328 ASP B CA  1 
ATOM   666 C CA  B ASP B 2 66 ? 0.843   10.112  -12.307 0.50 11.91 ? 328 ASP B CA  1 
ATOM   667 C C   . ASP B 2 66 ? 0.035   9.005   -11.629 1.00 11.56 ? 328 ASP B C   1 
ATOM   668 O O   . ASP B 2 66 ? -0.577  8.170   -12.309 1.00 12.78 ? 328 ASP B O   1 
ATOM   669 C CB  A ASP B 2 66 ? 2.257   9.514   -12.760 0.50 12.81 ? 328 ASP B CB  1 
ATOM   670 C CB  B ASP B 2 66 ? 2.154   9.522   -12.848 0.50 12.69 ? 328 ASP B CB  1 
ATOM   671 C CG  A ASP B 2 66 ? 3.435   9.784   -11.786 0.50 13.43 ? 328 ASP B CG  1 
ATOM   672 C CG  B ASP B 2 66 ? 2.785   10.384  -13.933 0.50 12.95 ? 328 ASP B CG  1 
ATOM   673 O OD1 A ASP B 2 66 ? 4.269   8.867   -11.620 0.50 17.59 ? 328 ASP B OD1 1 
ATOM   674 O OD1 B ASP B 2 66 ? 2.044   11.010  -14.718 0.50 13.49 ? 328 ASP B OD1 1 
ATOM   675 O OD2 A ASP B 2 66 ? 3.565   10.894  -11.202 0.50 13.60 ? 328 ASP B OD2 1 
ATOM   676 O OD2 B ASP B 2 66 ? 4.033   10.432  -14.001 0.50 13.62 ? 328 ASP B OD2 1 
ATOM   677 N N   . PHE B 2 67 ? 0.023   8.995   -10.294 1.00 10.09 ? 329 PHE B N   1 
ATOM   678 C CA  . PHE B 2 67 ? -0.662  7.962   -9.524  1.00 9.35  ? 329 PHE B CA  1 
ATOM   679 C C   . PHE B 2 67 ? -2.019  8.383   -8.977  1.00 8.32  ? 329 PHE B C   1 
ATOM   680 O O   . PHE B 2 67 ? -2.741  7.565   -8.414  1.00 7.75  ? 329 PHE B O   1 
ATOM   681 C CB  . PHE B 2 67 ? 0.236   7.534   -8.357  1.00 8.26  ? 329 PHE B CB  1 
ATOM   682 C CG  . PHE B 2 67 ? 1.491   6.886   -8.789  1.00 7.65  ? 329 PHE B CG  1 
ATOM   683 C CD1 . PHE B 2 67 ? 2.676   7.564   -8.765  1.00 8.05  ? 329 PHE B CD1 1 
ATOM   684 C CD2 . PHE B 2 67 ? 1.482   5.588   -9.251  1.00 8.98  ? 329 PHE B CD2 1 
ATOM   685 C CE1 . PHE B 2 67 ? 3.842   6.967   -9.161  1.00 8.69  ? 329 PHE B CE1 1 
ATOM   686 C CE2 . PHE B 2 67 ? 2.643   4.991   -9.635  1.00 8.87  ? 329 PHE B CE2 1 
ATOM   687 C CZ  . PHE B 2 67 ? 3.819   5.681   -9.601  1.00 8.78  ? 329 PHE B CZ  1 
ATOM   688 N N   . PHE B 2 68 ? -2.376  9.650   -9.153  1.00 8.97  ? 330 PHE B N   1 
ATOM   689 C CA  . PHE B 2 68 ? -3.579  10.173  -8.492  1.00 9.96  ? 330 PHE B CA  1 
ATOM   690 C C   . PHE B 2 68 ? -4.830  9.389   -8.889  1.00 10.53 ? 330 PHE B C   1 
ATOM   691 O O   . PHE B 2 68 ? -5.559  8.868   -8.040  1.00 10.16 ? 330 PHE B O   1 
ATOM   692 C CB  . PHE B 2 68 ? -3.785  11.671  -8.820  1.00 10.27 ? 330 PHE B CB  1 
ATOM   693 C CG  . PHE B 2 68 ? -2.777  12.611  -8.187  1.00 10.99 ? 330 PHE B CG  1 
ATOM   694 C CD1 . PHE B 2 68 ? -1.835  12.171  -7.253  1.00 11.13 ? 330 PHE B CD1 1 
ATOM   695 C CD2 . PHE B 2 68 ? -2.802  13.968  -8.509  1.00 11.23 ? 330 PHE B CD2 1 
ATOM   696 C CE1 . PHE B 2 68 ? -0.938  13.044  -6.682  1.00 10.68 ? 330 PHE B CE1 1 
ATOM   697 C CE2 . PHE B 2 68 ? -1.888  14.854  -7.923  1.00 12.43 ? 330 PHE B CE2 1 
ATOM   698 C CZ  . PHE B 2 68 ? -0.962  14.381  -7.002  1.00 11.14 ? 330 PHE B CZ  1 
ATOM   699 N N   . GLU B 2 69 ? -5.070  9.284   -10.191 1.00 11.24 ? 331 GLU B N   1 
ATOM   700 C CA  . GLU B 2 69 ? -6.274  8.607   -10.656 1.00 11.55 ? 331 GLU B CA  1 
ATOM   701 C C   . GLU B 2 69 ? -6.283  7.107   -10.343 1.00 11.69 ? 331 GLU B C   1 
ATOM   702 O O   . GLU B 2 69 ? -7.267  6.619   -9.789  1.00 12.10 ? 331 GLU B O   1 
ATOM   703 C CB  . GLU B 2 69 ? -6.520  8.842   -12.149 1.00 12.20 ? 331 GLU B CB  1 
ATOM   704 C CG  . GLU B 2 69 ? -7.943  8.497   -12.590 1.00 13.66 ? 331 GLU B CG  1 
ATOM   705 C CD  . GLU B 2 69 ? -9.001  9.436   -12.026 0.01 13.10 ? 331 GLU B CD  1 
ATOM   706 O OE1 . GLU B 2 69 ? -8.655  10.550  -11.580 0.01 13.15 ? 331 GLU B OE1 1 
ATOM   707 O OE2 . GLU B 2 69 ? -10.190 9.053   -12.035 0.01 12.88 ? 331 GLU B OE2 1 
ATOM   708 N N   . PRO B 2 70 ? -5.206  6.368   -10.691 1.00 11.13 ? 332 PRO B N   1 
ATOM   709 C CA  . PRO B 2 70 ? -5.232  4.936   -10.396 1.00 11.11 ? 332 PRO B CA  1 
ATOM   710 C C   . PRO B 2 70 ? -5.365  4.619   -8.907  1.00 10.14 ? 332 PRO B C   1 
ATOM   711 O O   . PRO B 2 70 ? -6.057  3.668   -8.522  1.00 10.00 ? 332 PRO B O   1 
ATOM   712 C CB  . PRO B 2 70 ? -3.903  4.405   -10.948 1.00 11.64 ? 332 PRO B CB  1 
ATOM   713 C CG  . PRO B 2 70 ? -3.231  5.532   -11.617 1.00 13.63 ? 332 PRO B CG  1 
ATOM   714 C CD  . PRO B 2 70 ? -3.981  6.786   -11.395 1.00 11.78 ? 332 PRO B CD  1 
ATOM   715 N N   . VAL B 2 71 ? -4.706  5.393   -8.044  1.00 9.12  ? 333 VAL B N   1 
ATOM   716 C CA  . VAL B 2 71 ? -4.832  5.142   -6.627  1.00 9.31  ? 333 VAL B CA  1 
ATOM   717 C C   . VAL B 2 71 ? -6.186  5.553   -6.048  1.00 9.28  ? 333 VAL B C   1 
ATOM   718 O O   . VAL B 2 71 ? -6.723  4.864   -5.179  1.00 9.47  ? 333 VAL B O   1 
ATOM   719 C CB  . VAL B 2 71 ? -3.696  5.806   -5.831  1.00 8.16  ? 333 VAL B CB  1 
ATOM   720 C CG1 . VAL B 2 71 ? -3.940  5.672   -4.329  1.00 9.49  ? 333 VAL B CG1 1 
ATOM   721 C CG2 . VAL B 2 71 ? -2.346  5.180   -6.215  1.00 9.29  ? 333 VAL B CG2 1 
ATOM   722 N N   . ALA B 2 72 ? -6.743  6.661   -6.531  1.00 9.88  ? 334 ALA B N   1 
ATOM   723 C CA  . ALA B 2 72 ? -8.122  7.035   -6.166  1.00 10.54 ? 334 ALA B CA  1 
ATOM   724 C C   . ALA B 2 72 ? -9.121  5.909   -6.467  1.00 10.98 ? 334 ALA B C   1 
ATOM   725 O O   . ALA B 2 72 ? -9.995  5.607   -5.638  1.00 11.32 ? 334 ALA B O   1 
ATOM   726 C CB  . ALA B 2 72 ? -8.532  8.332   -6.891  1.00 10.51 ? 334 ALA B CB  1 
ATOM   727 N N   . GLN B 2 73 ? -8.967  5.288   -7.638  1.00 11.30 ? 335 GLN B N   1 
ATOM   728 C CA  . GLN B 2 73 ? -9.799  4.156   -8.083  1.00 11.86 ? 335 GLN B CA  1 
ATOM   729 C C   . GLN B 2 73 ? -9.615  2.948   -7.179  1.00 12.44 ? 335 GLN B C   1 
ATOM   730 O O   . GLN B 2 73 ? -10.565 2.287   -6.778  1.00 12.83 ? 335 GLN B O   1 
ATOM   731 C CB  . GLN B 2 73 ? -9.422  3.771   -9.519  1.00 11.95 ? 335 GLN B CB  1 
ATOM   732 C CG  . GLN B 2 73 ? -10.244 2.639   -10.126 1.00 12.77 ? 335 GLN B CG  1 
ATOM   733 C CD  . GLN B 2 73 ? -11.706 3.001   -10.283 1.00 15.12 ? 335 GLN B CD  1 
ATOM   734 O OE1 . GLN B 2 73 ? -12.041 4.062   -10.814 1.00 17.06 ? 335 GLN B OE1 1 
ATOM   735 N NE2 . GLN B 2 73 ? -12.588 2.116   -9.827  1.00 17.11 ? 335 GLN B NE2 1 
ATOM   736 N N   . LEU B 2 74 ? -8.361  2.660   -6.865  1.00 13.09 ? 336 LEU B N   1 
ATOM   737 C CA  . LEU B 2 74 ? -8.009  1.578   -5.957  1.00 13.66 ? 336 LEU B CA  1 
ATOM   738 C C   . LEU B 2 74 ? -8.701  1.762   -4.604  1.00 13.69 ? 336 LEU B C   1 
ATOM   739 O O   . LEU B 2 74 ? -9.282  0.826   -4.049  1.00 15.28 ? 336 LEU B O   1 
ATOM   740 C CB  . LEU B 2 74 ? -6.495  1.593   -5.759  1.00 14.20 ? 336 LEU B CB  1 
ATOM   741 C CG  . LEU B 2 74 ? -5.827  0.495   -4.952  1.00 14.56 ? 336 LEU B CG  1 
ATOM   742 C CD1 . LEU B 2 74 ? -5.786  -0.739  -5.780  1.00 13.09 ? 336 LEU B CD1 1 
ATOM   743 C CD2 . LEU B 2 74 ? -4.391  0.902   -4.562  1.00 14.05 ? 336 LEU B CD2 1 
ATOM   744 N N   . ILE B 2 75 ? -8.610  2.974   -4.065  1.00 14.19 ? 337 ILE B N   1 
ATOM   745 C CA  . ILE B 2 75 ? -9.238  3.271   -2.788  1.00 13.81 ? 337 ILE B CA  1 
ATOM   746 C C   . ILE B 2 75 ? -10.757 3.101   -2.844  1.00 14.43 ? 337 ILE B C   1 
ATOM   747 O O   . ILE B 2 75 ? -11.355 2.555   -1.922  1.00 14.56 ? 337 ILE B O   1 
ATOM   748 C CB  . ILE B 2 75 ? -8.855  4.684   -2.272  1.00 13.80 ? 337 ILE B CB  1 
ATOM   749 C CG1 . ILE B 2 75 ? -7.366  4.699   -1.921  1.00 13.94 ? 337 ILE B CG1 1 
ATOM   750 C CG2 . ILE B 2 75 ? -9.643  5.045   -1.035  1.00 13.55 ? 337 ILE B CG2 1 
ATOM   751 C CD1 . ILE B 2 75 ? -6.821  6.074   -1.597  1.00 13.45 ? 337 ILE B CD1 1 
ATOM   752 N N   . ARG B 2 76 ? -11.385 3.550   -3.922  1.00 14.80 ? 338 ARG B N   1 
ATOM   753 C CA  . ARG B 2 76 ? -12.841 3.389   -3.993  1.00 15.67 ? 338 ARG B CA  1 
ATOM   754 C C   . ARG B 2 76 ? -13.266 1.925   -4.118  1.00 15.48 ? 338 ARG B C   1 
ATOM   755 O O   . ARG B 2 76 ? -14.258 1.529   -3.513  1.00 15.16 ? 338 ARG B O   1 
ATOM   756 C CB  . ARG B 2 76 ? -13.516 4.300   -5.026  1.00 16.12 ? 338 ARG B CB  1 
ATOM   757 C CG  . ARG B 2 76 ? -12.814 4.585   -6.337  1.00 17.40 ? 338 ARG B CG  1 
ATOM   758 C CD  . ARG B 2 76 ? -13.026 6.067   -6.695  1.00 17.84 ? 338 ARG B CD  1 
ATOM   759 N NE  . ARG B 2 76 ? -12.442 6.489   -7.972  1.00 18.57 ? 338 ARG B NE  1 
ATOM   760 C CZ  . ARG B 2 76 ? -12.180 7.756   -8.299  1.00 19.02 ? 338 ARG B CZ  1 
ATOM   761 N NH1 . ARG B 2 76 ? -12.450 8.754   -7.458  1.00 20.44 ? 338 ARG B NH1 1 
ATOM   762 N NH2 . ARG B 2 76 ? -11.650 8.040   -9.487  1.00 19.55 ? 338 ARG B NH2 1 
ATOM   763 N N   . ILE B 2 77 ? -12.509 1.117   -4.856  1.00 15.84 ? 339 ILE B N   1 
ATOM   764 C CA  . ILE B 2 77 ? -12.738 -0.338  -4.868  1.00 16.43 ? 339 ILE B CA  1 
ATOM   765 C C   . ILE B 2 77 ? -12.636 -0.911  -3.447  1.00 16.53 ? 339 ILE B C   1 
ATOM   766 O O   . ILE B 2 77 ? -13.491 -1.694  -3.022  1.00 16.65 ? 339 ILE B O   1 
ATOM   767 C CB  . ILE B 2 77 ? -11.720 -1.074  -5.770  1.00 16.33 ? 339 ILE B CB  1 
ATOM   768 C CG1 . ILE B 2 77 ? -11.987 -0.770  -7.246  1.00 16.85 ? 339 ILE B CG1 1 
ATOM   769 C CG2 . ILE B 2 77 ? -11.782 -2.589  -5.536  1.00 16.56 ? 339 ILE B CG2 1 
ATOM   770 C CD1 . ILE B 2 77 ? -10.863 -1.238  -8.169  1.00 17.04 ? 339 ILE B CD1 1 
ATOM   771 N N   . ALA B 2 78 ? -11.586 -0.514  -2.722  1.00 16.96 ? 340 ALA B N   1 
ATOM   772 C CA  . ALA B 2 78 ? -11.373 -0.990  -1.349  1.00 17.37 ? 340 ALA B CA  1 
ATOM   773 C C   . ALA B 2 78 ? -12.491 -0.514  -0.421  1.00 17.76 ? 340 ALA B C   1 
ATOM   774 O O   . ALA B 2 78 ? -13.024 -1.298  0.368   1.00 17.86 ? 340 ALA B O   1 
ATOM   775 C CB  . ALA B 2 78 ? -10.011 -0.537  -0.814  1.00 17.59 ? 340 ALA B CB  1 
ATOM   776 N N   . ILE B 2 79 ? -12.843 0.768   -0.526  1.00 17.95 ? 341 ILE B N   1 
ATOM   777 C CA  . ILE B 2 79 ? -13.871 1.377   0.330   1.00 18.26 ? 341 ILE B CA  1 
ATOM   778 C C   . ILE B 2 79 ? -15.289 0.918   -0.029  1.00 18.51 ? 341 ILE B C   1 
ATOM   779 O O   . ILE B 2 79 ? -16.180 0.929   0.828   1.00 18.51 ? 341 ILE B O   1 
ATOM   780 C CB  . ILE B 2 79 ? -13.788 2.928   0.299   1.00 18.24 ? 341 ILE B CB  1 
ATOM   781 C CG1 . ILE B 2 79 ? -12.507 3.407   0.997   1.00 18.29 ? 341 ILE B CG1 1 
ATOM   782 C CG2 . ILE B 2 79 ? -15.012 3.557   0.959   1.00 18.25 ? 341 ILE B CG2 1 
ATOM   783 C CD1 . ILE B 2 79 ? -12.493 3.174   2.508   1.00 17.90 ? 341 ILE B CD1 1 
ATOM   784 N N   . ASP B 2 80 ? -15.493 0.512   -1.283  1.00 18.92 ? 342 ASP B N   1 
ATOM   785 C CA  . ASP B 2 80 ? -16.775 -0.057  -1.717  1.00 19.16 ? 342 ASP B CA  1 
ATOM   786 C C   . ASP B 2 80 ? -17.065 -1.427  -1.091  1.00 19.12 ? 342 ASP B C   1 
ATOM   787 O O   . ASP B 2 80 ? -18.224 -1.845  -1.048  1.00 19.17 ? 342 ASP B O   1 
ATOM   788 C CB  . ASP B 2 80 ? -16.854 -0.169  -3.256  1.00 19.38 ? 342 ASP B CB  1 
ATOM   789 C CG  . ASP B 2 80 ? -17.312 1.136   -3.940  1.00 19.80 ? 342 ASP B CG  1 
ATOM   790 O OD1 . ASP B 2 80 ? -18.415 1.766   -3.300  1.00 21.30 ? 342 ASP B OD1 1 
ATOM   791 O OD2 . ASP B 2 80 ? -16.634 1.535   -5.075  1.00 20.14 ? 342 ASP B OD2 1 
ATOM   792 N N   . LEU B 2 81 ? -16.026 -2.122  -0.625  1.00 19.01 ? 343 LEU B N   1 
ATOM   793 C CA  . LEU B 2 81 ? -16.191 -3.427  0.030   1.00 18.96 ? 343 LEU B CA  1 
ATOM   794 C C   . LEU B 2 81 ? -16.861 -3.284  1.397   1.00 18.90 ? 343 LEU B C   1 
ATOM   795 O O   . LEU B 2 81 ? -17.709 -4.096  1.768   1.00 18.28 ? 343 LEU B O   1 
ATOM   796 C CB  . LEU B 2 81 ? -14.838 -4.133  0.195   1.00 19.07 ? 343 LEU B CB  1 
ATOM   797 C CG  . LEU B 2 81 ? -14.129 -4.560  -1.095  1.00 18.99 ? 343 LEU B CG  1 
ATOM   798 C CD1 . LEU B 2 81 ? -12.663 -4.887  -0.835  1.00 19.80 ? 343 LEU B CD1 1 
ATOM   799 C CD2 . LEU B 2 81 ? -14.840 -5.746  -1.727  1.00 19.27 ? 343 LEU B CD2 1 
HETATM 800 O O   . HOH C 3 .  ? -7.356  0.598   8.539   1.00 24.83 ? 3   HOH A O   1 
HETATM 801 O O   . HOH C 3 .  ? -7.518  4.004   6.699   1.00 24.97 ? 4   HOH A O   1 
HETATM 802 O O   . HOH C 3 .  ? -8.715  -0.790  6.077   1.00 34.40 ? 6   HOH A O   1 
HETATM 803 O O   . HOH C 3 .  ? -10.125 0.393   4.215   1.00 24.11 ? 7   HOH A O   1 
HETATM 804 O O   . HOH C 3 .  ? -3.710  -11.444 -0.776  1.00 27.47 ? 8   HOH A O   1 
HETATM 805 O O   . HOH C 3 .  ? 4.101   -10.524 -10.020 1.00 16.14 ? 14  HOH A O   1 
HETATM 806 O O   . HOH C 3 .  ? 3.135   5.216   9.693   1.00 27.43 ? 25  HOH A O   1 
HETATM 807 O O   . HOH C 3 .  ? -0.062  -11.920 -6.685  1.00 26.92 ? 32  HOH A O   1 
HETATM 808 O O   . HOH C 3 .  ? 3.205   -2.403  15.259  1.00 28.98 ? 54  HOH A O   1 
HETATM 809 O O   . HOH C 3 .  ? -0.304  5.099   13.658  1.00 51.47 ? 55  HOH A O   1 
HETATM 810 O O   . HOH C 3 .  ? 2.708   3.095   13.003  1.00 35.70 ? 56  HOH A O   1 
HETATM 811 O O   . HOH C 3 .  ? 4.412   -10.926 13.795  1.00 34.05 ? 57  HOH A O   1 
HETATM 812 O O   . HOH C 3 .  ? 5.201   -5.461  13.897  1.00 22.73 ? 58  HOH A O   1 
HETATM 813 O O   . HOH C 3 .  ? 9.487   -4.686  9.122   1.00 24.71 ? 59  HOH A O   1 
HETATM 814 O O   . HOH C 3 .  ? 6.451   3.675   10.559  1.00 29.06 ? 60  HOH A O   1 
HETATM 815 O O   . HOH C 3 .  ? -7.358  -1.867  11.690  1.00 26.13 ? 61  HOH A O   1 
HETATM 816 O O   . HOH C 3 .  ? -6.189  4.366   9.948   1.00 42.27 ? 62  HOH A O   1 
HETATM 817 O O   . HOH C 3 .  ? 1.010   6.836   9.455   1.00 36.22 ? 74  HOH A O   1 
HETATM 818 O O   . HOH C 3 .  ? -4.184  -12.660 -5.227  1.00 38.49 ? 85  HOH A O   1 
HETATM 819 O O   . HOH C 3 .  ? 11.988  -3.077  15.453  1.00 38.24 ? 89  HOH A O   1 
HETATM 820 O O   . HOH C 3 .  ? -1.598  -13.872 -1.320  1.00 32.73 ? 92  HOH A O   1 
HETATM 821 O O   . HOH C 3 .  ? 8.051   -1.465  9.407   1.00 35.30 ? 100 HOH A O   1 
HETATM 822 O O   . HOH D 3 .  ? -8.316  6.546   6.985   1.00 33.65 ? 5   HOH B O   1 
HETATM 823 O O   . HOH D 3 .  ? -3.777  -11.059 1.915   1.00 22.37 ? 9   HOH B O   1 
HETATM 824 O O   . HOH D 3 .  ? -6.207  -10.019 -2.294  1.00 30.42 ? 10  HOH B O   1 
HETATM 825 O O   . HOH D 3 .  ? -8.644  -8.195  0.881   1.00 23.91 ? 11  HOH B O   1 
HETATM 826 O O   . HOH D 3 .  ? -7.846  -8.705  3.466   1.00 23.57 ? 12  HOH B O   1 
HETATM 827 O O   . HOH D 3 .  ? -6.450  -10.602 2.051   1.00 25.29 ? 13  HOH B O   1 
HETATM 828 O O   . HOH D 3 .  ? 6.309   -12.025 -9.334  1.00 18.26 ? 15  HOH B O   1 
HETATM 829 O O   . HOH D 3 .  ? 6.378   -6.667  -10.184 1.00 16.48 ? 16  HOH B O   1 
HETATM 830 O O   . HOH D 3 .  ? 9.193   -6.376  -10.104 1.00 25.21 ? 17  HOH B O   1 
HETATM 831 O O   . HOH D 3 .  ? 11.814  -15.417 -7.874  1.00 27.55 ? 18  HOH B O   1 
HETATM 832 O O   . HOH D 3 .  ? -11.521 12.105  8.005   1.00 25.16 ? 20  HOH B O   1 
HETATM 833 O O   . HOH D 3 .  ? -9.424  15.354  9.153   1.00 31.37 ? 21  HOH B O   1 
HETATM 834 O O   . HOH D 3 .  ? -1.856  17.199  7.301   1.00 27.90 ? 22  HOH B O   1 
HETATM 835 O O   . HOH D 3 .  ? -0.700  13.333  6.348   1.00 20.18 ? 23  HOH B O   1 
HETATM 836 O O   . HOH D 3 .  ? 5.612   4.993   8.089   1.00 17.12 ? 24  HOH B O   1 
HETATM 837 O O   . HOH D 3 .  ? 12.437  -8.784  2.767   1.00 23.58 ? 26  HOH B O   1 
HETATM 838 O O   . HOH D 3 .  ? -3.100  -14.456 6.455   1.00 21.23 ? 27  HOH B O   1 
HETATM 839 O O   . HOH D 3 .  ? -1.459  -16.346 7.307   1.00 26.41 ? 28  HOH B O   1 
HETATM 840 O O   . HOH D 3 .  ? -2.689  -16.852 9.952   1.00 44.14 ? 29  HOH B O   1 
HETATM 841 O O   . HOH D 3 .  ? -5.086  -15.131 8.145   1.00 39.44 ? 30  HOH B O   1 
HETATM 842 O O   . HOH D 3 .  ? -7.283  -8.321  -6.040  1.00 19.79 ? 31  HOH B O   1 
HETATM 843 O O   . HOH D 3 .  ? -2.525  -14.342 -8.010  1.00 30.13 ? 33  HOH B O   1 
HETATM 844 O O   . HOH D 3 .  ? -5.688  -13.105 -9.867  1.00 16.54 ? 34  HOH B O   1 
HETATM 845 O O   . HOH D 3 .  ? -6.671  -5.115  -9.855  1.00 16.48 ? 35  HOH B O   1 
HETATM 846 O O   . HOH D 3 .  ? 4.443   -1.008  -13.728 1.00 27.99 ? 36  HOH B O   1 
HETATM 847 O O   . HOH D 3 .  ? -3.201  -1.976  -13.659 1.00 21.44 ? 37  HOH B O   1 
HETATM 848 O O   . HOH D 3 .  ? -4.336  0.674   -11.453 1.00 24.41 ? 38  HOH B O   1 
HETATM 849 O O   . HOH D 3 .  ? -6.579  -2.122  -9.344  1.00 26.54 ? 39  HOH B O   1 
HETATM 850 O O   . HOH D 3 .  ? 9.358   -2.167  -8.950  1.00 25.97 ? 40  HOH B O   1 
HETATM 851 O O   . HOH D 3 .  ? 8.796   2.083   -2.617  1.00 14.79 ? 41  HOH B O   1 
HETATM 852 O O   . HOH D 3 .  ? 12.401  1.139   -5.190  1.00 29.94 ? 42  HOH B O   1 
HETATM 853 O O   . HOH D 3 .  ? 11.006  3.133   0.880   1.00 24.71 ? 43  HOH B O   1 
HETATM 854 O O   . HOH D 3 .  ? 11.690  1.486   3.362   1.00 33.11 ? 44  HOH B O   1 
HETATM 855 O O   . HOH D 3 .  ? 10.260  -0.806  3.328   1.00 22.64 ? 45  HOH B O   1 
HETATM 856 O O   . HOH D 3 .  ? 11.361  1.189   7.125   1.00 36.30 ? 46  HOH B O   1 
HETATM 857 O O   . HOH D 3 .  ? 0.470   16.467  -0.131  1.00 28.37 ? 47  HOH B O   1 
HETATM 858 O O   . HOH D 3 .  ? 2.999   15.121  -8.237  1.00 23.77 ? 48  HOH B O   1 
HETATM 859 O O   . HOH D 3 .  ? 1.439   17.449  -8.855  1.00 75.22 ? 49  HOH B O   1 
HETATM 860 O O   . HOH D 3 .  ? 6.964   9.773   -8.938  1.00 32.46 ? 50  HOH B O   1 
HETATM 861 O O   . HOH D 3 .  ? -3.386  10.390  -12.213 1.00 28.81 ? 51  HOH B O   1 
HETATM 862 O O   . HOH D 3 .  ? -5.338  9.991   -5.458  1.00 26.21 ? 52  HOH B O   1 
HETATM 863 O O   . HOH D 3 .  ? -6.669  1.577   -10.144 1.00 24.95 ? 53  HOH B O   1 
HETATM 864 O O   . HOH D 3 .  ? -10.105 6.966   4.157   1.00 31.19 ? 63  HOH B O   1 
HETATM 865 O O   . HOH D 3 .  ? 11.873  -11.165 -9.896  1.00 29.03 ? 64  HOH B O   1 
HETATM 866 O O   . HOH D 3 .  ? 5.899   -8.782  -11.776 1.00 27.86 ? 65  HOH B O   1 
HETATM 867 O O   . HOH D 3 .  ? -2.551  9.508   11.531  1.00 37.65 ? 66  HOH B O   1 
HETATM 868 O O   . HOH D 3 .  ? -0.737  10.951  7.857   1.00 28.01 ? 67  HOH B O   1 
HETATM 869 O O   . HOH D 3 .  ? -7.207  16.391  10.273  1.00 34.92 ? 68  HOH B O   1 
HETATM 870 O O   . HOH D 3 .  ? 2.063   16.669  -1.838  1.00 32.93 ? 69  HOH B O   1 
HETATM 871 O O   . HOH D 3 .  ? 2.800   14.537  -4.810  1.00 27.35 ? 70  HOH B O   1 
HETATM 872 O O   . HOH D 3 .  ? 5.330   14.748  -4.115  1.00 23.87 ? 71  HOH B O   1 
HETATM 873 O O   . HOH D 3 .  ? 6.863   15.678  -6.281  1.00 35.49 ? 72  HOH B O   1 
HETATM 874 O O   . HOH D 3 .  ? 1.073   9.588   8.955   1.00 24.23 ? 73  HOH B O   1 
HETATM 875 O O   . HOH D 3 .  ? 10.132  1.076   -0.480  1.00 25.98 ? 75  HOH B O   1 
HETATM 876 O O   . HOH D 3 .  ? 11.490  -5.015  1.884   1.00 18.76 ? 76  HOH B O   1 
HETATM 877 O O   . HOH D 3 .  ? 14.445  -2.645  -3.540  1.00 29.67 ? 77  HOH B O   1 
HETATM 878 O O   . HOH D 3 .  ? 13.392  -11.668 1.131   1.00 31.23 ? 78  HOH B O   1 
HETATM 879 O O   . HOH D 3 .  ? -11.337 16.157  10.835  1.00 35.46 ? 79  HOH B O   1 
HETATM 880 O O   . HOH D 3 .  ? 1.707   -13.941 1.499   1.00 26.48 ? 80  HOH B O   1 
HETATM 881 O O   . HOH D 3 .  ? -3.031  -13.633 2.654   1.00 27.06 ? 81  HOH B O   1 
HETATM 882 O O   . HOH D 3 .  ? -9.520  -13.973 3.073   1.00 33.90 ? 82  HOH B O   1 
HETATM 883 O O   . HOH D 3 .  ? -6.255  -10.812 13.843  1.00 36.49 ? 83  HOH B O   1 
HETATM 884 O O   . HOH D 3 .  ? -9.173  -5.507  -8.454  1.00 33.07 ? 84  HOH B O   1 
HETATM 885 O O   . HOH D 3 .  ? -2.170  1.753   -12.863 1.00 41.86 ? 86  HOH B O   1 
HETATM 886 O O   . HOH D 3 .  ? 7.134   -0.084  -13.055 1.00 29.04 ? 87  HOH B O   1 
HETATM 887 O O   . HOH D 3 .  ? 1.909   17.258  -4.395  1.00 27.28 ? 88  HOH B O   1 
HETATM 888 O O   . HOH D 3 .  ? 7.980   2.044   10.111  1.00 41.09 ? 90  HOH B O   1 
HETATM 889 O O   . HOH D 3 .  ? -7.322  -4.503  12.145  1.00 34.54 ? 91  HOH B O   1 
HETATM 890 O O   . HOH D 3 .  ? 1.231   -13.786 -1.272  1.00 33.78 ? 93  HOH B O   1 
HETATM 891 O O   . HOH D 3 .  ? 12.990  -10.408 -6.085  1.00 32.27 ? 94  HOH B O   1 
HETATM 892 O O   . HOH D 3 .  ? 14.565  -8.675  -4.972  1.00 35.29 ? 95  HOH B O   1 
HETATM 893 O O   . HOH D 3 .  ? -12.688 18.260  11.321  1.00 38.42 ? 96  HOH B O   1 
HETATM 894 O O   . HOH D 3 .  ? -11.178 9.444   4.711   1.00 22.24 ? 97  HOH B O   1 
HETATM 895 O O   . HOH D 3 .  ? -5.550  18.329  9.996   1.00 35.73 ? 98  HOH B O   1 
HETATM 896 O O   . HOH D 3 .  ? 11.902  -2.602  6.681   1.00 37.28 ? 99  HOH B O   1 
HETATM 897 O O   . HOH D 3 .  ? -9.290  -11.191 6.294   1.00 36.05 ? 101 HOH B O   1 
HETATM 898 O O   . HOH D 3 .  ? -10.363 -11.609 10.190  1.00 51.86 ? 102 HOH B O   1 
HETATM 899 O O   . HOH D 3 .  ? -1.249  -9.761  15.430  1.00 39.40 ? 103 HOH B O   1 
HETATM 900 O O   . HOH D 3 .  ? -3.589  -11.430 15.483  1.00 32.77 ? 104 HOH B O   1 
HETATM 901 O O   . HOH D 3 .  ? 5.030   -3.863  -14.348 1.00 32.18 ? 105 HOH B O   1 
HETATM 902 O O   . HOH D 3 .  ? 13.573  1.202   -2.835  1.00 38.45 ? 106 HOH B O   1 
HETATM 903 O O   . HOH D 3 .  ? 14.796  -2.844  -6.071  1.00 40.89 ? 107 HOH B O   1 
HETATM 904 O O   . HOH D 3 .  ? 13.326  4.829   1.271   1.00 39.06 ? 108 HOH B O   1 
HETATM 905 O O   . HOH D 3 .  ? 5.547   15.399  -8.916  1.00 35.12 ? 109 HOH B O   1 
HETATM 906 O O   . HOH D 3 .  ? 0.372   5.511   -12.865 1.00 43.34 ? 110 HOH B O   1 
HETATM 907 O O   . HOH D 3 .  ? -10.448 7.924   -3.757  1.00 35.28 ? 111 HOH B O   1 
# 
